data_3BCY
# 
_entry.id   3BCY 
# 
_audit_conform.dict_name       mmcif_pdbx.dic 
_audit_conform.dict_version    5.399 
_audit_conform.dict_location   http://mmcif.pdb.org/dictionaries/ascii/mmcif_pdbx.dic 
# 
loop_
_database_2.database_id 
_database_2.database_code 
_database_2.pdbx_database_accession 
_database_2.pdbx_DOI 
PDB   3BCY         pdb_00003bcy 10.2210/pdb3bcy/pdb 
RCSB  RCSB045365   ?            ?                   
WWPDB D_1000045365 ?            ?                   
# 
loop_
_pdbx_audit_revision_history.ordinal 
_pdbx_audit_revision_history.data_content_type 
_pdbx_audit_revision_history.major_revision 
_pdbx_audit_revision_history.minor_revision 
_pdbx_audit_revision_history.revision_date 
1 'Structure model' 1 0 2008-11-18 
2 'Structure model' 1 1 2011-07-13 
3 'Structure model' 1 2 2024-11-20 
# 
_pdbx_audit_revision_details.ordinal             1 
_pdbx_audit_revision_details.revision_ordinal    1 
_pdbx_audit_revision_details.data_content_type   'Structure model' 
_pdbx_audit_revision_details.provider            repository 
_pdbx_audit_revision_details.type                'Initial release' 
_pdbx_audit_revision_details.description         ? 
_pdbx_audit_revision_details.details             ? 
# 
loop_
_pdbx_audit_revision_group.ordinal 
_pdbx_audit_revision_group.revision_ordinal 
_pdbx_audit_revision_group.data_content_type 
_pdbx_audit_revision_group.group 
1 2 'Structure model' Advisory                    
2 2 'Structure model' 'Version format compliance' 
3 3 'Structure model' 'Data collection'           
4 3 'Structure model' 'Database references'       
5 3 'Structure model' 'Derived calculations'      
6 3 'Structure model' 'Structure summary'         
# 
loop_
_pdbx_audit_revision_category.ordinal 
_pdbx_audit_revision_category.revision_ordinal 
_pdbx_audit_revision_category.data_content_type 
_pdbx_audit_revision_category.category 
1 3 'Structure model' chem_comp_atom            
2 3 'Structure model' chem_comp_bond            
3 3 'Structure model' database_2                
4 3 'Structure model' pdbx_entry_details        
5 3 'Structure model' pdbx_modification_feature 
6 3 'Structure model' struct_conn               
7 3 'Structure model' struct_ref_seq_dif        
# 
loop_
_pdbx_audit_revision_item.ordinal 
_pdbx_audit_revision_item.revision_ordinal 
_pdbx_audit_revision_item.data_content_type 
_pdbx_audit_revision_item.item 
1 3 'Structure model' '_database_2.pdbx_DOI'                
2 3 'Structure model' '_database_2.pdbx_database_accession' 
3 3 'Structure model' '_struct_conn.pdbx_leaving_atom_flag' 
4 3 'Structure model' '_struct_ref_seq_dif.details'         
# 
_pdbx_database_status.entry_id                        3BCY 
_pdbx_database_status.deposit_site                    RCSB 
_pdbx_database_status.process_site                    RCSB 
_pdbx_database_status.recvd_initial_deposition_date   2007-11-13 
_pdbx_database_status.status_code                     REL 
_pdbx_database_status.status_code_sf                  REL 
_pdbx_database_status.status_code_mr                  ? 
_pdbx_database_status.SG_entry                        ? 
_pdbx_database_status.pdb_format_compatible           Y 
_pdbx_database_status.status_code_cs                  ? 
_pdbx_database_status.status_code_nmr_data            ? 
_pdbx_database_status.methods_development_category    ? 
# 
loop_
_audit_author.name 
_audit_author.pdbx_ordinal 
'Kozlov, G.'  1 
'Gehring, K.' 2 
# 
_citation.id                        primary 
_citation.title                     
'Structural and functional study of YER067W, a new protein involved in yeast metabolism control and drug resistance.' 
_citation.journal_abbrev            'Plos One' 
_citation.journal_volume            5 
_citation.page_first                e11163 
_citation.page_last                 e11163 
_citation.year                      2010 
_citation.journal_id_ASTM           ? 
_citation.country                   US 
_citation.journal_id_ISSN           1932-6203 
_citation.journal_id_CSD            ? 
_citation.book_publisher            ? 
_citation.pdbx_database_id_PubMed   20567505 
_citation.pdbx_database_id_DOI      10.1371/journal.pone.0011163 
# 
loop_
_citation_author.citation_id 
_citation_author.name 
_citation_author.ordinal 
_citation_author.identifier_ORCID 
primary 'Domitrovic, T.'       1  ? 
primary 'Kozlov, G.'           2  ? 
primary 'Freire, J.C.'         3  ? 
primary 'Masuda, C.A.'         4  ? 
primary 'da Silva Almeida, M.' 5  ? 
primary 'Montero-Lomeli, M.'   6  ? 
primary 'Atella, G.C.'         7  ? 
primary 'Matta-Camacho, E.'    8  ? 
primary 'Gehring, K.'          9  ? 
primary 'Kurtenbach, E.'       10 ? 
# 
loop_
_entity.id 
_entity.type 
_entity.src_method 
_entity.pdbx_description 
_entity.formula_weight 
_entity.pdbx_number_of_molecules 
_entity.pdbx_ec 
_entity.pdbx_mutation 
_entity.pdbx_fragment 
_entity.details 
1 polymer man 'Protein YER067W' 18265.125 1   ? ? ? ? 
2 water   nat water             18.015    155 ? ? ? ? 
# 
_entity_poly.entity_id                      1 
_entity_poly.type                           'polypeptide(L)' 
_entity_poly.nstd_linkage                   no 
_entity_poly.nstd_monomer                   yes 
_entity_poly.pdbx_seq_one_letter_code       
;GSHMVQTVTTEDGETVKVFEDLQGFETFIANETEDDDFDHLHCKLNYYPPFVLHESHEDPEKISDAANSHSKKFVRHLHQ
HIEKHLLKDIKQAVRKPELKFHEKSKEETFDKITWHYGEETEYHGRPFKIDVQVVCTHEDA(MSE)VFVDYKTHPVGAN
;
_entity_poly.pdbx_seq_one_letter_code_can   
;GSHMVQTVTTEDGETVKVFEDLQGFETFIANETEDDDFDHLHCKLNYYPPFVLHESHEDPEKISDAANSHSKKFVRHLHQ
HIEKHLLKDIKQAVRKPELKFHEKSKEETFDKITWHYGEETEYHGRPFKIDVQVVCTHEDAMVFVDYKTHPVGAN
;
_entity_poly.pdbx_strand_id                 A 
_entity_poly.pdbx_target_identifier         ? 
# 
_pdbx_entity_nonpoly.entity_id   2 
_pdbx_entity_nonpoly.name        water 
_pdbx_entity_nonpoly.comp_id     HOH 
# 
loop_
_entity_poly_seq.entity_id 
_entity_poly_seq.num 
_entity_poly_seq.mon_id 
_entity_poly_seq.hetero 
1 1   GLY n 
1 2   SER n 
1 3   HIS n 
1 4   MET n 
1 5   VAL n 
1 6   GLN n 
1 7   THR n 
1 8   VAL n 
1 9   THR n 
1 10  THR n 
1 11  GLU n 
1 12  ASP n 
1 13  GLY n 
1 14  GLU n 
1 15  THR n 
1 16  VAL n 
1 17  LYS n 
1 18  VAL n 
1 19  PHE n 
1 20  GLU n 
1 21  ASP n 
1 22  LEU n 
1 23  GLN n 
1 24  GLY n 
1 25  PHE n 
1 26  GLU n 
1 27  THR n 
1 28  PHE n 
1 29  ILE n 
1 30  ALA n 
1 31  ASN n 
1 32  GLU n 
1 33  THR n 
1 34  GLU n 
1 35  ASP n 
1 36  ASP n 
1 37  ASP n 
1 38  PHE n 
1 39  ASP n 
1 40  HIS n 
1 41  LEU n 
1 42  HIS n 
1 43  CYS n 
1 44  LYS n 
1 45  LEU n 
1 46  ASN n 
1 47  TYR n 
1 48  TYR n 
1 49  PRO n 
1 50  PRO n 
1 51  PHE n 
1 52  VAL n 
1 53  LEU n 
1 54  HIS n 
1 55  GLU n 
1 56  SER n 
1 57  HIS n 
1 58  GLU n 
1 59  ASP n 
1 60  PRO n 
1 61  GLU n 
1 62  LYS n 
1 63  ILE n 
1 64  SER n 
1 65  ASP n 
1 66  ALA n 
1 67  ALA n 
1 68  ASN n 
1 69  SER n 
1 70  HIS n 
1 71  SER n 
1 72  LYS n 
1 73  LYS n 
1 74  PHE n 
1 75  VAL n 
1 76  ARG n 
1 77  HIS n 
1 78  LEU n 
1 79  HIS n 
1 80  GLN n 
1 81  HIS n 
1 82  ILE n 
1 83  GLU n 
1 84  LYS n 
1 85  HIS n 
1 86  LEU n 
1 87  LEU n 
1 88  LYS n 
1 89  ASP n 
1 90  ILE n 
1 91  LYS n 
1 92  GLN n 
1 93  ALA n 
1 94  VAL n 
1 95  ARG n 
1 96  LYS n 
1 97  PRO n 
1 98  GLU n 
1 99  LEU n 
1 100 LYS n 
1 101 PHE n 
1 102 HIS n 
1 103 GLU n 
1 104 LYS n 
1 105 SER n 
1 106 LYS n 
1 107 GLU n 
1 108 GLU n 
1 109 THR n 
1 110 PHE n 
1 111 ASP n 
1 112 LYS n 
1 113 ILE n 
1 114 THR n 
1 115 TRP n 
1 116 HIS n 
1 117 TYR n 
1 118 GLY n 
1 119 GLU n 
1 120 GLU n 
1 121 THR n 
1 122 GLU n 
1 123 TYR n 
1 124 HIS n 
1 125 GLY n 
1 126 ARG n 
1 127 PRO n 
1 128 PHE n 
1 129 LYS n 
1 130 ILE n 
1 131 ASP n 
1 132 VAL n 
1 133 GLN n 
1 134 VAL n 
1 135 VAL n 
1 136 CYS n 
1 137 THR n 
1 138 HIS n 
1 139 GLU n 
1 140 ASP n 
1 141 ALA n 
1 142 MSE n 
1 143 VAL n 
1 144 PHE n 
1 145 VAL n 
1 146 ASP n 
1 147 TYR n 
1 148 LYS n 
1 149 THR n 
1 150 HIS n 
1 151 PRO n 
1 152 VAL n 
1 153 GLY n 
1 154 ALA n 
1 155 ASN n 
# 
_entity_src_gen.entity_id                          1 
_entity_src_gen.pdbx_src_id                        1 
_entity_src_gen.pdbx_alt_source_flag               sample 
_entity_src_gen.pdbx_seq_type                      ? 
_entity_src_gen.pdbx_beg_seq_num                   ? 
_entity_src_gen.pdbx_end_seq_num                   ? 
_entity_src_gen.gene_src_common_name               
;Baker's yeast
;
_entity_src_gen.gene_src_genus                     ? 
_entity_src_gen.pdbx_gene_src_gene                 ? 
_entity_src_gen.gene_src_species                   ? 
_entity_src_gen.gene_src_strain                    ? 
_entity_src_gen.gene_src_tissue                    ? 
_entity_src_gen.gene_src_tissue_fraction           ? 
_entity_src_gen.gene_src_details                   ? 
_entity_src_gen.pdbx_gene_src_fragment             ? 
_entity_src_gen.pdbx_gene_src_scientific_name      'Saccharomyces cerevisiae' 
_entity_src_gen.pdbx_gene_src_ncbi_taxonomy_id     4932 
_entity_src_gen.pdbx_gene_src_variant              ? 
_entity_src_gen.pdbx_gene_src_cell_line            ? 
_entity_src_gen.pdbx_gene_src_atcc                 ? 
_entity_src_gen.pdbx_gene_src_organ                ? 
_entity_src_gen.pdbx_gene_src_organelle            ? 
_entity_src_gen.pdbx_gene_src_cell                 ? 
_entity_src_gen.pdbx_gene_src_cellular_location    ? 
_entity_src_gen.host_org_common_name               ? 
_entity_src_gen.pdbx_host_org_scientific_name      'Escherichia coli' 
_entity_src_gen.pdbx_host_org_ncbi_taxonomy_id     562 
_entity_src_gen.host_org_genus                     ? 
_entity_src_gen.pdbx_host_org_gene                 ? 
_entity_src_gen.pdbx_host_org_organ                ? 
_entity_src_gen.host_org_species                   ? 
_entity_src_gen.pdbx_host_org_tissue               ? 
_entity_src_gen.pdbx_host_org_tissue_fraction      ? 
_entity_src_gen.pdbx_host_org_strain               BL21 
_entity_src_gen.pdbx_host_org_variant              ? 
_entity_src_gen.pdbx_host_org_cell_line            ? 
_entity_src_gen.pdbx_host_org_atcc                 ? 
_entity_src_gen.pdbx_host_org_culture_collection   ? 
_entity_src_gen.pdbx_host_org_cell                 ? 
_entity_src_gen.pdbx_host_org_organelle            ? 
_entity_src_gen.pdbx_host_org_cellular_location    ? 
_entity_src_gen.pdbx_host_org_vector_type          plasmid 
_entity_src_gen.pdbx_host_org_vector               ? 
_entity_src_gen.host_org_details                   ? 
_entity_src_gen.expression_system_id               ? 
_entity_src_gen.plasmid_name                       pET15b 
_entity_src_gen.plasmid_details                    ? 
_entity_src_gen.pdbx_description                   ? 
# 
loop_
_chem_comp.id 
_chem_comp.type 
_chem_comp.mon_nstd_flag 
_chem_comp.name 
_chem_comp.pdbx_synonyms 
_chem_comp.formula 
_chem_comp.formula_weight 
ALA 'L-peptide linking' y ALANINE          ? 'C3 H7 N O2'     89.093  
ARG 'L-peptide linking' y ARGININE         ? 'C6 H15 N4 O2 1' 175.209 
ASN 'L-peptide linking' y ASPARAGINE       ? 'C4 H8 N2 O3'    132.118 
ASP 'L-peptide linking' y 'ASPARTIC ACID'  ? 'C4 H7 N O4'     133.103 
CYS 'L-peptide linking' y CYSTEINE         ? 'C3 H7 N O2 S'   121.158 
GLN 'L-peptide linking' y GLUTAMINE        ? 'C5 H10 N2 O3'   146.144 
GLU 'L-peptide linking' y 'GLUTAMIC ACID'  ? 'C5 H9 N O4'     147.129 
GLY 'peptide linking'   y GLYCINE          ? 'C2 H5 N O2'     75.067  
HIS 'L-peptide linking' y HISTIDINE        ? 'C6 H10 N3 O2 1' 156.162 
HOH non-polymer         . WATER            ? 'H2 O'           18.015  
ILE 'L-peptide linking' y ISOLEUCINE       ? 'C6 H13 N O2'    131.173 
LEU 'L-peptide linking' y LEUCINE          ? 'C6 H13 N O2'    131.173 
LYS 'L-peptide linking' y LYSINE           ? 'C6 H15 N2 O2 1' 147.195 
MET 'L-peptide linking' y METHIONINE       ? 'C5 H11 N O2 S'  149.211 
MSE 'L-peptide linking' n SELENOMETHIONINE ? 'C5 H11 N O2 Se' 196.106 
PHE 'L-peptide linking' y PHENYLALANINE    ? 'C9 H11 N O2'    165.189 
PRO 'L-peptide linking' y PROLINE          ? 'C5 H9 N O2'     115.130 
SER 'L-peptide linking' y SERINE           ? 'C3 H7 N O3'     105.093 
THR 'L-peptide linking' y THREONINE        ? 'C4 H9 N O3'     119.119 
TRP 'L-peptide linking' y TRYPTOPHAN       ? 'C11 H12 N2 O2'  204.225 
TYR 'L-peptide linking' y TYROSINE         ? 'C9 H11 N O3'    181.189 
VAL 'L-peptide linking' y VALINE           ? 'C5 H11 N O2'    117.146 
# 
loop_
_pdbx_poly_seq_scheme.asym_id 
_pdbx_poly_seq_scheme.entity_id 
_pdbx_poly_seq_scheme.seq_id 
_pdbx_poly_seq_scheme.mon_id 
_pdbx_poly_seq_scheme.ndb_seq_num 
_pdbx_poly_seq_scheme.pdb_seq_num 
_pdbx_poly_seq_scheme.auth_seq_num 
_pdbx_poly_seq_scheme.pdb_mon_id 
_pdbx_poly_seq_scheme.auth_mon_id 
_pdbx_poly_seq_scheme.pdb_strand_id 
_pdbx_poly_seq_scheme.pdb_ins_code 
_pdbx_poly_seq_scheme.hetero 
A 1 1   GLY 1   7   ?   ?   ?   A . n 
A 1 2   SER 2   8   ?   ?   ?   A . n 
A 1 3   HIS 3   9   ?   ?   ?   A . n 
A 1 4   MET 4   10  ?   ?   ?   A . n 
A 1 5   VAL 5   11  ?   ?   ?   A . n 
A 1 6   GLN 6   12  ?   ?   ?   A . n 
A 1 7   THR 7   13  ?   ?   ?   A . n 
A 1 8   VAL 8   14  ?   ?   ?   A . n 
A 1 9   THR 9   15  ?   ?   ?   A . n 
A 1 10  THR 10  16  16  THR THR A . n 
A 1 11  GLU 11  17  17  GLU GLU A . n 
A 1 12  ASP 12  18  18  ASP ASP A . n 
A 1 13  GLY 13  19  19  GLY GLY A . n 
A 1 14  GLU 14  20  20  GLU GLU A . n 
A 1 15  THR 15  21  21  THR THR A . n 
A 1 16  VAL 16  22  22  VAL VAL A . n 
A 1 17  LYS 17  23  23  LYS LYS A . n 
A 1 18  VAL 18  24  24  VAL VAL A . n 
A 1 19  PHE 19  25  25  PHE PHE A . n 
A 1 20  GLU 20  26  26  GLU GLU A . n 
A 1 21  ASP 21  27  27  ASP ASP A . n 
A 1 22  LEU 22  28  28  LEU LEU A . n 
A 1 23  GLN 23  29  29  GLN GLN A . n 
A 1 24  GLY 24  30  30  GLY GLY A . n 
A 1 25  PHE 25  31  31  PHE PHE A . n 
A 1 26  GLU 26  32  32  GLU GLU A . n 
A 1 27  THR 27  33  33  THR THR A . n 
A 1 28  PHE 28  34  34  PHE PHE A . n 
A 1 29  ILE 29  35  35  ILE ILE A . n 
A 1 30  ALA 30  36  36  ALA ALA A . n 
A 1 31  ASN 31  37  37  ASN ASN A . n 
A 1 32  GLU 32  38  38  GLU GLU A . n 
A 1 33  THR 33  39  39  THR THR A . n 
A 1 34  GLU 34  40  40  GLU GLU A . n 
A 1 35  ASP 35  41  41  ASP ASP A . n 
A 1 36  ASP 36  42  42  ASP ASP A . n 
A 1 37  ASP 37  43  43  ASP ASP A . n 
A 1 38  PHE 38  44  44  PHE PHE A . n 
A 1 39  ASP 39  45  45  ASP ASP A . n 
A 1 40  HIS 40  46  46  HIS HIS A . n 
A 1 41  LEU 41  47  47  LEU LEU A . n 
A 1 42  HIS 42  48  48  HIS HIS A . n 
A 1 43  CYS 43  49  49  CYS CYS A . n 
A 1 44  LYS 44  50  50  LYS LYS A . n 
A 1 45  LEU 45  51  51  LEU LEU A . n 
A 1 46  ASN 46  52  52  ASN ASN A . n 
A 1 47  TYR 47  53  53  TYR TYR A . n 
A 1 48  TYR 48  54  54  TYR TYR A . n 
A 1 49  PRO 49  55  55  PRO PRO A . n 
A 1 50  PRO 50  56  56  PRO PRO A . n 
A 1 51  PHE 51  57  57  PHE PHE A . n 
A 1 52  VAL 52  58  58  VAL VAL A . n 
A 1 53  LEU 53  59  59  LEU LEU A . n 
A 1 54  HIS 54  60  60  HIS HIS A . n 
A 1 55  GLU 55  61  61  GLU GLU A . n 
A 1 56  SER 56  62  62  SER SER A . n 
A 1 57  HIS 57  63  63  HIS HIS A . n 
A 1 58  GLU 58  64  64  GLU GLU A . n 
A 1 59  ASP 59  65  65  ASP ASP A . n 
A 1 60  PRO 60  66  66  PRO PRO A . n 
A 1 61  GLU 61  67  67  GLU GLU A . n 
A 1 62  LYS 62  68  68  LYS LYS A . n 
A 1 63  ILE 63  69  69  ILE ILE A . n 
A 1 64  SER 64  70  70  SER SER A . n 
A 1 65  ASP 65  71  71  ASP ASP A . n 
A 1 66  ALA 66  72  72  ALA ALA A . n 
A 1 67  ALA 67  73  73  ALA ALA A . n 
A 1 68  ASN 68  74  74  ASN ASN A . n 
A 1 69  SER 69  75  75  SER SER A . n 
A 1 70  HIS 70  76  76  HIS HIS A . n 
A 1 71  SER 71  77  77  SER SER A . n 
A 1 72  LYS 72  78  78  LYS LYS A . n 
A 1 73  LYS 73  79  79  LYS LYS A . n 
A 1 74  PHE 74  80  80  PHE PHE A . n 
A 1 75  VAL 75  81  81  VAL VAL A . n 
A 1 76  ARG 76  82  82  ARG ARG A . n 
A 1 77  HIS 77  83  83  HIS HIS A . n 
A 1 78  LEU 78  84  84  LEU LEU A . n 
A 1 79  HIS 79  85  85  HIS HIS A . n 
A 1 80  GLN 80  86  86  GLN GLN A . n 
A 1 81  HIS 81  87  87  HIS HIS A . n 
A 1 82  ILE 82  88  88  ILE ILE A . n 
A 1 83  GLU 83  89  89  GLU GLU A . n 
A 1 84  LYS 84  90  90  LYS LYS A . n 
A 1 85  HIS 85  91  91  HIS HIS A . n 
A 1 86  LEU 86  92  92  LEU LEU A . n 
A 1 87  LEU 87  93  93  LEU LEU A . n 
A 1 88  LYS 88  94  94  LYS LYS A . n 
A 1 89  ASP 89  95  95  ASP ASP A . n 
A 1 90  ILE 90  96  96  ILE ILE A . n 
A 1 91  LYS 91  97  97  LYS LYS A . n 
A 1 92  GLN 92  98  98  GLN GLN A . n 
A 1 93  ALA 93  99  99  ALA ALA A . n 
A 1 94  VAL 94  100 100 VAL VAL A . n 
A 1 95  ARG 95  101 101 ARG ARG A . n 
A 1 96  LYS 96  102 102 LYS LYS A . n 
A 1 97  PRO 97  103 103 PRO PRO A . n 
A 1 98  GLU 98  104 104 GLU GLU A . n 
A 1 99  LEU 99  105 105 LEU LEU A . n 
A 1 100 LYS 100 106 106 LYS LYS A . n 
A 1 101 PHE 101 107 107 PHE PHE A . n 
A 1 102 HIS 102 108 108 HIS HIS A . n 
A 1 103 GLU 103 109 109 GLU GLU A . n 
A 1 104 LYS 104 110 110 LYS LYS A . n 
A 1 105 SER 105 111 111 SER SER A . n 
A 1 106 LYS 106 112 112 LYS LYS A . n 
A 1 107 GLU 107 113 113 GLU GLU A . n 
A 1 108 GLU 108 114 114 GLU GLU A . n 
A 1 109 THR 109 115 115 THR THR A . n 
A 1 110 PHE 110 116 116 PHE PHE A . n 
A 1 111 ASP 111 117 117 ASP ASP A . n 
A 1 112 LYS 112 118 118 LYS LYS A . n 
A 1 113 ILE 113 119 119 ILE ILE A . n 
A 1 114 THR 114 120 120 THR THR A . n 
A 1 115 TRP 115 121 121 TRP TRP A . n 
A 1 116 HIS 116 122 122 HIS HIS A . n 
A 1 117 TYR 117 123 123 TYR TYR A . n 
A 1 118 GLY 118 124 124 GLY GLY A . n 
A 1 119 GLU 119 125 125 GLU GLU A . n 
A 1 120 GLU 120 126 126 GLU GLU A . n 
A 1 121 THR 121 127 127 THR THR A . n 
A 1 122 GLU 122 128 128 GLU GLU A . n 
A 1 123 TYR 123 129 129 TYR TYR A . n 
A 1 124 HIS 124 130 130 HIS HIS A . n 
A 1 125 GLY 125 131 131 GLY GLY A . n 
A 1 126 ARG 126 132 132 ARG ARG A . n 
A 1 127 PRO 127 133 133 PRO PRO A . n 
A 1 128 PHE 128 134 134 PHE PHE A . n 
A 1 129 LYS 129 135 135 LYS LYS A . n 
A 1 130 ILE 130 136 136 ILE ILE A . n 
A 1 131 ASP 131 137 137 ASP ASP A . n 
A 1 132 VAL 132 138 138 VAL VAL A . n 
A 1 133 GLN 133 139 139 GLN GLN A . n 
A 1 134 VAL 134 140 140 VAL VAL A . n 
A 1 135 VAL 135 141 141 VAL VAL A . n 
A 1 136 CYS 136 142 142 CYS CYS A . n 
A 1 137 THR 137 143 143 THR THR A . n 
A 1 138 HIS 138 144 144 HIS HIS A . n 
A 1 139 GLU 139 145 145 GLU GLU A . n 
A 1 140 ASP 140 146 146 ASP ASP A . n 
A 1 141 ALA 141 147 147 ALA ALA A . n 
A 1 142 MSE 142 148 148 MSE MSE A . n 
A 1 143 VAL 143 149 149 VAL VAL A . n 
A 1 144 PHE 144 150 150 PHE PHE A . n 
A 1 145 VAL 145 151 151 VAL VAL A . n 
A 1 146 ASP 146 152 152 ASP ASP A . n 
A 1 147 TYR 147 153 153 TYR TYR A . n 
A 1 148 LYS 148 154 154 LYS LYS A . n 
A 1 149 THR 149 155 155 THR THR A . n 
A 1 150 HIS 150 156 156 HIS HIS A . n 
A 1 151 PRO 151 157 157 PRO PRO A . n 
A 1 152 VAL 152 158 158 VAL VAL A . n 
A 1 153 GLY 153 159 159 GLY GLY A . n 
A 1 154 ALA 154 160 160 ALA ALA A . n 
A 1 155 ASN 155 161 161 ASN ASN A . n 
# 
loop_
_pdbx_nonpoly_scheme.asym_id 
_pdbx_nonpoly_scheme.entity_id 
_pdbx_nonpoly_scheme.mon_id 
_pdbx_nonpoly_scheme.ndb_seq_num 
_pdbx_nonpoly_scheme.pdb_seq_num 
_pdbx_nonpoly_scheme.auth_seq_num 
_pdbx_nonpoly_scheme.pdb_mon_id 
_pdbx_nonpoly_scheme.auth_mon_id 
_pdbx_nonpoly_scheme.pdb_strand_id 
_pdbx_nonpoly_scheme.pdb_ins_code 
B 2 HOH 1   162 1   HOH HOH A . 
B 2 HOH 2   163 2   HOH HOH A . 
B 2 HOH 3   164 3   HOH HOH A . 
B 2 HOH 4   165 4   HOH HOH A . 
B 2 HOH 5   166 5   HOH HOH A . 
B 2 HOH 6   167 6   HOH HOH A . 
B 2 HOH 7   168 7   HOH HOH A . 
B 2 HOH 8   169 8   HOH HOH A . 
B 2 HOH 9   170 9   HOH HOH A . 
B 2 HOH 10  171 10  HOH HOH A . 
B 2 HOH 11  172 11  HOH HOH A . 
B 2 HOH 12  173 12  HOH HOH A . 
B 2 HOH 13  174 13  HOH HOH A . 
B 2 HOH 14  175 14  HOH HOH A . 
B 2 HOH 15  176 15  HOH HOH A . 
B 2 HOH 16  177 16  HOH HOH A . 
B 2 HOH 17  178 17  HOH HOH A . 
B 2 HOH 18  179 18  HOH HOH A . 
B 2 HOH 19  180 20  HOH HOH A . 
B 2 HOH 20  181 22  HOH HOH A . 
B 2 HOH 21  182 23  HOH HOH A . 
B 2 HOH 22  183 24  HOH HOH A . 
B 2 HOH 23  184 25  HOH HOH A . 
B 2 HOH 24  185 26  HOH HOH A . 
B 2 HOH 25  186 27  HOH HOH A . 
B 2 HOH 26  187 28  HOH HOH A . 
B 2 HOH 27  188 29  HOH HOH A . 
B 2 HOH 28  189 30  HOH HOH A . 
B 2 HOH 29  190 31  HOH HOH A . 
B 2 HOH 30  191 32  HOH HOH A . 
B 2 HOH 31  192 33  HOH HOH A . 
B 2 HOH 32  193 35  HOH HOH A . 
B 2 HOH 33  194 36  HOH HOH A . 
B 2 HOH 34  195 37  HOH HOH A . 
B 2 HOH 35  196 38  HOH HOH A . 
B 2 HOH 36  197 40  HOH HOH A . 
B 2 HOH 37  198 41  HOH HOH A . 
B 2 HOH 38  199 43  HOH HOH A . 
B 2 HOH 39  200 44  HOH HOH A . 
B 2 HOH 40  201 45  HOH HOH A . 
B 2 HOH 41  202 46  HOH HOH A . 
B 2 HOH 42  203 47  HOH HOH A . 
B 2 HOH 43  204 48  HOH HOH A . 
B 2 HOH 44  205 49  HOH HOH A . 
B 2 HOH 45  206 50  HOH HOH A . 
B 2 HOH 46  207 51  HOH HOH A . 
B 2 HOH 47  208 52  HOH HOH A . 
B 2 HOH 48  209 53  HOH HOH A . 
B 2 HOH 49  210 54  HOH HOH A . 
B 2 HOH 50  211 55  HOH HOH A . 
B 2 HOH 51  212 56  HOH HOH A . 
B 2 HOH 52  213 57  HOH HOH A . 
B 2 HOH 53  214 58  HOH HOH A . 
B 2 HOH 54  215 59  HOH HOH A . 
B 2 HOH 55  216 60  HOH HOH A . 
B 2 HOH 56  217 61  HOH HOH A . 
B 2 HOH 57  218 62  HOH HOH A . 
B 2 HOH 58  219 63  HOH HOH A . 
B 2 HOH 59  220 64  HOH HOH A . 
B 2 HOH 60  221 65  HOH HOH A . 
B 2 HOH 61  222 66  HOH HOH A . 
B 2 HOH 62  223 67  HOH HOH A . 
B 2 HOH 63  224 68  HOH HOH A . 
B 2 HOH 64  225 69  HOH HOH A . 
B 2 HOH 65  226 72  HOH HOH A . 
B 2 HOH 66  227 77  HOH HOH A . 
B 2 HOH 67  228 78  HOH HOH A . 
B 2 HOH 68  229 79  HOH HOH A . 
B 2 HOH 69  230 82  HOH HOH A . 
B 2 HOH 70  231 83  HOH HOH A . 
B 2 HOH 71  232 84  HOH HOH A . 
B 2 HOH 72  233 85  HOH HOH A . 
B 2 HOH 73  234 86  HOH HOH A . 
B 2 HOH 74  235 87  HOH HOH A . 
B 2 HOH 75  236 88  HOH HOH A . 
B 2 HOH 76  237 89  HOH HOH A . 
B 2 HOH 77  238 90  HOH HOH A . 
B 2 HOH 78  239 92  HOH HOH A . 
B 2 HOH 79  240 93  HOH HOH A . 
B 2 HOH 80  241 94  HOH HOH A . 
B 2 HOH 81  242 95  HOH HOH A . 
B 2 HOH 82  243 97  HOH HOH A . 
B 2 HOH 83  244 98  HOH HOH A . 
B 2 HOH 84  245 99  HOH HOH A . 
B 2 HOH 85  246 101 HOH HOH A . 
B 2 HOH 86  247 102 HOH HOH A . 
B 2 HOH 87  248 103 HOH HOH A . 
B 2 HOH 88  249 104 HOH HOH A . 
B 2 HOH 89  250 105 HOH HOH A . 
B 2 HOH 90  251 107 HOH HOH A . 
B 2 HOH 91  252 108 HOH HOH A . 
B 2 HOH 92  253 109 HOH HOH A . 
B 2 HOH 93  254 110 HOH HOH A . 
B 2 HOH 94  255 111 HOH HOH A . 
B 2 HOH 95  256 112 HOH HOH A . 
B 2 HOH 96  257 113 HOH HOH A . 
B 2 HOH 97  258 114 HOH HOH A . 
B 2 HOH 98  259 115 HOH HOH A . 
B 2 HOH 99  260 116 HOH HOH A . 
B 2 HOH 100 261 118 HOH HOH A . 
B 2 HOH 101 262 119 HOH HOH A . 
B 2 HOH 102 263 121 HOH HOH A . 
B 2 HOH 103 264 123 HOH HOH A . 
B 2 HOH 104 265 124 HOH HOH A . 
B 2 HOH 105 266 126 HOH HOH A . 
B 2 HOH 106 267 127 HOH HOH A . 
B 2 HOH 107 268 128 HOH HOH A . 
B 2 HOH 108 269 129 HOH HOH A . 
B 2 HOH 109 270 130 HOH HOH A . 
B 2 HOH 110 271 132 HOH HOH A . 
B 2 HOH 111 272 133 HOH HOH A . 
B 2 HOH 112 273 135 HOH HOH A . 
B 2 HOH 113 274 138 HOH HOH A . 
B 2 HOH 114 275 139 HOH HOH A . 
B 2 HOH 115 276 140 HOH HOH A . 
B 2 HOH 116 277 141 HOH HOH A . 
B 2 HOH 117 278 142 HOH HOH A . 
B 2 HOH 118 279 143 HOH HOH A . 
B 2 HOH 119 280 144 HOH HOH A . 
B 2 HOH 120 281 145 HOH HOH A . 
B 2 HOH 121 282 146 HOH HOH A . 
B 2 HOH 122 283 147 HOH HOH A . 
B 2 HOH 123 284 148 HOH HOH A . 
B 2 HOH 124 285 149 HOH HOH A . 
B 2 HOH 125 286 150 HOH HOH A . 
B 2 HOH 126 287 151 HOH HOH A . 
B 2 HOH 127 288 152 HOH HOH A . 
B 2 HOH 128 289 153 HOH HOH A . 
B 2 HOH 129 290 154 HOH HOH A . 
B 2 HOH 130 291 155 HOH HOH A . 
B 2 HOH 131 292 156 HOH HOH A . 
B 2 HOH 132 293 157 HOH HOH A . 
B 2 HOH 133 294 159 HOH HOH A . 
B 2 HOH 134 295 160 HOH HOH A . 
B 2 HOH 135 296 161 HOH HOH A . 
B 2 HOH 136 297 162 HOH HOH A . 
B 2 HOH 137 298 163 HOH HOH A . 
B 2 HOH 138 299 164 HOH HOH A . 
B 2 HOH 139 300 166 HOH HOH A . 
B 2 HOH 140 301 167 HOH HOH A . 
B 2 HOH 141 302 168 HOH HOH A . 
B 2 HOH 142 303 169 HOH HOH A . 
B 2 HOH 143 304 171 HOH HOH A . 
B 2 HOH 144 305 172 HOH HOH A . 
B 2 HOH 145 306 174 HOH HOH A . 
B 2 HOH 146 307 175 HOH HOH A . 
B 2 HOH 147 308 176 HOH HOH A . 
B 2 HOH 148 309 177 HOH HOH A . 
B 2 HOH 149 310 180 HOH HOH A . 
B 2 HOH 150 311 181 HOH HOH A . 
B 2 HOH 151 312 184 HOH HOH A . 
B 2 HOH 152 313 185 HOH HOH A . 
B 2 HOH 153 314 186 HOH HOH A . 
B 2 HOH 154 315 187 HOH HOH A . 
B 2 HOH 155 316 188 HOH HOH A . 
# 
loop_
_software.name 
_software.version 
_software.date 
_software.type 
_software.contact_author 
_software.contact_author_email 
_software.classification 
_software.location 
_software.language 
_software.citation_id 
_software.pdbx_ordinal 
REFMAC      5.2.0005 ?                    program 'Murshudov, G.N.' ccp4@dl.ac.uk            refinement        
http://www.ccp4.ac.uk/main.html  Fortran_77 ? 1 
PDB_EXTRACT 3.004    'September 10, 2007' package PDB               sw-help@rcsb.rutgers.edu 'data extraction' 
http://pdb.rutgers.edu/software/ C++        ? 2 
ADSC        Quantum  ?                    ?       ?                 ?                        'data collection' ? ?          ? 3 
HKL-2000    .        ?                    ?       ?                 ?                        'data reduction'  ? ?          ? 4 
HKL-2000    .        ?                    ?       ?                 ?                        'data scaling'    ? ?          ? 5 
SHELXS      .        ?                    ?       ?                 ?                        phasing           ? ?          ? 6 
# 
_cell.length_a           41.194 
_cell.length_b           41.194 
_cell.length_c           184.403 
_cell.angle_alpha        90.000 
_cell.angle_beta         90.000 
_cell.angle_gamma        90.000 
_cell.entry_id           3BCY 
_cell.pdbx_unique_axis   ? 
_cell.Z_PDB              8 
_cell.length_a_esd       ? 
_cell.length_b_esd       ? 
_cell.length_c_esd       ? 
_cell.angle_alpha_esd    ? 
_cell.angle_beta_esd     ? 
_cell.angle_gamma_esd    ? 
# 
_symmetry.space_group_name_H-M             'P 43 21 2' 
_symmetry.entry_id                         3BCY 
_symmetry.pdbx_full_space_group_name_H-M   ? 
_symmetry.Int_Tables_number                96 
_symmetry.cell_setting                     ? 
_symmetry.space_group_name_Hall            ? 
# 
_exptl.crystals_number   1 
_exptl.entry_id          3BCY 
_exptl.method            'X-RAY DIFFRACTION' 
# 
_exptl_crystal.id                    1 
_exptl_crystal.density_Matthews      2.14 
_exptl_crystal.density_meas          ? 
_exptl_crystal.density_percent_sol   42.56 
_exptl_crystal.description           ? 
_exptl_crystal.F_000                 ? 
_exptl_crystal.preparation           ? 
# 
_exptl_crystal_grow.crystal_id      1 
_exptl_crystal_grow.method          'VAPOR DIFFUSION, HANGING DROP' 
_exptl_crystal_grow.pH              5.0 
_exptl_crystal_grow.temp            293 
_exptl_crystal_grow.temp_details    ? 
_exptl_crystal_grow.pdbx_details    
'13% PEG6000, 0.2M ammonium chloride, 0.1M sodium acetate, 20% glycerol, pH 5.0, VAPOR DIFFUSION, HANGING DROP, temperature 293K' 
_exptl_crystal_grow.pdbx_pH_range   . 
# 
_diffrn.id                     1 
_diffrn.ambient_temp           100 
_diffrn.ambient_temp_details   ? 
_diffrn.crystal_id             1 
# 
_diffrn_detector.diffrn_id              1 
_diffrn_detector.detector               CCD 
_diffrn_detector.type                   'ADSC QUANTUM 210' 
_diffrn_detector.pdbx_collection_date   2007-11-03 
_diffrn_detector.details                ? 
# 
_diffrn_radiation.diffrn_id                        1 
_diffrn_radiation.wavelength_id                    1 
_diffrn_radiation.pdbx_diffrn_protocol             MAD 
_diffrn_radiation.monochromator                    'Si(111)' 
_diffrn_radiation.pdbx_monochromatic_or_laue_m_l   M 
_diffrn_radiation.pdbx_scattering_type             x-ray 
# 
loop_
_diffrn_radiation_wavelength.id 
_diffrn_radiation_wavelength.wavelength 
_diffrn_radiation_wavelength.wt 
1 0.9642 1.0 
2 0.9790 1.0 
3 0.9794 1.0 
# 
_diffrn_source.diffrn_id                   1 
_diffrn_source.source                      SYNCHROTRON 
_diffrn_source.type                        'CHESS BEAMLINE F2' 
_diffrn_source.pdbx_wavelength             ? 
_diffrn_source.pdbx_wavelength_list        '0.9642, 0.9790, 0.9794' 
_diffrn_source.pdbx_synchrotron_site       CHESS 
_diffrn_source.pdbx_synchrotron_beamline   F2 
# 
_reflns.entry_id                     3BCY 
_reflns.observed_criterion_sigma_F   0.0 
_reflns.observed_criterion_sigma_I   0 
_reflns.d_resolution_high            1.61 
_reflns.d_resolution_low             50.0 
_reflns.number_all                   21987 
_reflns.number_obs                   20312 
_reflns.percent_possible_obs         92.38 
_reflns.pdbx_Rmerge_I_obs            0.040 
_reflns.pdbx_Rsym_value              ? 
_reflns.pdbx_netI_over_sigmaI        73.4 
_reflns.B_iso_Wilson_estimate        ? 
_reflns.pdbx_redundancy              12.0 
_reflns.R_free_details               ? 
_reflns.limit_h_max                  ? 
_reflns.limit_h_min                  ? 
_reflns.limit_k_max                  ? 
_reflns.limit_k_min                  ? 
_reflns.limit_l_max                  ? 
_reflns.limit_l_min                  ? 
_reflns.observed_criterion_F_max     ? 
_reflns.observed_criterion_F_min     ? 
_reflns.pdbx_chi_squared             ? 
_reflns.pdbx_scaling_rejects         ? 
_reflns.pdbx_ordinal                 1 
_reflns.pdbx_diffrn_id               1 
# 
_reflns_shell.d_res_high             1.61 
_reflns_shell.d_res_low              1.68 
_reflns_shell.percent_possible_obs   ? 
_reflns_shell.percent_possible_all   58.6 
_reflns_shell.Rmerge_I_obs           0.109 
_reflns_shell.meanI_over_sigI_obs    11.5 
_reflns_shell.pdbx_Rsym_value        ? 
_reflns_shell.pdbx_redundancy        3.0 
_reflns_shell.number_unique_all      1560 
_reflns_shell.number_measured_all    ? 
_reflns_shell.number_measured_obs    ? 
_reflns_shell.number_unique_obs      ? 
_reflns_shell.pdbx_chi_squared       ? 
_reflns_shell.pdbx_ordinal           1 
_reflns_shell.pdbx_diffrn_id         1 
# 
_refine.entry_id                                 3BCY 
_refine.ls_d_res_high                            1.700 
_refine.ls_d_res_low                             19.540 
_refine.pdbx_ls_sigma_F                          0.00 
_refine.ls_percent_reflns_obs                    99.500 
_refine.ls_number_reflns_obs                     18410 
_refine.pdbx_ls_cross_valid_method               THROUGHOUT 
_refine.pdbx_R_Free_selection_details            RANDOM 
_refine.ls_R_factor_obs                          0.198 
_refine.ls_R_factor_R_work                       0.196 
_refine.ls_R_factor_R_free                       0.238 
_refine.ls_percent_reflns_R_free                 5.000 
_refine.ls_number_reflns_R_free                  920 
_refine.B_iso_mean                               8.924 
_refine.aniso_B[1][1]                            0.010 
_refine.aniso_B[2][2]                            0.010 
_refine.aniso_B[3][3]                            -0.020 
_refine.aniso_B[1][2]                            0.000 
_refine.aniso_B[1][3]                            0.000 
_refine.aniso_B[2][3]                            0.000 
_refine.correlation_coeff_Fo_to_Fc               0.936 
_refine.correlation_coeff_Fo_to_Fc_free          0.914 
_refine.pdbx_overall_ESU_R                       0.115 
_refine.pdbx_overall_ESU_R_Free                  0.116 
_refine.overall_SU_ML                            0.069 
_refine.overall_SU_B                             3.979 
_refine.solvent_model_details                    MASK 
_refine.pdbx_solvent_vdw_probe_radii             1.200 
_refine.pdbx_solvent_ion_probe_radii             0.800 
_refine.pdbx_solvent_shrinkage_radii             0.800 
_refine.pdbx_method_to_determine_struct          ? 
_refine.pdbx_stereochemistry_target_values       'MAXIMUM LIKELIHOOD' 
_refine.pdbx_ls_sigma_I                          0 
_refine.ls_number_reflns_all                     18500 
_refine.ls_R_factor_all                          0.198 
_refine.ls_redundancy_reflns_obs                 ? 
_refine.pdbx_data_cutoff_high_absF               ? 
_refine.pdbx_data_cutoff_low_absF                ? 
_refine.ls_number_parameters                     ? 
_refine.ls_number_restraints                     ? 
_refine.ls_R_factor_R_free_error                 ? 
_refine.ls_R_factor_R_free_error_details         ? 
_refine.pdbx_starting_model                      ? 
_refine.pdbx_stereochem_target_val_spec_case     ? 
_refine.solvent_model_param_bsol                 ? 
_refine.solvent_model_param_ksol                 ? 
_refine.occupancy_max                            ? 
_refine.occupancy_min                            ? 
_refine.pdbx_isotropic_thermal_model             ? 
_refine.details                                  ? 
_refine.B_iso_min                                ? 
_refine.B_iso_max                                ? 
_refine.overall_SU_R_Cruickshank_DPI             ? 
_refine.overall_SU_R_free                        ? 
_refine.pdbx_data_cutoff_high_rms_absF           ? 
_refine.ls_wR_factor_R_free                      ? 
_refine.ls_wR_factor_R_work                      ? 
_refine.overall_FOM_free_R_set                   ? 
_refine.overall_FOM_work_R_set                   ? 
_refine.pdbx_refine_id                           'X-RAY DIFFRACTION' 
_refine.pdbx_TLS_residual_ADP_flag               'LIKELY RESIDUAL' 
_refine.pdbx_diffrn_id                           1 
_refine.pdbx_overall_phase_error                 ? 
_refine.pdbx_overall_SU_R_free_Cruickshank_DPI   ? 
_refine.pdbx_overall_SU_R_Blow_DPI               ? 
_refine.pdbx_overall_SU_R_free_Blow_DPI          ? 
# 
_refine_hist.pdbx_refine_id                   'X-RAY DIFFRACTION' 
_refine_hist.cycle_id                         LAST 
_refine_hist.pdbx_number_atoms_protein        1221 
_refine_hist.pdbx_number_atoms_nucleic_acid   0 
_refine_hist.pdbx_number_atoms_ligand         0 
_refine_hist.number_atoms_solvent             155 
_refine_hist.number_atoms_total               1376 
_refine_hist.d_res_high                       1.700 
_refine_hist.d_res_low                        19.540 
# 
loop_
_refine_ls_restr.type 
_refine_ls_restr.number 
_refine_ls_restr.dev_ideal 
_refine_ls_restr.dev_ideal_target 
_refine_ls_restr.weight 
_refine_ls_restr.pdbx_refine_id 
_refine_ls_restr.pdbx_restraint_function 
r_bond_refined_d         1257 0.013  0.021  ? 'X-RAY DIFFRACTION' ? 
r_angle_refined_deg      1699 1.368  1.921  ? 'X-RAY DIFFRACTION' ? 
r_dihedral_angle_1_deg   145  5.345  5.000  ? 'X-RAY DIFFRACTION' ? 
r_dihedral_angle_2_deg   72   38.740 25.000 ? 'X-RAY DIFFRACTION' ? 
r_dihedral_angle_3_deg   218  12.154 15.000 ? 'X-RAY DIFFRACTION' ? 
r_dihedral_angle_4_deg   3    7.249  15.000 ? 'X-RAY DIFFRACTION' ? 
r_chiral_restr           175  0.095  0.200  ? 'X-RAY DIFFRACTION' ? 
r_gen_planes_refined     983  0.006  0.020  ? 'X-RAY DIFFRACTION' ? 
r_nbd_refined            547  0.201  0.200  ? 'X-RAY DIFFRACTION' ? 
r_nbtor_refined          845  0.308  0.200  ? 'X-RAY DIFFRACTION' ? 
r_xyhbond_nbd_refined    112  0.109  0.200  ? 'X-RAY DIFFRACTION' ? 
r_symmetry_vdw_refined   54   0.243  0.200  ? 'X-RAY DIFFRACTION' ? 
r_symmetry_hbond_refined 21   0.120  0.200  ? 'X-RAY DIFFRACTION' ? 
r_mcbond_it              752  0.971  1.500  ? 'X-RAY DIFFRACTION' ? 
r_mcangle_it             1190 1.333  2.000  ? 'X-RAY DIFFRACTION' ? 
r_scbond_it              560  2.545  3.000  ? 'X-RAY DIFFRACTION' ? 
r_scangle_it             509  3.682  4.500  ? 'X-RAY DIFFRACTION' ? 
# 
_refine_ls_shell.d_res_high                       1.700 
_refine_ls_shell.d_res_low                        1.744 
_refine_ls_shell.pdbx_total_number_of_bins_used   20 
_refine_ls_shell.percent_reflns_obs               97.870 
_refine_ls_shell.number_reflns_R_work             1235 
_refine_ls_shell.R_factor_all                     ? 
_refine_ls_shell.R_factor_R_work                  0.258 
_refine_ls_shell.R_factor_R_free                  0.256 
_refine_ls_shell.percent_reflns_R_free            ? 
_refine_ls_shell.number_reflns_R_free             53 
_refine_ls_shell.R_factor_R_free_error            ? 
_refine_ls_shell.number_reflns_all                1288 
_refine_ls_shell.number_reflns_obs                1235 
_refine_ls_shell.redundancy_reflns_obs            ? 
_refine_ls_shell.pdbx_refine_id                   'X-RAY DIFFRACTION' 
# 
_struct.entry_id                  3BCY 
_struct.title                     'Crystal structure of YER067W' 
_struct.pdbx_model_details        ? 
_struct.pdbx_CASP_flag            ? 
_struct.pdbx_model_type_details   ? 
# 
_struct_keywords.entry_id        3BCY 
_struct_keywords.pdbx_keywords   'UNKNOWN FUNCTION' 
_struct_keywords.text            'mixed alpha-helix/beta-sheet fold, UNKNOWN FUNCTION' 
# 
loop_
_struct_asym.id 
_struct_asym.pdbx_blank_PDB_chainid_flag 
_struct_asym.pdbx_modified 
_struct_asym.entity_id 
_struct_asym.details 
A N N 1 ? 
B N N 2 ? 
# 
_struct_ref.id                         1 
_struct_ref.db_name                    UNP 
_struct_ref.db_code                    YEP7_YEAST 
_struct_ref.pdbx_db_accession          P40043 
_struct_ref.entity_id                  1 
_struct_ref.pdbx_seq_one_letter_code   
;VQTVTTEDGETVKVFEDLQGFETFIANETEDDDFDHLHCKLNYYPPFVLHESHEDPEKISDAANSHSKKFVRHLHQHIEK
HLLKDIKQAVRKPELKFHEKSKEETFDKITWHYGEETEYHGRPFKIDVQVVCTHEDAMVFVDYKTHPVGAN
;
_struct_ref.pdbx_align_begin           11 
_struct_ref.pdbx_db_isoform            ? 
# 
_struct_ref_seq.align_id                      1 
_struct_ref_seq.ref_id                        1 
_struct_ref_seq.pdbx_PDB_id_code              3BCY 
_struct_ref_seq.pdbx_strand_id                A 
_struct_ref_seq.seq_align_beg                 5 
_struct_ref_seq.pdbx_seq_align_beg_ins_code   ? 
_struct_ref_seq.seq_align_end                 155 
_struct_ref_seq.pdbx_seq_align_end_ins_code   ? 
_struct_ref_seq.pdbx_db_accession             P40043 
_struct_ref_seq.db_align_beg                  11 
_struct_ref_seq.pdbx_db_align_beg_ins_code    ? 
_struct_ref_seq.db_align_end                  161 
_struct_ref_seq.pdbx_db_align_end_ins_code    ? 
_struct_ref_seq.pdbx_auth_seq_align_beg       11 
_struct_ref_seq.pdbx_auth_seq_align_end       161 
# 
loop_
_struct_ref_seq_dif.align_id 
_struct_ref_seq_dif.pdbx_pdb_id_code 
_struct_ref_seq_dif.mon_id 
_struct_ref_seq_dif.pdbx_pdb_strand_id 
_struct_ref_seq_dif.seq_num 
_struct_ref_seq_dif.pdbx_pdb_ins_code 
_struct_ref_seq_dif.pdbx_seq_db_name 
_struct_ref_seq_dif.pdbx_seq_db_accession_code 
_struct_ref_seq_dif.db_mon_id 
_struct_ref_seq_dif.pdbx_seq_db_seq_num 
_struct_ref_seq_dif.details 
_struct_ref_seq_dif.pdbx_auth_seq_num 
_struct_ref_seq_dif.pdbx_ordinal 
1 3BCY GLY A 1 ? UNP P40043 ? ? 'expression tag' 7  1 
1 3BCY SER A 2 ? UNP P40043 ? ? 'expression tag' 8  2 
1 3BCY HIS A 3 ? UNP P40043 ? ? 'expression tag' 9  3 
1 3BCY MET A 4 ? UNP P40043 ? ? 'expression tag' 10 4 
# 
_pdbx_struct_assembly.id                   1 
_pdbx_struct_assembly.details              software_defined_assembly 
_pdbx_struct_assembly.method_details       PISA 
_pdbx_struct_assembly.oligomeric_details   monomeric 
_pdbx_struct_assembly.oligomeric_count     1 
# 
_pdbx_struct_assembly_gen.assembly_id       1 
_pdbx_struct_assembly_gen.oper_expression   1 
_pdbx_struct_assembly_gen.asym_id_list      A,B 
# 
_pdbx_struct_oper_list.id                   1 
_pdbx_struct_oper_list.type                 'identity operation' 
_pdbx_struct_oper_list.name                 1_555 
_pdbx_struct_oper_list.symmetry_operation   x,y,z 
_pdbx_struct_oper_list.matrix[1][1]         1.0000000000 
_pdbx_struct_oper_list.matrix[1][2]         0.0000000000 
_pdbx_struct_oper_list.matrix[1][3]         0.0000000000 
_pdbx_struct_oper_list.vector[1]            0.0000000000 
_pdbx_struct_oper_list.matrix[2][1]         0.0000000000 
_pdbx_struct_oper_list.matrix[2][2]         1.0000000000 
_pdbx_struct_oper_list.matrix[2][3]         0.0000000000 
_pdbx_struct_oper_list.vector[2]            0.0000000000 
_pdbx_struct_oper_list.matrix[3][1]         0.0000000000 
_pdbx_struct_oper_list.matrix[3][2]         0.0000000000 
_pdbx_struct_oper_list.matrix[3][3]         1.0000000000 
_pdbx_struct_oper_list.vector[3]            0.0000000000 
# 
_struct_biol.id        1 
_struct_biol.details   ? 
# 
loop_
_struct_conf.conf_type_id 
_struct_conf.id 
_struct_conf.pdbx_PDB_helix_id 
_struct_conf.beg_label_comp_id 
_struct_conf.beg_label_asym_id 
_struct_conf.beg_label_seq_id 
_struct_conf.pdbx_beg_PDB_ins_code 
_struct_conf.end_label_comp_id 
_struct_conf.end_label_asym_id 
_struct_conf.end_label_seq_id 
_struct_conf.pdbx_end_PDB_ins_code 
_struct_conf.beg_auth_comp_id 
_struct_conf.beg_auth_asym_id 
_struct_conf.beg_auth_seq_id 
_struct_conf.end_auth_comp_id 
_struct_conf.end_auth_asym_id 
_struct_conf.end_auth_seq_id 
_struct_conf.pdbx_PDB_helix_class 
_struct_conf.details 
_struct_conf.pdbx_PDB_helix_length 
HELX_P HELX_P1 1 ASP A 21 ? ASP A 35 ? ASP A 27 ASP A 41  1 ? 15 
HELX_P HELX_P2 2 PRO A 49 ? GLU A 55 ? PRO A 55 GLU A 61  1 ? 7  
HELX_P HELX_P3 3 ASP A 59 ? ILE A 63 ? ASP A 65 ILE A 69  5 ? 5  
HELX_P HELX_P4 4 SER A 71 ? HIS A 85 ? SER A 77 HIS A 91  1 ? 15 
HELX_P HELX_P5 5 HIS A 85 ? VAL A 94 ? HIS A 91 VAL A 100 1 ? 10 
# 
_struct_conf_type.id          HELX_P 
_struct_conf_type.criteria    ? 
_struct_conf_type.reference   ? 
# 
loop_
_struct_conn.id 
_struct_conn.conn_type_id 
_struct_conn.pdbx_leaving_atom_flag 
_struct_conn.pdbx_PDB_id 
_struct_conn.ptnr1_label_asym_id 
_struct_conn.ptnr1_label_comp_id 
_struct_conn.ptnr1_label_seq_id 
_struct_conn.ptnr1_label_atom_id 
_struct_conn.pdbx_ptnr1_label_alt_id 
_struct_conn.pdbx_ptnr1_PDB_ins_code 
_struct_conn.pdbx_ptnr1_standard_comp_id 
_struct_conn.ptnr1_symmetry 
_struct_conn.ptnr2_label_asym_id 
_struct_conn.ptnr2_label_comp_id 
_struct_conn.ptnr2_label_seq_id 
_struct_conn.ptnr2_label_atom_id 
_struct_conn.pdbx_ptnr2_label_alt_id 
_struct_conn.pdbx_ptnr2_PDB_ins_code 
_struct_conn.ptnr1_auth_asym_id 
_struct_conn.ptnr1_auth_comp_id 
_struct_conn.ptnr1_auth_seq_id 
_struct_conn.ptnr2_auth_asym_id 
_struct_conn.ptnr2_auth_comp_id 
_struct_conn.ptnr2_auth_seq_id 
_struct_conn.ptnr2_symmetry 
_struct_conn.pdbx_ptnr3_label_atom_id 
_struct_conn.pdbx_ptnr3_label_seq_id 
_struct_conn.pdbx_ptnr3_label_comp_id 
_struct_conn.pdbx_ptnr3_label_asym_id 
_struct_conn.pdbx_ptnr3_label_alt_id 
_struct_conn.pdbx_ptnr3_PDB_ins_code 
_struct_conn.details 
_struct_conn.pdbx_dist_value 
_struct_conn.pdbx_value_order 
_struct_conn.pdbx_role 
covale1 covale both ? A ALA 141 C ? ? ? 1_555 A MSE 142 N ? ? A ALA 147 A MSE 148 1_555 ? ? ? ? ? ? ? 1.327 ? ? 
covale2 covale both ? A MSE 142 C ? ? ? 1_555 A VAL 143 N ? ? A MSE 148 A VAL 149 1_555 ? ? ? ? ? ? ? 1.331 ? ? 
# 
_struct_conn_type.id          covale 
_struct_conn_type.criteria    ? 
_struct_conn_type.reference   ? 
# 
_pdbx_modification_feature.ordinal                            1 
_pdbx_modification_feature.label_comp_id                      MSE 
_pdbx_modification_feature.label_asym_id                      A 
_pdbx_modification_feature.label_seq_id                       142 
_pdbx_modification_feature.label_alt_id                       ? 
_pdbx_modification_feature.modified_residue_label_comp_id     . 
_pdbx_modification_feature.modified_residue_label_asym_id     . 
_pdbx_modification_feature.modified_residue_label_seq_id      . 
_pdbx_modification_feature.modified_residue_label_alt_id      . 
_pdbx_modification_feature.auth_comp_id                       MSE 
_pdbx_modification_feature.auth_asym_id                       A 
_pdbx_modification_feature.auth_seq_id                        148 
_pdbx_modification_feature.PDB_ins_code                       ? 
_pdbx_modification_feature.symmetry                           1_555 
_pdbx_modification_feature.modified_residue_auth_comp_id      . 
_pdbx_modification_feature.modified_residue_auth_asym_id      . 
_pdbx_modification_feature.modified_residue_auth_seq_id       . 
_pdbx_modification_feature.modified_residue_PDB_ins_code      . 
_pdbx_modification_feature.modified_residue_symmetry          . 
_pdbx_modification_feature.comp_id_linking_atom               . 
_pdbx_modification_feature.modified_residue_id_linking_atom   . 
_pdbx_modification_feature.modified_residue_id                MET 
_pdbx_modification_feature.ref_pcm_id                         1 
_pdbx_modification_feature.ref_comp_id                        MSE 
_pdbx_modification_feature.type                               Selenomethionine 
_pdbx_modification_feature.category                           'Named protein modification' 
# 
_struct_sheet.id               A 
_struct_sheet.type             ? 
_struct_sheet.number_strands   7 
_struct_sheet.details          ? 
# 
loop_
_struct_sheet_order.sheet_id 
_struct_sheet_order.range_id_1 
_struct_sheet_order.range_id_2 
_struct_sheet_order.offset 
_struct_sheet_order.sense 
A 1 2 ? anti-parallel 
A 2 3 ? parallel      
A 3 4 ? anti-parallel 
A 4 5 ? anti-parallel 
A 5 6 ? anti-parallel 
A 6 7 ? anti-parallel 
# 
loop_
_struct_sheet_range.sheet_id 
_struct_sheet_range.id 
_struct_sheet_range.beg_label_comp_id 
_struct_sheet_range.beg_label_asym_id 
_struct_sheet_range.beg_label_seq_id 
_struct_sheet_range.pdbx_beg_PDB_ins_code 
_struct_sheet_range.end_label_comp_id 
_struct_sheet_range.end_label_asym_id 
_struct_sheet_range.end_label_seq_id 
_struct_sheet_range.pdbx_end_PDB_ins_code 
_struct_sheet_range.beg_auth_comp_id 
_struct_sheet_range.beg_auth_asym_id 
_struct_sheet_range.beg_auth_seq_id 
_struct_sheet_range.end_auth_comp_id 
_struct_sheet_range.end_auth_asym_id 
_struct_sheet_range.end_auth_seq_id 
A 1 GLU A 11  ? ASP A 12  ? GLU A 17  ASP A 18  
A 2 LYS A 17  ? PHE A 19  ? LYS A 23  PHE A 25  
A 3 HIS A 42  ? TYR A 47  ? HIS A 48  TYR A 53  
A 4 VAL A 143 ? PRO A 151 ? VAL A 149 PRO A 157 
A 5 ARG A 126 ? THR A 137 ? ARG A 132 THR A 143 
A 6 LYS A 112 ? TYR A 123 ? LYS A 118 TYR A 129 
A 7 GLU A 103 ? GLU A 108 ? GLU A 109 GLU A 114 
# 
loop_
_pdbx_struct_sheet_hbond.sheet_id 
_pdbx_struct_sheet_hbond.range_id_1 
_pdbx_struct_sheet_hbond.range_id_2 
_pdbx_struct_sheet_hbond.range_1_label_atom_id 
_pdbx_struct_sheet_hbond.range_1_label_comp_id 
_pdbx_struct_sheet_hbond.range_1_label_asym_id 
_pdbx_struct_sheet_hbond.range_1_label_seq_id 
_pdbx_struct_sheet_hbond.range_1_PDB_ins_code 
_pdbx_struct_sheet_hbond.range_1_auth_atom_id 
_pdbx_struct_sheet_hbond.range_1_auth_comp_id 
_pdbx_struct_sheet_hbond.range_1_auth_asym_id 
_pdbx_struct_sheet_hbond.range_1_auth_seq_id 
_pdbx_struct_sheet_hbond.range_2_label_atom_id 
_pdbx_struct_sheet_hbond.range_2_label_comp_id 
_pdbx_struct_sheet_hbond.range_2_label_asym_id 
_pdbx_struct_sheet_hbond.range_2_label_seq_id 
_pdbx_struct_sheet_hbond.range_2_PDB_ins_code 
_pdbx_struct_sheet_hbond.range_2_auth_atom_id 
_pdbx_struct_sheet_hbond.range_2_auth_comp_id 
_pdbx_struct_sheet_hbond.range_2_auth_asym_id 
_pdbx_struct_sheet_hbond.range_2_auth_seq_id 
A 1 2 N GLU A 11  ? N GLU A 17  O VAL A 18  ? O VAL A 24  
A 2 3 N PHE A 19  ? N PHE A 25  O LYS A 44  ? O LYS A 50  
A 3 4 N LEU A 45  ? N LEU A 51  O VAL A 145 ? O VAL A 151 
A 4 5 O HIS A 150 ? O HIS A 156 N LYS A 129 ? N LYS A 135 
A 5 6 O ILE A 130 ? O ILE A 136 N GLU A 119 ? N GLU A 125 
A 6 7 O GLY A 118 ? O GLY A 124 N GLU A 103 ? N GLU A 109 
# 
_pdbx_entry_details.entry_id                   3BCY 
_pdbx_entry_details.compound_details           ? 
_pdbx_entry_details.source_details             ? 
_pdbx_entry_details.nonpolymer_details         ? 
_pdbx_entry_details.sequence_details           ? 
_pdbx_entry_details.has_ligand_of_interest     ? 
_pdbx_entry_details.has_protein_modification   Y 
# 
loop_
_pdbx_validate_torsion.id 
_pdbx_validate_torsion.PDB_model_num 
_pdbx_validate_torsion.auth_comp_id 
_pdbx_validate_torsion.auth_asym_id 
_pdbx_validate_torsion.auth_seq_id 
_pdbx_validate_torsion.PDB_ins_code 
_pdbx_validate_torsion.label_alt_id 
_pdbx_validate_torsion.phi 
_pdbx_validate_torsion.psi 
1 1 GLU A 20 ? ? -137.66 -54.86 
2 1 THR A 21 ? ? -166.81 9.74   
# 
_pdbx_struct_mod_residue.id               1 
_pdbx_struct_mod_residue.label_asym_id    A 
_pdbx_struct_mod_residue.label_comp_id    MSE 
_pdbx_struct_mod_residue.label_seq_id     142 
_pdbx_struct_mod_residue.auth_asym_id     A 
_pdbx_struct_mod_residue.auth_comp_id     MSE 
_pdbx_struct_mod_residue.auth_seq_id      148 
_pdbx_struct_mod_residue.PDB_ins_code     ? 
_pdbx_struct_mod_residue.parent_comp_id   MET 
_pdbx_struct_mod_residue.details          SELENOMETHIONINE 
# 
loop_
_pdbx_refine_tls.id 
_pdbx_refine_tls.details 
_pdbx_refine_tls.method 
_pdbx_refine_tls.origin_x 
_pdbx_refine_tls.origin_y 
_pdbx_refine_tls.origin_z 
_pdbx_refine_tls.T[1][1] 
_pdbx_refine_tls.T[2][2] 
_pdbx_refine_tls.T[3][3] 
_pdbx_refine_tls.T[1][2] 
_pdbx_refine_tls.T[1][3] 
_pdbx_refine_tls.T[2][3] 
_pdbx_refine_tls.L[1][1] 
_pdbx_refine_tls.L[2][2] 
_pdbx_refine_tls.L[3][3] 
_pdbx_refine_tls.L[1][2] 
_pdbx_refine_tls.L[1][3] 
_pdbx_refine_tls.L[2][3] 
_pdbx_refine_tls.S[1][1] 
_pdbx_refine_tls.S[2][2] 
_pdbx_refine_tls.S[3][3] 
_pdbx_refine_tls.S[1][2] 
_pdbx_refine_tls.S[1][3] 
_pdbx_refine_tls.S[2][3] 
_pdbx_refine_tls.S[2][1] 
_pdbx_refine_tls.S[3][1] 
_pdbx_refine_tls.S[3][2] 
_pdbx_refine_tls.pdbx_refine_id 
1 ? refined 6.1726  8.4853   -1.0385 0.0129 0.0298 0.0397 -0.0224 0.0086  0.0114  1.9296 3.3983 1.0622 -1.1767 0.1397  0.1533 0.0766  -0.0393 -0.0373 0.0959  0.0371  -0.1634 -0.1332 0.0153  0.0986  'X-RAY DIFFRACTION' 
2 ? refined 3.7775  -14.4598 2.2530  0.0247 0.0080 0.0238 -0.0105 0.0000  0.0068  1.5978 1.4839 1.7592 -0.0566 0.9518  0.4692 -0.0058 0.0241  -0.0183 0.0065  -0.0761 -0.0378 0.0404  0.0096  0.0426  'X-RAY DIFFRACTION' 
3 ? refined -5.3622 3.0414   -0.3414 0.0218 0.0128 0.0209 -0.0024 -0.0026 -0.0058 0.7154 1.2706 0.4987 -0.2537 -0.1106 0.1665 0.0130  -0.0295 0.0164  -0.0223 0.0580  -0.0210 0.0468  -0.0358 -0.0233 'X-RAY DIFFRACTION' 
# 
loop_
_pdbx_refine_tls_group.id 
_pdbx_refine_tls_group.refine_tls_id 
_pdbx_refine_tls_group.beg_label_asym_id 
_pdbx_refine_tls_group.beg_label_seq_id 
_pdbx_refine_tls_group.end_label_asym_id 
_pdbx_refine_tls_group.end_label_seq_id 
_pdbx_refine_tls_group.selection 
_pdbx_refine_tls_group.beg_auth_asym_id 
_pdbx_refine_tls_group.beg_auth_seq_id 
_pdbx_refine_tls_group.end_auth_asym_id 
_pdbx_refine_tls_group.end_auth_seq_id 
_pdbx_refine_tls_group.pdbx_refine_id 
_pdbx_refine_tls_group.selection_details 
1 1 A 10 A 41  ? A 16 A 47  'X-RAY DIFFRACTION' ? 
2 2 A 42 A 78  ? A 48 A 84  'X-RAY DIFFRACTION' ? 
3 3 A 79 A 149 ? A 85 A 155 'X-RAY DIFFRACTION' ? 
# 
loop_
_pdbx_unobs_or_zero_occ_residues.id 
_pdbx_unobs_or_zero_occ_residues.PDB_model_num 
_pdbx_unobs_or_zero_occ_residues.polymer_flag 
_pdbx_unobs_or_zero_occ_residues.occupancy_flag 
_pdbx_unobs_or_zero_occ_residues.auth_asym_id 
_pdbx_unobs_or_zero_occ_residues.auth_comp_id 
_pdbx_unobs_or_zero_occ_residues.auth_seq_id 
_pdbx_unobs_or_zero_occ_residues.PDB_ins_code 
_pdbx_unobs_or_zero_occ_residues.label_asym_id 
_pdbx_unobs_or_zero_occ_residues.label_comp_id 
_pdbx_unobs_or_zero_occ_residues.label_seq_id 
1 1 Y 1 A GLY 7  ? A GLY 1 
2 1 Y 1 A SER 8  ? A SER 2 
3 1 Y 1 A HIS 9  ? A HIS 3 
4 1 Y 1 A MET 10 ? A MET 4 
5 1 Y 1 A VAL 11 ? A VAL 5 
6 1 Y 1 A GLN 12 ? A GLN 6 
7 1 Y 1 A THR 13 ? A THR 7 
8 1 Y 1 A VAL 14 ? A VAL 8 
9 1 Y 1 A THR 15 ? A THR 9 
# 
loop_
_chem_comp_atom.comp_id 
_chem_comp_atom.atom_id 
_chem_comp_atom.type_symbol 
_chem_comp_atom.pdbx_aromatic_flag 
_chem_comp_atom.pdbx_stereo_config 
_chem_comp_atom.pdbx_ordinal 
ALA N    N  N N 1   
ALA CA   C  N S 2   
ALA C    C  N N 3   
ALA O    O  N N 4   
ALA CB   C  N N 5   
ALA OXT  O  N N 6   
ALA H    H  N N 7   
ALA H2   H  N N 8   
ALA HA   H  N N 9   
ALA HB1  H  N N 10  
ALA HB2  H  N N 11  
ALA HB3  H  N N 12  
ALA HXT  H  N N 13  
ARG N    N  N N 14  
ARG CA   C  N S 15  
ARG C    C  N N 16  
ARG O    O  N N 17  
ARG CB   C  N N 18  
ARG CG   C  N N 19  
ARG CD   C  N N 20  
ARG NE   N  N N 21  
ARG CZ   C  N N 22  
ARG NH1  N  N N 23  
ARG NH2  N  N N 24  
ARG OXT  O  N N 25  
ARG H    H  N N 26  
ARG H2   H  N N 27  
ARG HA   H  N N 28  
ARG HB2  H  N N 29  
ARG HB3  H  N N 30  
ARG HG2  H  N N 31  
ARG HG3  H  N N 32  
ARG HD2  H  N N 33  
ARG HD3  H  N N 34  
ARG HE   H  N N 35  
ARG HH11 H  N N 36  
ARG HH12 H  N N 37  
ARG HH21 H  N N 38  
ARG HH22 H  N N 39  
ARG HXT  H  N N 40  
ASN N    N  N N 41  
ASN CA   C  N S 42  
ASN C    C  N N 43  
ASN O    O  N N 44  
ASN CB   C  N N 45  
ASN CG   C  N N 46  
ASN OD1  O  N N 47  
ASN ND2  N  N N 48  
ASN OXT  O  N N 49  
ASN H    H  N N 50  
ASN H2   H  N N 51  
ASN HA   H  N N 52  
ASN HB2  H  N N 53  
ASN HB3  H  N N 54  
ASN HD21 H  N N 55  
ASN HD22 H  N N 56  
ASN HXT  H  N N 57  
ASP N    N  N N 58  
ASP CA   C  N S 59  
ASP C    C  N N 60  
ASP O    O  N N 61  
ASP CB   C  N N 62  
ASP CG   C  N N 63  
ASP OD1  O  N N 64  
ASP OD2  O  N N 65  
ASP OXT  O  N N 66  
ASP H    H  N N 67  
ASP H2   H  N N 68  
ASP HA   H  N N 69  
ASP HB2  H  N N 70  
ASP HB3  H  N N 71  
ASP HD2  H  N N 72  
ASP HXT  H  N N 73  
CYS N    N  N N 74  
CYS CA   C  N R 75  
CYS C    C  N N 76  
CYS O    O  N N 77  
CYS CB   C  N N 78  
CYS SG   S  N N 79  
CYS OXT  O  N N 80  
CYS H    H  N N 81  
CYS H2   H  N N 82  
CYS HA   H  N N 83  
CYS HB2  H  N N 84  
CYS HB3  H  N N 85  
CYS HG   H  N N 86  
CYS HXT  H  N N 87  
GLN N    N  N N 88  
GLN CA   C  N S 89  
GLN C    C  N N 90  
GLN O    O  N N 91  
GLN CB   C  N N 92  
GLN CG   C  N N 93  
GLN CD   C  N N 94  
GLN OE1  O  N N 95  
GLN NE2  N  N N 96  
GLN OXT  O  N N 97  
GLN H    H  N N 98  
GLN H2   H  N N 99  
GLN HA   H  N N 100 
GLN HB2  H  N N 101 
GLN HB3  H  N N 102 
GLN HG2  H  N N 103 
GLN HG3  H  N N 104 
GLN HE21 H  N N 105 
GLN HE22 H  N N 106 
GLN HXT  H  N N 107 
GLU N    N  N N 108 
GLU CA   C  N S 109 
GLU C    C  N N 110 
GLU O    O  N N 111 
GLU CB   C  N N 112 
GLU CG   C  N N 113 
GLU CD   C  N N 114 
GLU OE1  O  N N 115 
GLU OE2  O  N N 116 
GLU OXT  O  N N 117 
GLU H    H  N N 118 
GLU H2   H  N N 119 
GLU HA   H  N N 120 
GLU HB2  H  N N 121 
GLU HB3  H  N N 122 
GLU HG2  H  N N 123 
GLU HG3  H  N N 124 
GLU HE2  H  N N 125 
GLU HXT  H  N N 126 
GLY N    N  N N 127 
GLY CA   C  N N 128 
GLY C    C  N N 129 
GLY O    O  N N 130 
GLY OXT  O  N N 131 
GLY H    H  N N 132 
GLY H2   H  N N 133 
GLY HA2  H  N N 134 
GLY HA3  H  N N 135 
GLY HXT  H  N N 136 
HIS N    N  N N 137 
HIS CA   C  N S 138 
HIS C    C  N N 139 
HIS O    O  N N 140 
HIS CB   C  N N 141 
HIS CG   C  Y N 142 
HIS ND1  N  Y N 143 
HIS CD2  C  Y N 144 
HIS CE1  C  Y N 145 
HIS NE2  N  Y N 146 
HIS OXT  O  N N 147 
HIS H    H  N N 148 
HIS H2   H  N N 149 
HIS HA   H  N N 150 
HIS HB2  H  N N 151 
HIS HB3  H  N N 152 
HIS HD1  H  N N 153 
HIS HD2  H  N N 154 
HIS HE1  H  N N 155 
HIS HE2  H  N N 156 
HIS HXT  H  N N 157 
HOH O    O  N N 158 
HOH H1   H  N N 159 
HOH H2   H  N N 160 
ILE N    N  N N 161 
ILE CA   C  N S 162 
ILE C    C  N N 163 
ILE O    O  N N 164 
ILE CB   C  N S 165 
ILE CG1  C  N N 166 
ILE CG2  C  N N 167 
ILE CD1  C  N N 168 
ILE OXT  O  N N 169 
ILE H    H  N N 170 
ILE H2   H  N N 171 
ILE HA   H  N N 172 
ILE HB   H  N N 173 
ILE HG12 H  N N 174 
ILE HG13 H  N N 175 
ILE HG21 H  N N 176 
ILE HG22 H  N N 177 
ILE HG23 H  N N 178 
ILE HD11 H  N N 179 
ILE HD12 H  N N 180 
ILE HD13 H  N N 181 
ILE HXT  H  N N 182 
LEU N    N  N N 183 
LEU CA   C  N S 184 
LEU C    C  N N 185 
LEU O    O  N N 186 
LEU CB   C  N N 187 
LEU CG   C  N N 188 
LEU CD1  C  N N 189 
LEU CD2  C  N N 190 
LEU OXT  O  N N 191 
LEU H    H  N N 192 
LEU H2   H  N N 193 
LEU HA   H  N N 194 
LEU HB2  H  N N 195 
LEU HB3  H  N N 196 
LEU HG   H  N N 197 
LEU HD11 H  N N 198 
LEU HD12 H  N N 199 
LEU HD13 H  N N 200 
LEU HD21 H  N N 201 
LEU HD22 H  N N 202 
LEU HD23 H  N N 203 
LEU HXT  H  N N 204 
LYS N    N  N N 205 
LYS CA   C  N S 206 
LYS C    C  N N 207 
LYS O    O  N N 208 
LYS CB   C  N N 209 
LYS CG   C  N N 210 
LYS CD   C  N N 211 
LYS CE   C  N N 212 
LYS NZ   N  N N 213 
LYS OXT  O  N N 214 
LYS H    H  N N 215 
LYS H2   H  N N 216 
LYS HA   H  N N 217 
LYS HB2  H  N N 218 
LYS HB3  H  N N 219 
LYS HG2  H  N N 220 
LYS HG3  H  N N 221 
LYS HD2  H  N N 222 
LYS HD3  H  N N 223 
LYS HE2  H  N N 224 
LYS HE3  H  N N 225 
LYS HZ1  H  N N 226 
LYS HZ2  H  N N 227 
LYS HZ3  H  N N 228 
LYS HXT  H  N N 229 
MET N    N  N N 230 
MET CA   C  N S 231 
MET C    C  N N 232 
MET O    O  N N 233 
MET CB   C  N N 234 
MET CG   C  N N 235 
MET SD   S  N N 236 
MET CE   C  N N 237 
MET OXT  O  N N 238 
MET H    H  N N 239 
MET H2   H  N N 240 
MET HA   H  N N 241 
MET HB2  H  N N 242 
MET HB3  H  N N 243 
MET HG2  H  N N 244 
MET HG3  H  N N 245 
MET HE1  H  N N 246 
MET HE2  H  N N 247 
MET HE3  H  N N 248 
MET HXT  H  N N 249 
MSE N    N  N N 250 
MSE CA   C  N S 251 
MSE C    C  N N 252 
MSE O    O  N N 253 
MSE OXT  O  N N 254 
MSE CB   C  N N 255 
MSE CG   C  N N 256 
MSE SE   SE N N 257 
MSE CE   C  N N 258 
MSE H    H  N N 259 
MSE H2   H  N N 260 
MSE HA   H  N N 261 
MSE HXT  H  N N 262 
MSE HB2  H  N N 263 
MSE HB3  H  N N 264 
MSE HG2  H  N N 265 
MSE HG3  H  N N 266 
MSE HE1  H  N N 267 
MSE HE2  H  N N 268 
MSE HE3  H  N N 269 
PHE N    N  N N 270 
PHE CA   C  N S 271 
PHE C    C  N N 272 
PHE O    O  N N 273 
PHE CB   C  N N 274 
PHE CG   C  Y N 275 
PHE CD1  C  Y N 276 
PHE CD2  C  Y N 277 
PHE CE1  C  Y N 278 
PHE CE2  C  Y N 279 
PHE CZ   C  Y N 280 
PHE OXT  O  N N 281 
PHE H    H  N N 282 
PHE H2   H  N N 283 
PHE HA   H  N N 284 
PHE HB2  H  N N 285 
PHE HB3  H  N N 286 
PHE HD1  H  N N 287 
PHE HD2  H  N N 288 
PHE HE1  H  N N 289 
PHE HE2  H  N N 290 
PHE HZ   H  N N 291 
PHE HXT  H  N N 292 
PRO N    N  N N 293 
PRO CA   C  N S 294 
PRO C    C  N N 295 
PRO O    O  N N 296 
PRO CB   C  N N 297 
PRO CG   C  N N 298 
PRO CD   C  N N 299 
PRO OXT  O  N N 300 
PRO H    H  N N 301 
PRO HA   H  N N 302 
PRO HB2  H  N N 303 
PRO HB3  H  N N 304 
PRO HG2  H  N N 305 
PRO HG3  H  N N 306 
PRO HD2  H  N N 307 
PRO HD3  H  N N 308 
PRO HXT  H  N N 309 
SER N    N  N N 310 
SER CA   C  N S 311 
SER C    C  N N 312 
SER O    O  N N 313 
SER CB   C  N N 314 
SER OG   O  N N 315 
SER OXT  O  N N 316 
SER H    H  N N 317 
SER H2   H  N N 318 
SER HA   H  N N 319 
SER HB2  H  N N 320 
SER HB3  H  N N 321 
SER HG   H  N N 322 
SER HXT  H  N N 323 
THR N    N  N N 324 
THR CA   C  N S 325 
THR C    C  N N 326 
THR O    O  N N 327 
THR CB   C  N R 328 
THR OG1  O  N N 329 
THR CG2  C  N N 330 
THR OXT  O  N N 331 
THR H    H  N N 332 
THR H2   H  N N 333 
THR HA   H  N N 334 
THR HB   H  N N 335 
THR HG1  H  N N 336 
THR HG21 H  N N 337 
THR HG22 H  N N 338 
THR HG23 H  N N 339 
THR HXT  H  N N 340 
TRP N    N  N N 341 
TRP CA   C  N S 342 
TRP C    C  N N 343 
TRP O    O  N N 344 
TRP CB   C  N N 345 
TRP CG   C  Y N 346 
TRP CD1  C  Y N 347 
TRP CD2  C  Y N 348 
TRP NE1  N  Y N 349 
TRP CE2  C  Y N 350 
TRP CE3  C  Y N 351 
TRP CZ2  C  Y N 352 
TRP CZ3  C  Y N 353 
TRP CH2  C  Y N 354 
TRP OXT  O  N N 355 
TRP H    H  N N 356 
TRP H2   H  N N 357 
TRP HA   H  N N 358 
TRP HB2  H  N N 359 
TRP HB3  H  N N 360 
TRP HD1  H  N N 361 
TRP HE1  H  N N 362 
TRP HE3  H  N N 363 
TRP HZ2  H  N N 364 
TRP HZ3  H  N N 365 
TRP HH2  H  N N 366 
TRP HXT  H  N N 367 
TYR N    N  N N 368 
TYR CA   C  N S 369 
TYR C    C  N N 370 
TYR O    O  N N 371 
TYR CB   C  N N 372 
TYR CG   C  Y N 373 
TYR CD1  C  Y N 374 
TYR CD2  C  Y N 375 
TYR CE1  C  Y N 376 
TYR CE2  C  Y N 377 
TYR CZ   C  Y N 378 
TYR OH   O  N N 379 
TYR OXT  O  N N 380 
TYR H    H  N N 381 
TYR H2   H  N N 382 
TYR HA   H  N N 383 
TYR HB2  H  N N 384 
TYR HB3  H  N N 385 
TYR HD1  H  N N 386 
TYR HD2  H  N N 387 
TYR HE1  H  N N 388 
TYR HE2  H  N N 389 
TYR HH   H  N N 390 
TYR HXT  H  N N 391 
VAL N    N  N N 392 
VAL CA   C  N S 393 
VAL C    C  N N 394 
VAL O    O  N N 395 
VAL CB   C  N N 396 
VAL CG1  C  N N 397 
VAL CG2  C  N N 398 
VAL OXT  O  N N 399 
VAL H    H  N N 400 
VAL H2   H  N N 401 
VAL HA   H  N N 402 
VAL HB   H  N N 403 
VAL HG11 H  N N 404 
VAL HG12 H  N N 405 
VAL HG13 H  N N 406 
VAL HG21 H  N N 407 
VAL HG22 H  N N 408 
VAL HG23 H  N N 409 
VAL HXT  H  N N 410 
# 
loop_
_chem_comp_bond.comp_id 
_chem_comp_bond.atom_id_1 
_chem_comp_bond.atom_id_2 
_chem_comp_bond.value_order 
_chem_comp_bond.pdbx_aromatic_flag 
_chem_comp_bond.pdbx_stereo_config 
_chem_comp_bond.pdbx_ordinal 
ALA N   CA   sing N N 1   
ALA N   H    sing N N 2   
ALA N   H2   sing N N 3   
ALA CA  C    sing N N 4   
ALA CA  CB   sing N N 5   
ALA CA  HA   sing N N 6   
ALA C   O    doub N N 7   
ALA C   OXT  sing N N 8   
ALA CB  HB1  sing N N 9   
ALA CB  HB2  sing N N 10  
ALA CB  HB3  sing N N 11  
ALA OXT HXT  sing N N 12  
ARG N   CA   sing N N 13  
ARG N   H    sing N N 14  
ARG N   H2   sing N N 15  
ARG CA  C    sing N N 16  
ARG CA  CB   sing N N 17  
ARG CA  HA   sing N N 18  
ARG C   O    doub N N 19  
ARG C   OXT  sing N N 20  
ARG CB  CG   sing N N 21  
ARG CB  HB2  sing N N 22  
ARG CB  HB3  sing N N 23  
ARG CG  CD   sing N N 24  
ARG CG  HG2  sing N N 25  
ARG CG  HG3  sing N N 26  
ARG CD  NE   sing N N 27  
ARG CD  HD2  sing N N 28  
ARG CD  HD3  sing N N 29  
ARG NE  CZ   sing N N 30  
ARG NE  HE   sing N N 31  
ARG CZ  NH1  sing N N 32  
ARG CZ  NH2  doub N N 33  
ARG NH1 HH11 sing N N 34  
ARG NH1 HH12 sing N N 35  
ARG NH2 HH21 sing N N 36  
ARG NH2 HH22 sing N N 37  
ARG OXT HXT  sing N N 38  
ASN N   CA   sing N N 39  
ASN N   H    sing N N 40  
ASN N   H2   sing N N 41  
ASN CA  C    sing N N 42  
ASN CA  CB   sing N N 43  
ASN CA  HA   sing N N 44  
ASN C   O    doub N N 45  
ASN C   OXT  sing N N 46  
ASN CB  CG   sing N N 47  
ASN CB  HB2  sing N N 48  
ASN CB  HB3  sing N N 49  
ASN CG  OD1  doub N N 50  
ASN CG  ND2  sing N N 51  
ASN ND2 HD21 sing N N 52  
ASN ND2 HD22 sing N N 53  
ASN OXT HXT  sing N N 54  
ASP N   CA   sing N N 55  
ASP N   H    sing N N 56  
ASP N   H2   sing N N 57  
ASP CA  C    sing N N 58  
ASP CA  CB   sing N N 59  
ASP CA  HA   sing N N 60  
ASP C   O    doub N N 61  
ASP C   OXT  sing N N 62  
ASP CB  CG   sing N N 63  
ASP CB  HB2  sing N N 64  
ASP CB  HB3  sing N N 65  
ASP CG  OD1  doub N N 66  
ASP CG  OD2  sing N N 67  
ASP OD2 HD2  sing N N 68  
ASP OXT HXT  sing N N 69  
CYS N   CA   sing N N 70  
CYS N   H    sing N N 71  
CYS N   H2   sing N N 72  
CYS CA  C    sing N N 73  
CYS CA  CB   sing N N 74  
CYS CA  HA   sing N N 75  
CYS C   O    doub N N 76  
CYS C   OXT  sing N N 77  
CYS CB  SG   sing N N 78  
CYS CB  HB2  sing N N 79  
CYS CB  HB3  sing N N 80  
CYS SG  HG   sing N N 81  
CYS OXT HXT  sing N N 82  
GLN N   CA   sing N N 83  
GLN N   H    sing N N 84  
GLN N   H2   sing N N 85  
GLN CA  C    sing N N 86  
GLN CA  CB   sing N N 87  
GLN CA  HA   sing N N 88  
GLN C   O    doub N N 89  
GLN C   OXT  sing N N 90  
GLN CB  CG   sing N N 91  
GLN CB  HB2  sing N N 92  
GLN CB  HB3  sing N N 93  
GLN CG  CD   sing N N 94  
GLN CG  HG2  sing N N 95  
GLN CG  HG3  sing N N 96  
GLN CD  OE1  doub N N 97  
GLN CD  NE2  sing N N 98  
GLN NE2 HE21 sing N N 99  
GLN NE2 HE22 sing N N 100 
GLN OXT HXT  sing N N 101 
GLU N   CA   sing N N 102 
GLU N   H    sing N N 103 
GLU N   H2   sing N N 104 
GLU CA  C    sing N N 105 
GLU CA  CB   sing N N 106 
GLU CA  HA   sing N N 107 
GLU C   O    doub N N 108 
GLU C   OXT  sing N N 109 
GLU CB  CG   sing N N 110 
GLU CB  HB2  sing N N 111 
GLU CB  HB3  sing N N 112 
GLU CG  CD   sing N N 113 
GLU CG  HG2  sing N N 114 
GLU CG  HG3  sing N N 115 
GLU CD  OE1  doub N N 116 
GLU CD  OE2  sing N N 117 
GLU OE2 HE2  sing N N 118 
GLU OXT HXT  sing N N 119 
GLY N   CA   sing N N 120 
GLY N   H    sing N N 121 
GLY N   H2   sing N N 122 
GLY CA  C    sing N N 123 
GLY CA  HA2  sing N N 124 
GLY CA  HA3  sing N N 125 
GLY C   O    doub N N 126 
GLY C   OXT  sing N N 127 
GLY OXT HXT  sing N N 128 
HIS N   CA   sing N N 129 
HIS N   H    sing N N 130 
HIS N   H2   sing N N 131 
HIS CA  C    sing N N 132 
HIS CA  CB   sing N N 133 
HIS CA  HA   sing N N 134 
HIS C   O    doub N N 135 
HIS C   OXT  sing N N 136 
HIS CB  CG   sing N N 137 
HIS CB  HB2  sing N N 138 
HIS CB  HB3  sing N N 139 
HIS CG  ND1  sing Y N 140 
HIS CG  CD2  doub Y N 141 
HIS ND1 CE1  doub Y N 142 
HIS ND1 HD1  sing N N 143 
HIS CD2 NE2  sing Y N 144 
HIS CD2 HD2  sing N N 145 
HIS CE1 NE2  sing Y N 146 
HIS CE1 HE1  sing N N 147 
HIS NE2 HE2  sing N N 148 
HIS OXT HXT  sing N N 149 
HOH O   H1   sing N N 150 
HOH O   H2   sing N N 151 
ILE N   CA   sing N N 152 
ILE N   H    sing N N 153 
ILE N   H2   sing N N 154 
ILE CA  C    sing N N 155 
ILE CA  CB   sing N N 156 
ILE CA  HA   sing N N 157 
ILE C   O    doub N N 158 
ILE C   OXT  sing N N 159 
ILE CB  CG1  sing N N 160 
ILE CB  CG2  sing N N 161 
ILE CB  HB   sing N N 162 
ILE CG1 CD1  sing N N 163 
ILE CG1 HG12 sing N N 164 
ILE CG1 HG13 sing N N 165 
ILE CG2 HG21 sing N N 166 
ILE CG2 HG22 sing N N 167 
ILE CG2 HG23 sing N N 168 
ILE CD1 HD11 sing N N 169 
ILE CD1 HD12 sing N N 170 
ILE CD1 HD13 sing N N 171 
ILE OXT HXT  sing N N 172 
LEU N   CA   sing N N 173 
LEU N   H    sing N N 174 
LEU N   H2   sing N N 175 
LEU CA  C    sing N N 176 
LEU CA  CB   sing N N 177 
LEU CA  HA   sing N N 178 
LEU C   O    doub N N 179 
LEU C   OXT  sing N N 180 
LEU CB  CG   sing N N 181 
LEU CB  HB2  sing N N 182 
LEU CB  HB3  sing N N 183 
LEU CG  CD1  sing N N 184 
LEU CG  CD2  sing N N 185 
LEU CG  HG   sing N N 186 
LEU CD1 HD11 sing N N 187 
LEU CD1 HD12 sing N N 188 
LEU CD1 HD13 sing N N 189 
LEU CD2 HD21 sing N N 190 
LEU CD2 HD22 sing N N 191 
LEU CD2 HD23 sing N N 192 
LEU OXT HXT  sing N N 193 
LYS N   CA   sing N N 194 
LYS N   H    sing N N 195 
LYS N   H2   sing N N 196 
LYS CA  C    sing N N 197 
LYS CA  CB   sing N N 198 
LYS CA  HA   sing N N 199 
LYS C   O    doub N N 200 
LYS C   OXT  sing N N 201 
LYS CB  CG   sing N N 202 
LYS CB  HB2  sing N N 203 
LYS CB  HB3  sing N N 204 
LYS CG  CD   sing N N 205 
LYS CG  HG2  sing N N 206 
LYS CG  HG3  sing N N 207 
LYS CD  CE   sing N N 208 
LYS CD  HD2  sing N N 209 
LYS CD  HD3  sing N N 210 
LYS CE  NZ   sing N N 211 
LYS CE  HE2  sing N N 212 
LYS CE  HE3  sing N N 213 
LYS NZ  HZ1  sing N N 214 
LYS NZ  HZ2  sing N N 215 
LYS NZ  HZ3  sing N N 216 
LYS OXT HXT  sing N N 217 
MET N   CA   sing N N 218 
MET N   H    sing N N 219 
MET N   H2   sing N N 220 
MET CA  C    sing N N 221 
MET CA  CB   sing N N 222 
MET CA  HA   sing N N 223 
MET C   O    doub N N 224 
MET C   OXT  sing N N 225 
MET CB  CG   sing N N 226 
MET CB  HB2  sing N N 227 
MET CB  HB3  sing N N 228 
MET CG  SD   sing N N 229 
MET CG  HG2  sing N N 230 
MET CG  HG3  sing N N 231 
MET SD  CE   sing N N 232 
MET CE  HE1  sing N N 233 
MET CE  HE2  sing N N 234 
MET CE  HE3  sing N N 235 
MET OXT HXT  sing N N 236 
MSE N   CA   sing N N 237 
MSE N   H    sing N N 238 
MSE N   H2   sing N N 239 
MSE CA  C    sing N N 240 
MSE CA  CB   sing N N 241 
MSE CA  HA   sing N N 242 
MSE C   O    doub N N 243 
MSE C   OXT  sing N N 244 
MSE OXT HXT  sing N N 245 
MSE CB  CG   sing N N 246 
MSE CB  HB2  sing N N 247 
MSE CB  HB3  sing N N 248 
MSE CG  SE   sing N N 249 
MSE CG  HG2  sing N N 250 
MSE CG  HG3  sing N N 251 
MSE SE  CE   sing N N 252 
MSE CE  HE1  sing N N 253 
MSE CE  HE2  sing N N 254 
MSE CE  HE3  sing N N 255 
PHE N   CA   sing N N 256 
PHE N   H    sing N N 257 
PHE N   H2   sing N N 258 
PHE CA  C    sing N N 259 
PHE CA  CB   sing N N 260 
PHE CA  HA   sing N N 261 
PHE C   O    doub N N 262 
PHE C   OXT  sing N N 263 
PHE CB  CG   sing N N 264 
PHE CB  HB2  sing N N 265 
PHE CB  HB3  sing N N 266 
PHE CG  CD1  doub Y N 267 
PHE CG  CD2  sing Y N 268 
PHE CD1 CE1  sing Y N 269 
PHE CD1 HD1  sing N N 270 
PHE CD2 CE2  doub Y N 271 
PHE CD2 HD2  sing N N 272 
PHE CE1 CZ   doub Y N 273 
PHE CE1 HE1  sing N N 274 
PHE CE2 CZ   sing Y N 275 
PHE CE2 HE2  sing N N 276 
PHE CZ  HZ   sing N N 277 
PHE OXT HXT  sing N N 278 
PRO N   CA   sing N N 279 
PRO N   CD   sing N N 280 
PRO N   H    sing N N 281 
PRO CA  C    sing N N 282 
PRO CA  CB   sing N N 283 
PRO CA  HA   sing N N 284 
PRO C   O    doub N N 285 
PRO C   OXT  sing N N 286 
PRO CB  CG   sing N N 287 
PRO CB  HB2  sing N N 288 
PRO CB  HB3  sing N N 289 
PRO CG  CD   sing N N 290 
PRO CG  HG2  sing N N 291 
PRO CG  HG3  sing N N 292 
PRO CD  HD2  sing N N 293 
PRO CD  HD3  sing N N 294 
PRO OXT HXT  sing N N 295 
SER N   CA   sing N N 296 
SER N   H    sing N N 297 
SER N   H2   sing N N 298 
SER CA  C    sing N N 299 
SER CA  CB   sing N N 300 
SER CA  HA   sing N N 301 
SER C   O    doub N N 302 
SER C   OXT  sing N N 303 
SER CB  OG   sing N N 304 
SER CB  HB2  sing N N 305 
SER CB  HB3  sing N N 306 
SER OG  HG   sing N N 307 
SER OXT HXT  sing N N 308 
THR N   CA   sing N N 309 
THR N   H    sing N N 310 
THR N   H2   sing N N 311 
THR CA  C    sing N N 312 
THR CA  CB   sing N N 313 
THR CA  HA   sing N N 314 
THR C   O    doub N N 315 
THR C   OXT  sing N N 316 
THR CB  OG1  sing N N 317 
THR CB  CG2  sing N N 318 
THR CB  HB   sing N N 319 
THR OG1 HG1  sing N N 320 
THR CG2 HG21 sing N N 321 
THR CG2 HG22 sing N N 322 
THR CG2 HG23 sing N N 323 
THR OXT HXT  sing N N 324 
TRP N   CA   sing N N 325 
TRP N   H    sing N N 326 
TRP N   H2   sing N N 327 
TRP CA  C    sing N N 328 
TRP CA  CB   sing N N 329 
TRP CA  HA   sing N N 330 
TRP C   O    doub N N 331 
TRP C   OXT  sing N N 332 
TRP CB  CG   sing N N 333 
TRP CB  HB2  sing N N 334 
TRP CB  HB3  sing N N 335 
TRP CG  CD1  doub Y N 336 
TRP CG  CD2  sing Y N 337 
TRP CD1 NE1  sing Y N 338 
TRP CD1 HD1  sing N N 339 
TRP CD2 CE2  doub Y N 340 
TRP CD2 CE3  sing Y N 341 
TRP NE1 CE2  sing Y N 342 
TRP NE1 HE1  sing N N 343 
TRP CE2 CZ2  sing Y N 344 
TRP CE3 CZ3  doub Y N 345 
TRP CE3 HE3  sing N N 346 
TRP CZ2 CH2  doub Y N 347 
TRP CZ2 HZ2  sing N N 348 
TRP CZ3 CH2  sing Y N 349 
TRP CZ3 HZ3  sing N N 350 
TRP CH2 HH2  sing N N 351 
TRP OXT HXT  sing N N 352 
TYR N   CA   sing N N 353 
TYR N   H    sing N N 354 
TYR N   H2   sing N N 355 
TYR CA  C    sing N N 356 
TYR CA  CB   sing N N 357 
TYR CA  HA   sing N N 358 
TYR C   O    doub N N 359 
TYR C   OXT  sing N N 360 
TYR CB  CG   sing N N 361 
TYR CB  HB2  sing N N 362 
TYR CB  HB3  sing N N 363 
TYR CG  CD1  doub Y N 364 
TYR CG  CD2  sing Y N 365 
TYR CD1 CE1  sing Y N 366 
TYR CD1 HD1  sing N N 367 
TYR CD2 CE2  doub Y N 368 
TYR CD2 HD2  sing N N 369 
TYR CE1 CZ   doub Y N 370 
TYR CE1 HE1  sing N N 371 
TYR CE2 CZ   sing Y N 372 
TYR CE2 HE2  sing N N 373 
TYR CZ  OH   sing N N 374 
TYR OH  HH   sing N N 375 
TYR OXT HXT  sing N N 376 
VAL N   CA   sing N N 377 
VAL N   H    sing N N 378 
VAL N   H2   sing N N 379 
VAL CA  C    sing N N 380 
VAL CA  CB   sing N N 381 
VAL CA  HA   sing N N 382 
VAL C   O    doub N N 383 
VAL C   OXT  sing N N 384 
VAL CB  CG1  sing N N 385 
VAL CB  CG2  sing N N 386 
VAL CB  HB   sing N N 387 
VAL CG1 HG11 sing N N 388 
VAL CG1 HG12 sing N N 389 
VAL CG1 HG13 sing N N 390 
VAL CG2 HG21 sing N N 391 
VAL CG2 HG22 sing N N 392 
VAL CG2 HG23 sing N N 393 
VAL OXT HXT  sing N N 394 
# 
_atom_sites.entry_id                    3BCY 
_atom_sites.fract_transf_matrix[1][1]   -0.00381453 
_atom_sites.fract_transf_matrix[1][2]   -0.00404076 
_atom_sites.fract_transf_matrix[1][3]   -0.02363043 
_atom_sites.fract_transf_matrix[2][1]   0.00461165 
_atom_sites.fract_transf_matrix[2][2]   0.02335713 
_atom_sites.fract_transf_matrix[2][3]   -0.00473845 
_atom_sites.fract_transf_matrix[3][1]   0.00525560 
_atom_sites.fract_transf_matrix[3][2]   -0.00116922 
_atom_sites.fract_transf_matrix[3][3]   -0.00064845 
_atom_sites.fract_transf_vector[1]      0.182356 
_atom_sites.fract_transf_vector[2]      0.466234 
_atom_sites.fract_transf_vector[3]      0.072049 
# 
loop_
_atom_type.symbol 
C  
N  
O  
S  
SE 
# 
loop_
_atom_site.group_PDB 
_atom_site.id 
_atom_site.type_symbol 
_atom_site.label_atom_id 
_atom_site.label_alt_id 
_atom_site.label_comp_id 
_atom_site.label_asym_id 
_atom_site.label_entity_id 
_atom_site.label_seq_id 
_atom_site.pdbx_PDB_ins_code 
_atom_site.Cartn_x 
_atom_site.Cartn_y 
_atom_site.Cartn_z 
_atom_site.occupancy 
_atom_site.B_iso_or_equiv 
_atom_site.pdbx_formal_charge 
_atom_site.auth_seq_id 
_atom_site.auth_comp_id 
_atom_site.auth_asym_id 
_atom_site.auth_atom_id 
_atom_site.pdbx_PDB_model_num 
ATOM   1    N  N   . THR A 1 10  ? 16.262  4.216   -3.411  1.00 20.44 ? 16  THR A N   1 
ATOM   2    C  CA  . THR A 1 10  ? 14.902  4.070   -4.012  1.00 20.15 ? 16  THR A CA  1 
ATOM   3    C  C   . THR A 1 10  ? 14.827  4.623   -5.442  1.00 19.24 ? 16  THR A C   1 
ATOM   4    O  O   . THR A 1 10  ? 15.523  5.569   -5.797  1.00 18.51 ? 16  THR A O   1 
ATOM   5    C  CB  . THR A 1 10  ? 13.755  4.647   -3.112  1.00 20.91 ? 16  THR A CB  1 
ATOM   6    O  OG1 . THR A 1 10  ? 13.492  6.021   -3.425  1.00 21.90 ? 16  THR A OG1 1 
ATOM   7    C  CG2 . THR A 1 10  ? 14.077  4.485   -1.609  1.00 21.42 ? 16  THR A CG2 1 
ATOM   8    N  N   . GLU A 1 11  ? 13.962  4.019   -6.247  1.00 18.73 ? 17  GLU A N   1 
ATOM   9    C  CA  . GLU A 1 11  ? 13.863  4.319   -7.669  1.00 18.60 ? 17  GLU A CA  1 
ATOM   10   C  C   . GLU A 1 11  ? 12.775  5.337   -7.924  1.00 18.79 ? 17  GLU A C   1 
ATOM   11   O  O   . GLU A 1 11  ? 11.785  5.389   -7.198  1.00 17.07 ? 17  GLU A O   1 
ATOM   12   C  CB  . GLU A 1 11  ? 13.529  3.042   -8.443  1.00 18.88 ? 17  GLU A CB  1 
ATOM   13   C  CG  . GLU A 1 11  ? 14.504  1.905   -8.221  1.00 19.90 ? 17  GLU A CG  1 
ATOM   14   C  CD  . GLU A 1 11  ? 15.842  2.186   -8.854  1.00 22.19 ? 17  GLU A CD  1 
ATOM   15   O  OE1 . GLU A 1 11  ? 16.781  2.565   -8.116  1.00 24.25 ? 17  GLU A OE1 1 
ATOM   16   O  OE2 . GLU A 1 11  ? 15.945  2.055   -10.090 1.00 21.22 ? 17  GLU A OE2 1 
ATOM   17   N  N   . ASP A 1 12  ? 12.972  6.160   -8.948  1.00 19.96 ? 18  ASP A N   1 
ATOM   18   C  CA  . ASP A 1 12  ? 11.899  6.980   -9.496  1.00 21.63 ? 18  ASP A CA  1 
ATOM   19   C  C   . ASP A 1 12  ? 11.568  6.388   -10.845 1.00 22.60 ? 18  ASP A C   1 
ATOM   20   O  O   . ASP A 1 12  ? 12.313  6.588   -11.810 1.00 22.71 ? 18  ASP A O   1 
ATOM   21   C  CB  . ASP A 1 12  ? 12.315  8.445   -9.639  1.00 22.33 ? 18  ASP A CB  1 
ATOM   22   C  CG  . ASP A 1 12  ? 12.449  9.145   -8.305  1.00 24.07 ? 18  ASP A CG  1 
ATOM   23   O  OD1 . ASP A 1 12  ? 12.767  8.467   -7.303  1.00 28.52 ? 18  ASP A OD1 1 
ATOM   24   O  OD2 . ASP A 1 12  ? 12.229  10.379  -8.242  1.00 28.39 ? 18  ASP A OD2 1 
ATOM   25   N  N   . GLY A 1 13  ? 10.473  5.628   -10.874 1.00 23.29 ? 19  GLY A N   1 
ATOM   26   C  CA  . GLY A 1 13  ? 10.059  4.846   -12.029 1.00 24.20 ? 19  GLY A CA  1 
ATOM   27   C  C   . GLY A 1 13  ? 9.546   5.745   -13.128 1.00 24.53 ? 19  GLY A C   1 
ATOM   28   O  O   . GLY A 1 13  ? 9.826   5.513   -14.314 1.00 25.49 ? 19  GLY A O   1 
ATOM   29   N  N   . GLU A 1 14  ? 8.810   6.790   -12.763 1.00 24.23 ? 20  GLU A N   1 
ATOM   30   C  CA  . GLU A 1 14  ? 8.366   7.724   -13.789 1.00 23.82 ? 20  GLU A CA  1 
ATOM   31   C  C   . GLU A 1 14  ? 8.489   9.205   -13.360 1.00 23.15 ? 20  GLU A C   1 
ATOM   32   O  O   . GLU A 1 14  ? 9.124   10.032  -14.046 1.00 23.50 ? 20  GLU A O   1 
ATOM   33   C  CB  . GLU A 1 14  ? 6.939   7.369   -14.250 1.00 24.14 ? 20  GLU A CB  1 
ATOM   34   C  CG  . GLU A 1 14  ? 6.687   7.572   -15.731 1.00 24.25 ? 20  GLU A CG  1 
ATOM   35   C  CD  . GLU A 1 14  ? 7.422   8.791   -16.266 1.00 25.47 ? 20  GLU A CD  1 
ATOM   36   O  OE1 . GLU A 1 14  ? 8.631   8.676   -16.574 1.00 24.86 ? 20  GLU A OE1 1 
ATOM   37   O  OE2 . GLU A 1 14  ? 6.804   9.873   -16.337 1.00 26.17 ? 20  GLU A OE2 1 
ATOM   38   N  N   . THR A 1 15  ? 7.876   9.513   -12.225 1.00 21.06 ? 21  THR A N   1 
ATOM   39   C  CA  . THR A 1 15  ? 7.821   10.853  -11.621 1.00 18.98 ? 21  THR A CA  1 
ATOM   40   C  C   . THR A 1 15  ? 7.310   10.518  -10.229 1.00 16.93 ? 21  THR A C   1 
ATOM   41   O  O   . THR A 1 15  ? 6.958   11.375  -9.401  1.00 16.72 ? 21  THR A O   1 
ATOM   42   C  CB  . THR A 1 15  ? 6.872   11.793  -12.396 1.00 19.44 ? 21  THR A CB  1 
ATOM   43   O  OG1 . THR A 1 15  ? 6.534   12.922  -11.581 1.00 20.95 ? 21  THR A OG1 1 
ATOM   44   C  CG2 . THR A 1 15  ? 5.610   11.060  -12.855 1.00 18.07 ? 21  THR A CG2 1 
ATOM   45   N  N   . VAL A 1 16  ? 7.308   9.211   -10.007 1.00 14.05 ? 22  VAL A N   1 
ATOM   46   C  CA  . VAL A 1 16  ? 6.809   8.585   -8.800  1.00 11.53 ? 22  VAL A CA  1 
ATOM   47   C  C   . VAL A 1 16  ? 7.971   7.817   -8.186  1.00 10.15 ? 22  VAL A C   1 
ATOM   48   O  O   . VAL A 1 16  ? 8.710   7.125   -8.907  1.00 9.53  ? 22  VAL A O   1 
ATOM   49   C  CB  . VAL A 1 16  ? 5.645   7.623   -9.150  1.00 11.15 ? 22  VAL A CB  1 
ATOM   50   C  CG1 . VAL A 1 16  ? 5.051   6.991   -7.910  1.00 12.35 ? 22  VAL A CG1 1 
ATOM   51   C  CG2 . VAL A 1 16  ? 4.553   8.382   -9.947  1.00 11.88 ? 22  VAL A CG2 1 
ATOM   52   N  N   . LYS A 1 17  ? 8.127   7.975   -6.868  1.00 8.70  ? 23  LYS A N   1 
ATOM   53   C  CA  . LYS A 1 17  ? 9.123   7.266   -6.088  1.00 8.51  ? 23  LYS A CA  1 
ATOM   54   C  C   . LYS A 1 17  ? 8.596   5.874   -5.805  1.00 7.50  ? 23  LYS A C   1 
ATOM   55   O  O   . LYS A 1 17  ? 7.412   5.706   -5.491  1.00 7.22  ? 23  LYS A O   1 
ATOM   56   C  CB  . LYS A 1 17  ? 9.409   7.989   -4.763  1.00 8.19  ? 23  LYS A CB  1 
ATOM   57   C  CG  . LYS A 1 17  ? 10.341  9.199   -4.922  1.00 9.64  ? 23  LYS A CG  1 
ATOM   58   C  CD  . LYS A 1 17  ? 10.618  9.876   -3.598  1.00 11.47 ? 23  LYS A CD  1 
ATOM   59   C  CE  . LYS A 1 17  ? 11.553  11.066  -3.805  1.00 16.22 ? 23  LYS A CE  1 
ATOM   60   N  NZ  . LYS A 1 17  ? 11.348  12.115  -2.767  1.00 21.29 ? 23  LYS A NZ  1 
ATOM   61   N  N   . VAL A 1 18  ? 9.486   4.894   -5.935  1.00 6.11  ? 24  VAL A N   1 
ATOM   62   C  CA  . VAL A 1 18  ? 9.183   3.492   -5.628  1.00 4.89  ? 24  VAL A CA  1 
ATOM   63   C  C   . VAL A 1 18  ? 10.057  3.059   -4.445  1.00 4.97  ? 24  VAL A C   1 
ATOM   64   O  O   . VAL A 1 18  ? 11.275  2.867   -4.581  1.00 5.25  ? 24  VAL A O   1 
ATOM   65   C  CB  . VAL A 1 18  ? 9.408   2.573   -6.854  1.00 4.26  ? 24  VAL A CB  1 
ATOM   66   C  CG1 . VAL A 1 18  ? 8.960   1.151   -6.569  1.00 6.25  ? 24  VAL A CG1 1 
ATOM   67   C  CG2 . VAL A 1 18  ? 8.665   3.113   -8.074  1.00 4.16  ? 24  VAL A CG2 1 
ATOM   68   N  N   . PHE A 1 19  ? 9.433   2.929   -3.289  1.00 4.91  ? 25  PHE A N   1 
ATOM   69   C  CA  . PHE A 1 19  ? 10.134  2.520   -2.074  1.00 4.68  ? 25  PHE A CA  1 
ATOM   70   C  C   . PHE A 1 19  ? 10.187  1.015   -1.941  1.00 6.00  ? 25  PHE A C   1 
ATOM   71   O  O   . PHE A 1 19  ? 9.368   0.321   -2.535  1.00 5.02  ? 25  PHE A O   1 
ATOM   72   C  CB  . PHE A 1 19  ? 9.491   3.128   -0.839  1.00 5.82  ? 25  PHE A CB  1 
ATOM   73   C  CG  . PHE A 1 19  ? 9.566   4.610   -0.820  1.00 4.53  ? 25  PHE A CG  1 
ATOM   74   C  CD1 . PHE A 1 19  ? 10.691  5.248   -0.309  1.00 5.06  ? 25  PHE A CD1 1 
ATOM   75   C  CD2 . PHE A 1 19  ? 8.517   5.380   -1.320  1.00 6.62  ? 25  PHE A CD2 1 
ATOM   76   C  CE1 . PHE A 1 19  ? 10.782  6.632   -0.282  1.00 4.95  ? 25  PHE A CE1 1 
ATOM   77   C  CE2 . PHE A 1 19  ? 8.629   6.778   -1.341  1.00 6.56  ? 25  PHE A CE2 1 
ATOM   78   C  CZ  . PHE A 1 19  ? 9.755   7.396   -0.808  1.00 6.70  ? 25  PHE A CZ  1 
ATOM   79   N  N   . GLU A 1 20  ? 11.174  0.550   -1.172  1.00 6.49  ? 26  GLU A N   1 
ATOM   80   C  CA  . GLU A 1 20  ? 11.424  -0.886  -0.921  1.00 7.74  ? 26  GLU A CA  1 
ATOM   81   C  C   . GLU A 1 20  ? 11.158  -1.297  0.513   1.00 7.16  ? 26  GLU A C   1 
ATOM   82   O  O   . GLU A 1 20  ? 11.252  -2.470  0.853   1.00 5.57  ? 26  GLU A O   1 
ATOM   83   C  CB  . GLU A 1 20  ? 12.879  -1.244  -1.283  1.00 7.52  ? 26  GLU A CB  1 
ATOM   84   C  CG  . GLU A 1 20  ? 13.092  -1.512  -2.772  1.00 13.02 ? 26  GLU A CG  1 
ATOM   85   C  CD  . GLU A 1 20  ? 14.409  -2.241  -3.052  1.00 12.88 ? 26  GLU A CD  1 
ATOM   86   O  OE1 . GLU A 1 20  ? 15.361  -2.112  -2.238  1.00 20.74 ? 26  GLU A OE1 1 
ATOM   87   O  OE2 . GLU A 1 20  ? 14.492  -2.954  -4.085  1.00 20.41 ? 26  GLU A OE2 1 
ATOM   88   N  N   . ASP A 1 21  ? 10.878  -0.328  1.379   1.00 7.31  ? 27  ASP A N   1 
ATOM   89   C  CA  . ASP A 1 21  ? 10.503  -0.638  2.756   1.00 9.08  ? 27  ASP A CA  1 
ATOM   90   C  C   . ASP A 1 21  ? 9.487   0.321   3.323   1.00 8.50  ? 27  ASP A C   1 
ATOM   91   O  O   . ASP A 1 21  ? 9.404   1.486   2.897   1.00 9.36  ? 27  ASP A O   1 
ATOM   92   C  CB  . ASP A 1 21  ? 11.733  -0.620  3.654   1.00 9.06  ? 27  ASP A CB  1 
ATOM   93   C  CG  . ASP A 1 21  ? 12.530  0.638   3.485   1.00 12.00 ? 27  ASP A CG  1 
ATOM   94   O  OD1 . ASP A 1 21  ? 12.170  1.674   4.087   1.00 13.36 ? 27  ASP A OD1 1 
ATOM   95   O  OD2 . ASP A 1 21  ? 13.527  0.587   2.739   1.00 16.92 ? 27  ASP A OD2 1 
ATOM   96   N  N   . LEU A 1 22  ? 8.755   -0.166  4.319   1.00 8.43  ? 28  LEU A N   1 
ATOM   97   C  CA  . LEU A 1 22  ? 7.706   0.604   4.967   1.00 8.71  ? 28  LEU A CA  1 
ATOM   98   C  C   . LEU A 1 22  ? 8.227   1.900   5.559   1.00 7.77  ? 28  LEU A C   1 
ATOM   99   O  O   . LEU A 1 22  ? 7.557   2.937   5.471   1.00 7.42  ? 28  LEU A O   1 
ATOM   100  C  CB  . LEU A 1 22  ? 7.027   -0.232  6.070   1.00 9.34  ? 28  LEU A CB  1 
ATOM   101  C  CG  . LEU A 1 22  ? 5.968   -1.256  5.683   1.00 11.62 ? 28  LEU A CG  1 
ATOM   102  C  CD1 . LEU A 1 22  ? 5.643   -2.097  6.899   1.00 14.00 ? 28  LEU A CD1 1 
ATOM   103  C  CD2 . LEU A 1 22  ? 4.713   -0.550  5.155   1.00 14.86 ? 28  LEU A CD2 1 
ATOM   104  N  N   . GLN A 1 23  ? 9.408   1.856   6.177   1.00 6.22  ? 29  GLN A N   1 
ATOM   105  C  CA  . GLN A 1 23  ? 9.941   3.069   6.802   1.00 5.87  ? 29  GLN A CA  1 
ATOM   106  C  C   . GLN A 1 23  ? 10.072  4.225   5.799   1.00 5.38  ? 29  GLN A C   1 
ATOM   107  O  O   . GLN A 1 23  ? 9.667   5.356   6.103   1.00 4.60  ? 29  GLN A O   1 
ATOM   108  C  CB  . GLN A 1 23  ? 11.281  2.784   7.511   1.00 5.80  ? 29  GLN A CB  1 
ATOM   109  C  CG  . GLN A 1 23  ? 11.956  3.999   8.169   1.00 8.63  ? 29  GLN A CG  1 
ATOM   110  C  CD  . GLN A 1 23  ? 11.240  4.572   9.399   1.00 10.12 ? 29  GLN A CD  1 
ATOM   111  O  OE1 . GLN A 1 23  ? 10.231  4.032   9.891   1.00 9.45  ? 29  GLN A OE1 1 
ATOM   112  N  NE2 . GLN A 1 23  ? 11.783  5.680   9.917   1.00 10.10 ? 29  GLN A NE2 1 
ATOM   113  N  N   . GLY A 1 24  ? 10.674  3.955   4.631   1.00 4.57  ? 30  GLY A N   1 
ATOM   114  C  CA  . GLY A 1 24  ? 10.877  5.005   3.623   1.00 3.86  ? 30  GLY A CA  1 
ATOM   115  C  C   . GLY A 1 24  ? 9.553   5.545   3.098   1.00 4.45  ? 30  GLY A C   1 
ATOM   116  O  O   . GLY A 1 24  ? 9.375   6.755   2.965   1.00 4.64  ? 30  GLY A O   1 
ATOM   117  N  N   . PHE A 1 25  ? 8.643   4.630   2.813   1.00 5.41  ? 31  PHE A N   1 
ATOM   118  C  CA  . PHE A 1 25  ? 7.294   4.936   2.326   1.00 7.03  ? 31  PHE A CA  1 
ATOM   119  C  C   . PHE A 1 25  ? 6.516   5.781   3.339   1.00 6.61  ? 31  PHE A C   1 
ATOM   120  O  O   . PHE A 1 25  ? 5.975   6.848   3.003   1.00 6.97  ? 31  PHE A O   1 
ATOM   121  C  CB  . PHE A 1 25  ? 6.621   3.589   2.070   1.00 6.69  ? 31  PHE A CB  1 
ATOM   122  C  CG  . PHE A 1 25  ? 5.188   3.655   1.629   1.00 8.26  ? 31  PHE A CG  1 
ATOM   123  C  CD1 . PHE A 1 25  ? 4.851   3.926   0.291   1.00 7.58  ? 31  PHE A CD1 1 
ATOM   124  C  CD2 . PHE A 1 25  ? 4.178   3.332   2.525   1.00 10.02 ? 31  PHE A CD2 1 
ATOM   125  C  CE1 . PHE A 1 25  ? 3.503   3.941   -0.105  1.00 8.97  ? 31  PHE A CE1 1 
ATOM   126  C  CE2 . PHE A 1 25  ? 2.831   3.324   2.118   1.00 12.04 ? 31  PHE A CE2 1 
ATOM   127  C  CZ  . PHE A 1 25  ? 2.512   3.617   0.810   1.00 8.03  ? 31  PHE A CZ  1 
ATOM   128  N  N   . GLU A 1 26  ? 6.474   5.325   4.585   1.00 7.00  ? 32  GLU A N   1 
ATOM   129  C  CA  . GLU A 1 26  ? 5.738   6.031   5.603   1.00 7.65  ? 32  GLU A CA  1 
ATOM   130  C  C   . GLU A 1 26  ? 6.331   7.408   5.872   1.00 6.86  ? 32  GLU A C   1 
ATOM   131  O  O   . GLU A 1 26  ? 5.590   8.375   6.065   1.00 6.93  ? 32  GLU A O   1 
ATOM   132  C  CB  . GLU A 1 26  ? 5.753   5.204   6.889   1.00 8.80  ? 32  GLU A CB  1 
ATOM   133  C  CG  . GLU A 1 26  ? 4.514   5.362   7.715   1.00 15.61 ? 32  GLU A CG  1 
ATOM   134  C  CD  . GLU A 1 26  ? 4.693   6.198   8.959   1.00 20.08 ? 32  GLU A CD  1 
ATOM   135  O  OE1 . GLU A 1 26  ? 5.786   6.803   9.165   1.00 24.82 ? 32  GLU A OE1 1 
ATOM   136  O  OE2 . GLU A 1 26  ? 3.712   6.249   9.739   1.00 20.95 ? 32  GLU A OE2 1 
ATOM   137  N  N   . THR A 1 27  ? 7.661   7.478   5.899   1.00 6.32  ? 33  THR A N   1 
ATOM   138  C  CA  . THR A 1 27  ? 8.348   8.745   6.143   1.00 6.54  ? 33  THR A CA  1 
ATOM   139  C  C   . THR A 1 27  ? 8.072   9.724   5.004   1.00 6.19  ? 33  THR A C   1 
ATOM   140  O  O   . THR A 1 27  ? 7.827   10.908  5.258   1.00 6.72  ? 33  THR A O   1 
ATOM   141  C  CB  . THR A 1 27  ? 9.852   8.517   6.318   1.00 6.62  ? 33  THR A CB  1 
ATOM   142  O  OG1 . THR A 1 27  ? 10.054  7.821   7.556   1.00 8.56  ? 33  THR A OG1 1 
ATOM   143  C  CG2 . THR A 1 27  ? 10.590  9.852   6.372   1.00 7.80  ? 33  THR A CG2 1 
ATOM   144  N  N   . PHE A 1 28  ? 8.108   9.229   3.764   1.00 5.56  ? 34  PHE A N   1 
ATOM   145  C  CA  . PHE A 1 28  ? 7.750   10.070  2.611   1.00 5.89  ? 34  PHE A CA  1 
ATOM   146  C  C   . PHE A 1 28  ? 6.360   10.708  2.789   1.00 5.59  ? 34  PHE A C   1 
ATOM   147  O  O   . PHE A 1 28  ? 6.214   11.943  2.691   1.00 5.70  ? 34  PHE A O   1 
ATOM   148  C  CB  . PHE A 1 28  ? 7.805   9.272   1.302   1.00 5.85  ? 34  PHE A CB  1 
ATOM   149  C  CG  . PHE A 1 28  ? 7.518   10.109  0.090   1.00 5.59  ? 34  PHE A CG  1 
ATOM   150  C  CD1 . PHE A 1 28  ? 8.422   11.083  -0.321  1.00 9.63  ? 34  PHE A CD1 1 
ATOM   151  C  CD2 . PHE A 1 28  ? 6.308   9.984   -0.581  1.00 9.07  ? 34  PHE A CD2 1 
ATOM   152  C  CE1 . PHE A 1 28  ? 8.150   11.872  -1.427  1.00 10.12 ? 34  PHE A CE1 1 
ATOM   153  C  CE2 . PHE A 1 28  ? 6.028   10.792  -1.696  1.00 10.19 ? 34  PHE A CE2 1 
ATOM   154  C  CZ  . PHE A 1 28  ? 6.952   11.715  -2.109  1.00 9.25  ? 34  PHE A CZ  1 
ATOM   155  N  N   . ILE A 1 29  ? 5.348   9.885   3.092   1.00 5.08  ? 35  ILE A N   1 
ATOM   156  C  CA  . ILE A 1 29  ? 3.966   10.379  3.235   1.00 4.55  ? 35  ILE A CA  1 
ATOM   157  C  C   . ILE A 1 29  ? 3.873   11.399  4.376   1.00 4.84  ? 35  ILE A C   1 
ATOM   158  O  O   . ILE A 1 29  ? 3.265   12.465  4.224   1.00 5.13  ? 35  ILE A O   1 
ATOM   159  C  CB  . ILE A 1 29  ? 2.900   9.242   3.346   1.00 5.51  ? 35  ILE A CB  1 
ATOM   160  C  CG1 . ILE A 1 29  ? 2.916   8.355   2.095   1.00 5.13  ? 35  ILE A CG1 1 
ATOM   161  C  CG2 . ILE A 1 29  ? 1.484   9.821   3.643   1.00 5.97  ? 35  ILE A CG2 1 
ATOM   162  C  CD1 . ILE A 1 29  ? 2.182   7.032   2.304   1.00 5.32  ? 35  ILE A CD1 1 
ATOM   163  N  N   . ALA A 1 30  ? 4.519   11.076  5.489   1.00 3.86  ? 36  ALA A N   1 
ATOM   164  C  CA  . ALA A 1 30  ? 4.524   11.969  6.659   1.00 4.07  ? 36  ALA A CA  1 
ATOM   165  C  C   . ALA A 1 30  ? 5.176   13.302  6.336   1.00 4.49  ? 36  ALA A C   1 
ATOM   166  O  O   . ALA A 1 30  ? 4.624   14.361  6.657   1.00 4.98  ? 36  ALA A O   1 
ATOM   167  C  CB  . ALA A 1 30  ? 5.251   11.283  7.839   1.00 4.23  ? 36  ALA A CB  1 
ATOM   168  N  N   . ASN A 1 31  ? 6.338   13.263  5.689   1.00 4.54  ? 37  ASN A N   1 
ATOM   169  C  CA  . ASN A 1 31  ? 7.067   14.505  5.381   1.00 4.35  ? 37  ASN A CA  1 
ATOM   170  C  C   . ASN A 1 31  ? 6.274   15.342  4.390   1.00 4.62  ? 37  ASN A C   1 
ATOM   171  O  O   . ASN A 1 31  ? 6.232   16.567  4.477   1.00 5.66  ? 37  ASN A O   1 
ATOM   172  C  CB  . ASN A 1 31  ? 8.456   14.215  4.803   1.00 4.65  ? 37  ASN A CB  1 
ATOM   173  C  CG  . ASN A 1 31  ? 9.422   13.660  5.820   1.00 6.77  ? 37  ASN A CG  1 
ATOM   174  O  OD1 . ASN A 1 31  ? 9.227   13.766  7.038   1.00 11.93 ? 37  ASN A OD1 1 
ATOM   175  N  ND2 . ASN A 1 31  ? 10.505  13.088  5.324   1.00 8.95  ? 37  ASN A ND2 1 
ATOM   176  N  N   . GLU A 1 32  ? 5.605   14.675  3.446   1.00 4.61  ? 38  GLU A N   1 
ATOM   177  C  CA  . GLU A 1 32  ? 4.895   15.423  2.422   1.00 4.54  ? 38  GLU A CA  1 
ATOM   178  C  C   . GLU A 1 32  ? 3.635   16.030  3.013   1.00 4.48  ? 38  GLU A C   1 
ATOM   179  O  O   . GLU A 1 32  ? 3.177   17.050  2.532   1.00 5.99  ? 38  GLU A O   1 
ATOM   180  C  CB  . GLU A 1 32  ? 4.575   14.544  1.232   1.00 5.20  ? 38  GLU A CB  1 
ATOM   181  C  CG  . GLU A 1 32  ? 5.820   14.238  0.405   1.00 6.49  ? 38  GLU A CG  1 
ATOM   182  C  CD  . GLU A 1 32  ? 6.397   15.466  -0.278  1.00 9.08  ? 38  GLU A CD  1 
ATOM   183  O  OE1 . GLU A 1 32  ? 5.640   16.190  -0.945  1.00 10.95 ? 38  GLU A OE1 1 
ATOM   184  O  OE2 . GLU A 1 32  ? 7.618   15.708  -0.160  1.00 14.91 ? 38  GLU A OE2 1 
ATOM   185  N  N   . THR A 1 33  ? 3.112   15.407  4.061   1.00 4.51  ? 39  THR A N   1 
ATOM   186  C  CA  . THR A 1 33  ? 1.997   15.978  4.823   1.00 5.48  ? 39  THR A CA  1 
ATOM   187  C  C   . THR A 1 33  ? 2.461   17.242  5.559   1.00 5.38  ? 39  THR A C   1 
ATOM   188  O  O   . THR A 1 33  ? 1.799   18.277  5.465   1.00 6.57  ? 39  THR A O   1 
ATOM   189  C  CB  . THR A 1 33  ? 1.380   14.945  5.789   1.00 5.67  ? 39  THR A CB  1 
ATOM   190  O  OG1 . THR A 1 33  ? 0.865   13.862  5.006   1.00 6.44  ? 39  THR A OG1 1 
ATOM   191  C  CG2 . THR A 1 33  ? 0.219   15.559  6.564   1.00 5.48  ? 39  THR A CG2 1 
ATOM   192  N  N   . GLU A 1 34  ? 3.615   17.181  6.243   1.00 5.64  ? 40  GLU A N   1 
ATOM   193  C  CA  . GLU A 1 34  ? 4.192   18.352  6.920   1.00 6.32  ? 40  GLU A CA  1 
ATOM   194  C  C   . GLU A 1 34  ? 4.449   19.484  5.916   1.00 6.66  ? 40  GLU A C   1 
ATOM   195  O  O   . GLU A 1 34  ? 4.315   20.668  6.238   1.00 6.76  ? 40  GLU A O   1 
ATOM   196  C  CB  . GLU A 1 34  ? 5.492   17.965  7.636   1.00 5.92  ? 40  GLU A CB  1 
ATOM   197  C  CG  . GLU A 1 34  ? 6.298   19.129  8.222   1.00 7.62  ? 40  GLU A CG  1 
ATOM   198  C  CD  . GLU A 1 34  ? 5.604   19.830  9.370   1.00 12.00 ? 40  GLU A CD  1 
ATOM   199  O  OE1 . GLU A 1 34  ? 4.612   19.293  9.913   1.00 11.95 ? 40  GLU A OE1 1 
ATOM   200  O  OE2 . GLU A 1 34  ? 6.064   20.942  9.733   1.00 9.98  ? 40  GLU A OE2 1 
ATOM   201  N  N   . ASP A 1 35  ? 4.779   19.105  4.683   1.00 6.89  ? 41  ASP A N   1 
ATOM   202  C  CA  . ASP A 1 35  ? 5.142   20.061  3.657   1.00 7.84  ? 41  ASP A CA  1 
ATOM   203  C  C   . ASP A 1 35  ? 3.941   20.553  2.864   1.00 7.29  ? 41  ASP A C   1 
ATOM   204  O  O   . ASP A 1 35  ? 4.117   21.200  1.830   1.00 6.42  ? 41  ASP A O   1 
ATOM   205  C  CB  . ASP A 1 35  ? 6.168   19.448  2.695   1.00 9.40  ? 41  ASP A CB  1 
ATOM   206  C  CG  . ASP A 1 35  ? 7.568   19.341  3.302   1.00 13.03 ? 41  ASP A CG  1 
ATOM   207  O  OD1 . ASP A 1 35  ? 7.797   19.847  4.428   1.00 17.16 ? 41  ASP A OD1 1 
ATOM   208  O  OD2 . ASP A 1 35  ? 8.446   18.748  2.637   1.00 19.53 ? 41  ASP A OD2 1 
ATOM   209  N  N   . ASP A 1 36  ? 2.730   20.267  3.346   1.00 6.89  ? 42  ASP A N   1 
ATOM   210  C  CA  . ASP A 1 36  ? 1.500   20.794  2.748   1.00 8.18  ? 42  ASP A CA  1 
ATOM   211  C  C   . ASP A 1 36  ? 1.223   20.230  1.337   1.00 7.61  ? 42  ASP A C   1 
ATOM   212  O  O   . ASP A 1 36  ? 0.453   20.816  0.573   1.00 8.41  ? 42  ASP A O   1 
ATOM   213  C  CB  . ASP A 1 36  ? 1.522   22.340  2.750   1.00 9.23  ? 42  ASP A CB  1 
ATOM   214  C  CG  . ASP A 1 36  ? 0.136   22.961  2.678   1.00 12.91 ? 42  ASP A CG  1 
ATOM   215  O  OD1 . ASP A 1 36  ? -0.811  22.398  3.255   1.00 15.46 ? 42  ASP A OD1 1 
ATOM   216  O  OD2 . ASP A 1 36  ? 0.007   24.041  2.051   1.00 18.20 ? 42  ASP A OD2 1 
ATOM   217  N  N   . ASP A 1 37  ? 1.804   19.064  1.024   1.00 5.79  ? 43  ASP A N   1 
ATOM   218  C  CA  . ASP A 1 37  ? 1.660   18.455  -0.303  1.00 5.11  ? 43  ASP A CA  1 
ATOM   219  C  C   . ASP A 1 37  ? 0.701   17.257  -0.344  1.00 5.67  ? 43  ASP A C   1 
ATOM   220  O  O   . ASP A 1 37  ? 0.616   16.535  -1.355  1.00 5.59  ? 43  ASP A O   1 
ATOM   221  C  CB  . ASP A 1 37  ? 3.047   18.031  -0.824  1.00 4.77  ? 43  ASP A CB  1 
ATOM   222  C  CG  . ASP A 1 37  ? 3.928   19.199  -1.157  1.00 6.88  ? 43  ASP A CG  1 
ATOM   223  O  OD1 . ASP A 1 37  ? 3.408   20.252  -1.545  1.00 7.93  ? 43  ASP A OD1 1 
ATOM   224  O  OD2 . ASP A 1 37  ? 5.166   19.060  -1.030  1.00 10.83 ? 43  ASP A OD2 1 
ATOM   225  N  N   . PHE A 1 38  ? -0.074  17.110  0.738   1.00 5.13  ? 44  PHE A N   1 
ATOM   226  C  CA  . PHE A 1 38  ? -0.812  15.893  1.060   1.00 5.93  ? 44  PHE A CA  1 
ATOM   227  C  C   . PHE A 1 38  ? -1.897  15.514  0.031   1.00 5.64  ? 44  PHE A C   1 
ATOM   228  O  O   . PHE A 1 38  ? -2.256  14.334  -0.076  1.00 6.55  ? 44  PHE A O   1 
ATOM   229  C  CB  . PHE A 1 38  ? -1.461  16.052  2.458   1.00 5.82  ? 44  PHE A CB  1 
ATOM   230  C  CG  . PHE A 1 38  ? -2.329  17.260  2.572   1.00 6.87  ? 44  PHE A CG  1 
ATOM   231  C  CD1 . PHE A 1 38  ? -3.677  17.199  2.254   1.00 5.71  ? 44  PHE A CD1 1 
ATOM   232  C  CD2 . PHE A 1 38  ? -1.792  18.485  2.960   1.00 5.67  ? 44  PHE A CD2 1 
ATOM   233  C  CE1 . PHE A 1 38  ? -4.497  18.343  2.316   1.00 9.69  ? 44  PHE A CE1 1 
ATOM   234  C  CE2 . PHE A 1 38  ? -2.597  19.630  3.025   1.00 8.39  ? 44  PHE A CE2 1 
ATOM   235  C  CZ  . PHE A 1 38  ? -3.931  19.565  2.692   1.00 7.87  ? 44  PHE A CZ  1 
ATOM   236  N  N   . ASP A 1 39  ? -2.426  16.521  -0.673  1.00 5.13  ? 45  ASP A N   1 
ATOM   237  C  CA  . ASP A 1 39  ? -3.494  16.338  -1.669  1.00 4.94  ? 45  ASP A CA  1 
ATOM   238  C  C   . ASP A 1 39  ? -3.014  16.100  -3.095  1.00 4.70  ? 45  ASP A C   1 
ATOM   239  O  O   . ASP A 1 39  ? -3.821  15.971  -4.009  1.00 5.26  ? 45  ASP A O   1 
ATOM   240  C  CB  . ASP A 1 39  ? -4.535  17.481  -1.607  1.00 3.00  ? 45  ASP A CB  1 
ATOM   241  C  CG  . ASP A 1 39  ? -3.934  18.881  -1.817  1.00 5.37  ? 45  ASP A CG  1 
ATOM   242  O  OD1 . ASP A 1 39  ? -2.694  19.064  -1.769  1.00 5.86  ? 45  ASP A OD1 1 
ATOM   243  O  OD2 . ASP A 1 39  ? -4.740  19.813  -2.048  1.00 7.01  ? 45  ASP A OD2 1 
ATOM   244  N  N   . HIS A 1 40  ? -1.696  16.052  -3.293  1.00 4.81  ? 46  HIS A N   1 
ATOM   245  C  CA  . HIS A 1 40  ? -1.129  15.724  -4.603  1.00 5.29  ? 46  HIS A CA  1 
ATOM   246  C  C   . HIS A 1 40  ? 0.040   14.765  -4.430  1.00 5.51  ? 46  HIS A C   1 
ATOM   247  O  O   . HIS A 1 40  ? 1.188   15.075  -4.795  1.00 5.70  ? 46  HIS A O   1 
ATOM   248  C  CB  . HIS A 1 40  ? -0.660  16.974  -5.358  1.00 5.86  ? 46  HIS A CB  1 
ATOM   249  C  CG  . HIS A 1 40  ? -1.766  17.787  -5.952  1.00 7.76  ? 46  HIS A CG  1 
ATOM   250  N  ND1 . HIS A 1 40  ? -2.446  17.399  -7.085  1.00 9.00  ? 46  HIS A ND1 1 
ATOM   251  C  CD2 . HIS A 1 40  ? -2.280  18.983  -5.595  1.00 11.30 ? 46  HIS A CD2 1 
ATOM   252  C  CE1 . HIS A 1 40  ? -3.348  18.314  -7.388  1.00 9.38  ? 46  HIS A CE1 1 
ATOM   253  N  NE2 . HIS A 1 40  ? -3.255  19.295  -6.508  1.00 10.76 ? 46  HIS A NE2 1 
ATOM   254  N  N   . LEU A 1 41  ? -0.222  13.606  -3.835  1.00 5.27  ? 47  LEU A N   1 
ATOM   255  C  CA  . LEU A 1 41  ? 0.865   12.658  -3.608  1.00 6.58  ? 47  LEU A CA  1 
ATOM   256  C  C   . LEU A 1 41  ? 0.672   11.400  -4.386  1.00 7.73  ? 47  LEU A C   1 
ATOM   257  O  O   . LEU A 1 41  ? -0.458  10.948  -4.589  1.00 8.40  ? 47  LEU A O   1 
ATOM   258  C  CB  . LEU A 1 41  ? 0.902   12.204  -2.159  1.00 7.49  ? 47  LEU A CB  1 
ATOM   259  C  CG  . LEU A 1 41  ? 1.216   13.187  -1.064  1.00 8.48  ? 47  LEU A CG  1 
ATOM   260  C  CD1 . LEU A 1 41  ? 1.474   12.396  0.238   1.00 10.05 ? 47  LEU A CD1 1 
ATOM   261  C  CD2 . LEU A 1 41  ? 2.442   14.018  -1.455  1.00 15.27 ? 47  LEU A CD2 1 
ATOM   262  N  N   . HIS A 1 42  ? 1.795   10.788  -4.731  1.00 7.45  ? 48  HIS A N   1 
ATOM   263  C  CA  . HIS A 1 42  ? 1.774   9.524   -5.416  1.00 7.16  ? 48  HIS A CA  1 
ATOM   264  C  C   . HIS A 1 42  ? 3.134   8.905   -5.177  1.00 7.55  ? 48  HIS A C   1 
ATOM   265  O  O   . HIS A 1 42  ? 4.152   9.471   -5.578  1.00 8.69  ? 48  HIS A O   1 
ATOM   266  C  CB  . HIS A 1 42  ? 1.535   9.771   -6.888  1.00 7.16  ? 48  HIS A CB  1 
ATOM   267  C  CG  . HIS A 1 42  ? 1.262   8.540   -7.700  1.00 7.29  ? 48  HIS A CG  1 
ATOM   268  N  ND1 . HIS A 1 42  ? 1.031   7.292   -7.148  1.00 8.53  ? 48  HIS A ND1 1 
ATOM   269  C  CD2 . HIS A 1 42  ? 1.157   8.384   -9.037  1.00 7.62  ? 48  HIS A CD2 1 
ATOM   270  C  CE1 . HIS A 1 42  ? 0.821   6.422   -8.119  1.00 4.71  ? 48  HIS A CE1 1 
ATOM   271  N  NE2 . HIS A 1 42  ? 0.898   7.058   -9.274  1.00 11.10 ? 48  HIS A NE2 1 
ATOM   272  N  N   . CYS A 1 43  ? 3.136   7.761   -4.517  1.00 6.64  ? 49  CYS A N   1 
ATOM   273  C  CA  . CYS A 1 43  ? 4.347   6.969   -4.327  1.00 6.79  ? 49  CYS A CA  1 
ATOM   274  C  C   . CYS A 1 43  ? 3.955   5.490   -4.321  1.00 6.10  ? 49  CYS A C   1 
ATOM   275  O  O   . CYS A 1 43  ? 2.773   5.140   -4.175  1.00 6.07  ? 49  CYS A O   1 
ATOM   276  C  CB  . CYS A 1 43  ? 5.070   7.351   -3.040  1.00 6.96  ? 49  CYS A CB  1 
ATOM   277  S  SG  . CYS A 1 43  ? 4.043   7.246   -1.580  1.00 10.60 ? 49  CYS A SG  1 
ATOM   278  N  N   . LYS A 1 44  ? 4.945   4.633   -4.520  1.00 5.15  ? 50  LYS A N   1 
ATOM   279  C  CA  . LYS A 1 44  ? 4.728   3.190   -4.559  1.00 4.78  ? 50  LYS A CA  1 
ATOM   280  C  C   . LYS A 1 44  ? 5.634   2.522   -3.537  1.00 4.19  ? 50  LYS A C   1 
ATOM   281  O  O   . LYS A 1 44  ? 6.603   3.123   -3.067  1.00 4.16  ? 50  LYS A O   1 
ATOM   282  C  CB  . LYS A 1 44  ? 5.003   2.640   -5.955  1.00 3.82  ? 50  LYS A CB  1 
ATOM   283  C  CG  . LYS A 1 44  ? 3.948   3.040   -6.989  1.00 5.43  ? 50  LYS A CG  1 
ATOM   284  C  CD  . LYS A 1 44  ? 4.406   2.693   -8.385  1.00 7.06  ? 50  LYS A CD  1 
ATOM   285  C  CE  . LYS A 1 44  ? 3.402   3.140   -9.460  1.00 6.74  ? 50  LYS A CE  1 
ATOM   286  N  NZ  . LYS A 1 44  ? 2.109   2.392   -9.444  1.00 8.35  ? 50  LYS A NZ  1 
ATOM   287  N  N   . LEU A 1 45  ? 5.301   1.285   -3.189  1.00 3.11  ? 51  LEU A N   1 
ATOM   288  C  CA  . LEU A 1 45  ? 6.099   0.470   -2.285  1.00 3.23  ? 51  LEU A CA  1 
ATOM   289  C  C   . LEU A 1 45  ? 5.977   -0.951  -2.806  1.00 2.24  ? 51  LEU A C   1 
ATOM   290  O  O   . LEU A 1 45  ? 4.857   -1.459  -2.929  1.00 2.21  ? 51  LEU A O   1 
ATOM   291  C  CB  . LEU A 1 45  ? 5.546   0.528   -0.848  1.00 3.47  ? 51  LEU A CB  1 
ATOM   292  C  CG  . LEU A 1 45  ? 6.049   -0.509  0.169   1.00 3.05  ? 51  LEU A CG  1 
ATOM   293  C  CD1 . LEU A 1 45  ? 7.595   -0.417  0.358   1.00 4.28  ? 51  LEU A CD1 1 
ATOM   294  C  CD2 . LEU A 1 45  ? 5.287   -0.337  1.518   1.00 5.67  ? 51  LEU A CD2 1 
ATOM   295  N  N   . ASN A 1 46  ? 7.119   -1.564  -3.112  1.00 2.00  ? 52  ASN A N   1 
ATOM   296  C  CA  . ASN A 1 46  ? 7.187   -2.956  -3.591  1.00 2.32  ? 52  ASN A CA  1 
ATOM   297  C  C   . ASN A 1 46  ? 8.056   -3.737  -2.628  1.00 2.26  ? 52  ASN A C   1 
ATOM   298  O  O   . ASN A 1 46  ? 9.227   -3.394  -2.426  1.00 2.00  ? 52  ASN A O   1 
ATOM   299  C  CB  . ASN A 1 46  ? 7.845   -3.039  -4.971  1.00 2.79  ? 52  ASN A CB  1 
ATOM   300  C  CG  . ASN A 1 46  ? 7.115   -2.240  -6.030  1.00 3.79  ? 52  ASN A CG  1 
ATOM   301  O  OD1 . ASN A 1 46  ? 5.958   -1.851  -5.854  1.00 6.52  ? 52  ASN A OD1 1 
ATOM   302  N  ND2 . ASN A 1 46  ? 7.785   -2.028  -7.177  1.00 5.16  ? 52  ASN A ND2 1 
ATOM   303  N  N   . TYR A 1 47  ? 7.519   -4.806  -2.049  1.00 2.68  ? 53  TYR A N   1 
ATOM   304  C  CA  . TYR A 1 47  ? 8.264   -5.577  -1.062  1.00 4.00  ? 53  TYR A CA  1 
ATOM   305  C  C   . TYR A 1 47  ? 7.676   -6.955  -0.905  1.00 4.06  ? 53  TYR A C   1 
ATOM   306  O  O   . TYR A 1 47  ? 6.595   -7.237  -1.431  1.00 2.34  ? 53  TYR A O   1 
ATOM   307  C  CB  . TYR A 1 47  ? 8.292   -4.837  0.291   1.00 5.46  ? 53  TYR A CB  1 
ATOM   308  C  CG  . TYR A 1 47  ? 6.957   -4.661  0.985   1.00 6.00  ? 53  TYR A CG  1 
ATOM   309  C  CD1 . TYR A 1 47  ? 6.799   -5.038  2.322   1.00 8.43  ? 53  TYR A CD1 1 
ATOM   310  C  CD2 . TYR A 1 47  ? 5.854   -4.107  0.326   1.00 8.45  ? 53  TYR A CD2 1 
ATOM   311  C  CE1 . TYR A 1 47  ? 5.561   -4.883  2.974   1.00 9.07  ? 53  TYR A CE1 1 
ATOM   312  C  CE2 . TYR A 1 47  ? 4.631   -3.939  0.964   1.00 9.29  ? 53  TYR A CE2 1 
ATOM   313  C  CZ  . TYR A 1 47  ? 4.487   -4.332  2.289   1.00 8.62  ? 53  TYR A CZ  1 
ATOM   314  O  OH  . TYR A 1 47  ? 3.265   -4.142  2.902   1.00 8.66  ? 53  TYR A OH  1 
ATOM   315  N  N   . TYR A 1 48  ? 8.394   -7.829  -0.201  1.00 4.39  ? 54  TYR A N   1 
ATOM   316  C  CA  . TYR A 1 48  ? 7.812   -9.087  0.215   1.00 5.42  ? 54  TYR A CA  1 
ATOM   317  C  C   . TYR A 1 48  ? 7.259   -8.901  1.630   1.00 5.67  ? 54  TYR A C   1 
ATOM   318  O  O   . TYR A 1 48  ? 7.960   -8.355  2.486   1.00 7.35  ? 54  TYR A O   1 
ATOM   319  C  CB  . TYR A 1 48  ? 8.867   -10.199 0.214   1.00 5.92  ? 54  TYR A CB  1 
ATOM   320  C  CG  . TYR A 1 48  ? 9.489   -10.480 -1.132  1.00 5.48  ? 54  TYR A CG  1 
ATOM   321  C  CD1 . TYR A 1 48  ? 8.827   -11.266 -2.067  1.00 6.77  ? 54  TYR A CD1 1 
ATOM   322  C  CD2 . TYR A 1 48  ? 10.770  -10.003 -1.452  1.00 9.15  ? 54  TYR A CD2 1 
ATOM   323  C  CE1 . TYR A 1 48  ? 9.386   -11.528 -3.293  1.00 8.10  ? 54  TYR A CE1 1 
ATOM   324  C  CE2 . TYR A 1 48  ? 11.340  -10.265 -2.694  1.00 10.60 ? 54  TYR A CE2 1 
ATOM   325  C  CZ  . TYR A 1 48  ? 10.638  -11.030 -3.603  1.00 8.43  ? 54  TYR A CZ  1 
ATOM   326  O  OH  . TYR A 1 48  ? 11.194  -11.315 -4.829  1.00 9.69  ? 54  TYR A OH  1 
ATOM   327  N  N   . PRO A 1 49  ? 6.021   -9.364  1.892   1.00 6.20  ? 55  PRO A N   1 
ATOM   328  C  CA  . PRO A 1 49  ? 5.427   -9.205  3.224   1.00 5.58  ? 55  PRO A CA  1 
ATOM   329  C  C   . PRO A 1 49  ? 6.206   -10.012 4.266   1.00 5.45  ? 55  PRO A C   1 
ATOM   330  O  O   . PRO A 1 49  ? 6.733   -11.085 3.942   1.00 5.75  ? 55  PRO A O   1 
ATOM   331  C  CB  . PRO A 1 49  ? 3.991   -9.746  3.064   1.00 5.89  ? 55  PRO A CB  1 
ATOM   332  C  CG  . PRO A 1 49  ? 4.061   -10.661 1.923   1.00 5.67  ? 55  PRO A CG  1 
ATOM   333  C  CD  . PRO A 1 49  ? 5.119   -10.088 0.969   1.00 4.93  ? 55  PRO A CD  1 
ATOM   334  N  N   . PRO A 1 50  ? 6.262   -9.516  5.520   1.00 5.13  ? 56  PRO A N   1 
ATOM   335  C  CA  . PRO A 1 50  ? 7.092   -10.161 6.528   1.00 4.53  ? 56  PRO A CA  1 
ATOM   336  C  C   . PRO A 1 50  ? 6.844   -11.693 6.629   1.00 4.48  ? 56  PRO A C   1 
ATOM   337  O  O   . PRO A 1 50  ? 7.799   -12.468 6.694   1.00 4.09  ? 56  PRO A O   1 
ATOM   338  C  CB  . PRO A 1 50  ? 6.710   -9.416  7.815   1.00 5.21  ? 56  PRO A CB  1 
ATOM   339  C  CG  . PRO A 1 50  ? 6.279   -8.044  7.347   1.00 4.76  ? 56  PRO A CG  1 
ATOM   340  C  CD  . PRO A 1 50  ? 5.555   -8.323  6.041   1.00 4.46  ? 56  PRO A CD  1 
ATOM   341  N  N   . PHE A 1 51  ? 5.578   -12.117 6.683   1.00 3.69  ? 57  PHE A N   1 
ATOM   342  C  CA  . PHE A 1 51  ? 5.278   -13.532 6.939   1.00 5.10  ? 57  PHE A CA  1 
ATOM   343  C  C   . PHE A 1 51  ? 5.945   -14.436 5.880   1.00 5.22  ? 57  PHE A C   1 
ATOM   344  O  O   . PHE A 1 51  ? 6.422   -15.542 6.202   1.00 6.11  ? 57  PHE A O   1 
ATOM   345  C  CB  . PHE A 1 51  ? 3.754   -13.775 7.025   1.00 5.20  ? 57  PHE A CB  1 
ATOM   346  C  CG  . PHE A 1 51  ? 3.076   -13.759 5.696   1.00 5.59  ? 57  PHE A CG  1 
ATOM   347  C  CD1 . PHE A 1 51  ? 2.962   -14.914 4.937   1.00 6.26  ? 57  PHE A CD1 1 
ATOM   348  C  CD2 . PHE A 1 51  ? 2.584   -12.563 5.171   1.00 6.13  ? 57  PHE A CD2 1 
ATOM   349  C  CE1 . PHE A 1 51  ? 2.360   -14.890 3.648   1.00 5.70  ? 57  PHE A CE1 1 
ATOM   350  C  CE2 . PHE A 1 51  ? 1.954   -12.534 3.905   1.00 7.09  ? 57  PHE A CE2 1 
ATOM   351  C  CZ  . PHE A 1 51  ? 1.854   -13.717 3.143   1.00 7.73  ? 57  PHE A CZ  1 
ATOM   352  N  N   . VAL A 1 52  ? 6.005   -13.991 4.619   1.00 5.01  ? 58  VAL A N   1 
ATOM   353  C  CA  . VAL A 1 52  ? 6.531   -14.892 3.588   1.00 5.12  ? 58  VAL A CA  1 
ATOM   354  C  C   . VAL A 1 52  ? 8.042   -15.019 3.731   1.00 3.29  ? 58  VAL A C   1 
ATOM   355  O  O   . VAL A 1 52  ? 8.604   -16.090 3.468   1.00 5.46  ? 58  VAL A O   1 
ATOM   356  C  CB  . VAL A 1 52  ? 6.073   -14.528 2.124   1.00 5.40  ? 58  VAL A CB  1 
ATOM   357  C  CG1 . VAL A 1 52  ? 6.827   -13.311 1.595   1.00 5.57  ? 58  VAL A CG1 1 
ATOM   358  C  CG2 . VAL A 1 52  ? 6.167   -15.755 1.189   1.00 7.28  ? 58  VAL A CG2 1 
ATOM   359  N  N   . LEU A 1 53  ? 8.690   -13.957 4.205   1.00 4.21  ? 59  LEU A N   1 
ATOM   360  C  CA  . LEU A 1 53  ? 10.131  -14.036 4.436   1.00 3.34  ? 59  LEU A CA  1 
ATOM   361  C  C   . LEU A 1 53  ? 10.410  -14.903 5.644   1.00 3.03  ? 59  LEU A C   1 
ATOM   362  O  O   . LEU A 1 53  ? 11.373  -15.655 5.670   1.00 3.06  ? 59  LEU A O   1 
ATOM   363  C  CB  . LEU A 1 53  ? 10.732  -12.639 4.598   1.00 4.70  ? 59  LEU A CB  1 
ATOM   364  C  CG  . LEU A 1 53  ? 10.731  -11.881 3.274   1.00 6.53  ? 59  LEU A CG  1 
ATOM   365  C  CD1 . LEU A 1 53  ? 11.046  -10.425 3.502   1.00 9.44  ? 59  LEU A CD1 1 
ATOM   366  C  CD2 . LEU A 1 53  ? 11.709  -12.494 2.268   1.00 10.48 ? 59  LEU A CD2 1 
ATOM   367  N  N   . HIS A 1 54  ? 9.543   -14.814 6.632   1.00 4.02  ? 60  HIS A N   1 
ATOM   368  C  CA  . HIS A 1 54  ? 9.743   -15.544 7.861   1.00 4.60  ? 60  HIS A CA  1 
ATOM   369  C  C   . HIS A 1 54  ? 9.581   -17.044 7.589   1.00 4.64  ? 60  HIS A C   1 
ATOM   370  O  O   . HIS A 1 54  ? 10.199  -17.886 8.259   1.00 5.29  ? 60  HIS A O   1 
ATOM   371  C  CB  . HIS A 1 54  ? 8.788   -15.021 8.955   1.00 4.55  ? 60  HIS A CB  1 
ATOM   372  C  CG  . HIS A 1 54  ? 9.219   -13.716 9.552   1.00 4.49  ? 60  HIS A CG  1 
ATOM   373  N  ND1 . HIS A 1 54  ? 8.336   -12.742 9.972   1.00 6.78  ? 60  HIS A ND1 1 
ATOM   374  C  CD2 . HIS A 1 54  ? 10.456  -13.224 9.791   1.00 2.00  ? 60  HIS A CD2 1 
ATOM   375  C  CE1 . HIS A 1 54  ? 9.013   -11.714 10.465  1.00 3.60  ? 60  HIS A CE1 1 
ATOM   376  N  NE2 . HIS A 1 54  ? 10.301  -11.978 10.356  1.00 6.49  ? 60  HIS A NE2 1 
ATOM   377  N  N   . GLU A 1 55  ? 8.762   -17.355 6.591   1.00 4.61  ? 61  GLU A N   1 
ATOM   378  C  CA  . GLU A 1 55  ? 8.471   -18.740 6.138   1.00 6.21  ? 61  GLU A CA  1 
ATOM   379  C  C   . GLU A 1 55  ? 9.553   -19.350 5.250   1.00 6.15  ? 61  GLU A C   1 
ATOM   380  O  O   . GLU A 1 55  ? 9.514   -20.555 4.926   1.00 6.41  ? 61  GLU A O   1 
ATOM   381  C  CB  . GLU A 1 55  ? 7.205   -18.722 5.290   1.00 6.75  ? 61  GLU A CB  1 
ATOM   382  C  CG  . GLU A 1 55  ? 5.977   -18.606 6.069   1.00 11.63 ? 61  GLU A CG  1 
ATOM   383  C  CD  . GLU A 1 55  ? 4.707   -18.516 5.191   1.00 11.90 ? 61  GLU A CD  1 
ATOM   384  O  OE1 . GLU A 1 55  ? 4.750   -18.465 3.918   1.00 13.59 ? 61  GLU A OE1 1 
ATOM   385  O  OE2 . GLU A 1 55  ? 3.645   -18.466 5.835   1.00 17.41 ? 61  GLU A OE2 1 
ATOM   386  N  N   . SER A 1 56  ? 10.480  -18.508 4.810   1.00 5.76  ? 62  SER A N   1 
ATOM   387  C  CA  . SER A 1 56  ? 11.398  -18.846 3.735   1.00 5.25  ? 62  SER A CA  1 
ATOM   388  C  C   . SER A 1 56  ? 12.848  -18.538 4.088   1.00 5.49  ? 62  SER A C   1 
ATOM   389  O  O   . SER A 1 56  ? 13.629  -18.123 3.226   1.00 5.57  ? 62  SER A O   1 
ATOM   390  C  CB  . SER A 1 56  ? 10.989  -18.085 2.460   1.00 5.28  ? 62  SER A CB  1 
ATOM   391  O  OG  . SER A 1 56  ? 9.613   -18.255 2.162   1.00 4.20  ? 62  SER A OG  1 
ATOM   392  N  N   . HIS A 1 57  ? 13.191  -18.675 5.370   1.00 5.24  ? 63  HIS A N   1 
ATOM   393  C  CA  . HIS A 1 57  ? 14.578  -18.470 5.824   1.00 5.94  ? 63  HIS A CA  1 
ATOM   394  C  C   . HIS A 1 57  ? 15.104  -17.084 5.497   1.00 5.31  ? 63  HIS A C   1 
ATOM   395  O  O   . HIS A 1 57  ? 16.302  -16.902 5.258   1.00 5.40  ? 63  HIS A O   1 
ATOM   396  C  CB  . HIS A 1 57  ? 15.501  -19.558 5.250   1.00 6.64  ? 63  HIS A CB  1 
ATOM   397  C  CG  . HIS A 1 57  ? 15.039  -20.948 5.554   1.00 8.06  ? 63  HIS A CG  1 
ATOM   398  N  ND1 . HIS A 1 57  ? 15.380  -21.606 6.718   1.00 12.37 ? 63  HIS A ND1 1 
ATOM   399  C  CD2 . HIS A 1 57  ? 14.243  -21.795 4.861   1.00 10.33 ? 63  HIS A CD2 1 
ATOM   400  C  CE1 . HIS A 1 57  ? 14.827  -22.806 6.719   1.00 14.06 ? 63  HIS A CE1 1 
ATOM   401  N  NE2 . HIS A 1 57  ? 14.131  -22.946 5.604   1.00 12.83 ? 63  HIS A NE2 1 
ATOM   402  N  N   . GLU A 1 58  ? 14.188  -16.112 5.463   1.00 4.45  ? 64  GLU A N   1 
ATOM   403  C  CA  . GLU A 1 58  ? 14.539  -14.712 5.276   1.00 5.15  ? 64  GLU A CA  1 
ATOM   404  C  C   . GLU A 1 58  ? 15.354  -14.528 4.007   1.00 4.78  ? 64  GLU A C   1 
ATOM   405  O  O   . GLU A 1 58  ? 16.297  -13.755 3.981   1.00 5.34  ? 64  GLU A O   1 
ATOM   406  C  CB  . GLU A 1 58  ? 15.315  -14.183 6.498   1.00 4.73  ? 64  GLU A CB  1 
ATOM   407  C  CG  . GLU A 1 58  ? 14.719  -14.580 7.840   1.00 7.56  ? 64  GLU A CG  1 
ATOM   408  C  CD  . GLU A 1 58  ? 13.359  -13.949 8.104   1.00 9.35  ? 64  GLU A CD  1 
ATOM   409  O  OE1 . GLU A 1 58  ? 12.938  -13.036 7.350   1.00 8.14  ? 64  GLU A OE1 1 
ATOM   410  O  OE2 . GLU A 1 58  ? 12.725  -14.352 9.099   1.00 10.09 ? 64  GLU A OE2 1 
ATOM   411  N  N   . ASP A 1 59  ? 14.955  -15.227 2.944   1.00 5.45  ? 65  ASP A N   1 
ATOM   412  C  CA  . ASP A 1 59  ? 15.666  -15.163 1.682   1.00 6.36  ? 65  ASP A CA  1 
ATOM   413  C  C   . ASP A 1 59  ? 14.677  -15.266 0.538   1.00 7.70  ? 65  ASP A C   1 
ATOM   414  O  O   . ASP A 1 59  ? 14.014  -16.286 0.385   1.00 6.65  ? 65  ASP A O   1 
ATOM   415  C  CB  . ASP A 1 59  ? 16.677  -16.306 1.617   1.00 7.38  ? 65  ASP A CB  1 
ATOM   416  C  CG  . ASP A 1 59  ? 17.515  -16.295 0.344   1.00 8.92  ? 65  ASP A CG  1 
ATOM   417  O  OD1 . ASP A 1 59  ? 17.195  -15.584 -0.627  1.00 10.84 ? 65  ASP A OD1 1 
ATOM   418  O  OD2 . ASP A 1 59  ? 18.513  -17.029 0.317   1.00 11.41 ? 65  ASP A OD2 1 
ATOM   419  N  N   . PRO A 1 60  ? 14.538  -14.185 -0.244  1.00 8.16  ? 66  PRO A N   1 
ATOM   420  C  CA  . PRO A 1 60  ? 13.568  -14.227 -1.348  1.00 9.29  ? 66  PRO A CA  1 
ATOM   421  C  C   . PRO A 1 60  ? 13.800  -15.387 -2.335  1.00 9.89  ? 66  PRO A C   1 
ATOM   422  O  O   . PRO A 1 60  ? 12.843  -15.879 -2.933  1.00 9.69  ? 66  PRO A O   1 
ATOM   423  C  CB  . PRO A 1 60  ? 13.770  -12.871 -2.021  1.00 9.91  ? 66  PRO A CB  1 
ATOM   424  C  CG  . PRO A 1 60  ? 14.325  -11.985 -0.915  1.00 9.95  ? 66  PRO A CG  1 
ATOM   425  C  CD  . PRO A 1 60  ? 15.220  -12.877 -0.146  1.00 9.04  ? 66  PRO A CD  1 
ATOM   426  N  N   . GLU A 1 61  ? 15.049  -15.827 -2.477  1.00 10.51 ? 67  GLU A N   1 
ATOM   427  C  CA  . GLU A 1 61  ? 15.398  -16.959 -3.357  1.00 11.19 ? 67  GLU A CA  1 
ATOM   428  C  C   . GLU A 1 61  ? 14.977  -18.330 -2.813  1.00 9.75  ? 67  GLU A C   1 
ATOM   429  O  O   . GLU A 1 61  ? 15.083  -19.347 -3.513  1.00 10.31 ? 67  GLU A O   1 
ATOM   430  C  CB  . GLU A 1 61  ? 16.904  -16.952 -3.654  1.00 11.42 ? 67  GLU A CB  1 
ATOM   431  C  CG  . GLU A 1 61  ? 17.335  -15.792 -4.530  1.00 14.12 ? 67  GLU A CG  1 
ATOM   432  C  CD  . GLU A 1 61  ? 18.866  -15.614 -4.650  1.00 14.83 ? 67  GLU A CD  1 
ATOM   433  O  OE1 . GLU A 1 61  ? 19.657  -16.515 -4.258  1.00 19.34 ? 67  GLU A OE1 1 
ATOM   434  O  OE2 . GLU A 1 61  ? 19.281  -14.541 -5.155  1.00 18.41 ? 67  GLU A OE2 1 
ATOM   435  N  N   . LYS A 1 62  ? 14.543  -18.363 -1.555  1.00 7.41  ? 68  LYS A N   1 
ATOM   436  C  CA  . LYS A 1 62  ? 14.085  -19.586 -0.911  1.00 6.16  ? 68  LYS A CA  1 
ATOM   437  C  C   . LYS A 1 62  ? 12.574  -19.576 -0.724  1.00 5.07  ? 68  LYS A C   1 
ATOM   438  O  O   . LYS A 1 62  ? 12.024  -20.485 -0.102  1.00 5.99  ? 68  LYS A O   1 
ATOM   439  C  CB  . LYS A 1 62  ? 14.756  -19.796 0.447   1.00 6.59  ? 68  LYS A CB  1 
ATOM   440  C  CG  . LYS A 1 62  ? 16.268  -20.001 0.331   1.00 6.82  ? 68  LYS A CG  1 
ATOM   441  C  CD  . LYS A 1 62  ? 16.921  -20.192 1.666   1.00 9.65  ? 68  LYS A CD  1 
ATOM   442  C  CE  . LYS A 1 62  ? 18.419  -20.410 1.488   1.00 10.74 ? 68  LYS A CE  1 
ATOM   443  N  NZ  . LYS A 1 62  ? 19.185  -20.300 2.766   1.00 11.42 ? 68  LYS A NZ  1 
ATOM   444  N  N   . ILE A 1 63  ? 11.912  -18.553 -1.252  1.00 3.83  ? 69  ILE A N   1 
ATOM   445  C  CA  . ILE A 1 63  ? 10.460  -18.509 -1.177  1.00 4.45  ? 69  ILE A CA  1 
ATOM   446  C  C   . ILE A 1 63  ? 9.857   -19.594 -2.085  1.00 4.19  ? 69  ILE A C   1 
ATOM   447  O  O   . ILE A 1 63  ? 10.231  -19.696 -3.271  1.00 4.47  ? 69  ILE A O   1 
ATOM   448  C  CB  . ILE A 1 63  ? 9.881   -17.119 -1.580  1.00 4.89  ? 69  ILE A CB  1 
ATOM   449  C  CG1 . ILE A 1 63  ? 10.232  -16.076 -0.511  1.00 5.32  ? 69  ILE A CG1 1 
ATOM   450  C  CG2 . ILE A 1 63  ? 8.342   -17.200 -1.795  1.00 6.94  ? 69  ILE A CG2 1 
ATOM   451  C  CD1 . ILE A 1 63  ? 9.932   -14.585 -0.955  1.00 5.49  ? 69  ILE A CD1 1 
ATOM   452  N  N   . SER A 1 64  ? 8.906   -20.363 -1.537  1.00 4.44  ? 70  SER A N   1 
ATOM   453  C  CA  . SER A 1 64  ? 8.233   -21.416 -2.317  1.00 5.14  ? 70  SER A CA  1 
ATOM   454  C  C   . SER A 1 64  ? 7.522   -20.820 -3.532  1.00 4.93  ? 70  SER A C   1 
ATOM   455  O  O   . SER A 1 64  ? 6.912   -19.730 -3.455  1.00 6.34  ? 70  SER A O   1 
ATOM   456  C  CB  . SER A 1 64  ? 7.199   -22.166 -1.478  1.00 5.23  ? 70  SER A CB  1 
ATOM   457  O  OG  . SER A 1 64  ? 6.385   -23.015 -2.296  1.00 5.33  ? 70  SER A OG  1 
ATOM   458  N  N   . ASP A 1 65  ? 7.581   -21.534 -4.654  1.00 5.46  ? 71  ASP A N   1 
ATOM   459  C  CA  . ASP A 1 65  ? 6.795   -21.107 -5.812  1.00 5.98  ? 71  ASP A CA  1 
ATOM   460  C  C   . ASP A 1 65  ? 5.290   -21.116 -5.580  1.00 6.25  ? 71  ASP A C   1 
ATOM   461  O  O   . ASP A 1 65  ? 4.553   -20.472 -6.340  1.00 7.43  ? 71  ASP A O   1 
ATOM   462  C  CB  . ASP A 1 65  ? 7.192   -21.859 -7.080  1.00 6.47  ? 71  ASP A CB  1 
ATOM   463  C  CG  . ASP A 1 65  ? 8.598   -21.489 -7.534  1.00 8.14  ? 71  ASP A CG  1 
ATOM   464  O  OD1 . ASP A 1 65  ? 8.888   -20.276 -7.631  1.00 15.46 ? 71  ASP A OD1 1 
ATOM   465  O  OD2 . ASP A 1 65  ? 9.401   -22.386 -7.759  1.00 13.47 ? 71  ASP A OD2 1 
ATOM   466  N  N   . ALA A 1 66  ? 4.846   -21.813 -4.537  1.00 5.44  ? 72  ALA A N   1 
ATOM   467  C  CA  . ALA A 1 66  ? 3.430   -21.817 -4.165  1.00 5.75  ? 72  ALA A CA  1 
ATOM   468  C  C   . ALA A 1 66  ? 2.994   -20.545 -3.424  1.00 5.81  ? 72  ALA A C   1 
ATOM   469  O  O   . ALA A 1 66  ? 1.806   -20.262 -3.324  1.00 6.27  ? 72  ALA A O   1 
ATOM   470  C  CB  . ALA A 1 66  ? 3.074   -23.077 -3.360  1.00 6.52  ? 72  ALA A CB  1 
ATOM   471  N  N   . ALA A 1 67  ? 3.952   -19.787 -2.918  1.00 5.35  ? 73  ALA A N   1 
ATOM   472  C  CA  . ALA A 1 67  ? 3.631   -18.551 -2.175  1.00 5.22  ? 73  ALA A CA  1 
ATOM   473  C  C   . ALA A 1 67  ? 3.282   -17.429 -3.157  1.00 5.31  ? 73  ALA A C   1 
ATOM   474  O  O   . ALA A 1 67  ? 4.149   -16.698 -3.685  1.00 6.51  ? 73  ALA A O   1 
ATOM   475  C  CB  . ALA A 1 67  ? 4.778   -18.174 -1.221  1.00 5.92  ? 73  ALA A CB  1 
ATOM   476  N  N   . ASN A 1 68  ? 1.993   -17.348 -3.491  1.00 4.42  ? 74  ASN A N   1 
ATOM   477  C  CA  . ASN A 1 68  ? 1.521   -16.387 -4.475  1.00 3.30  ? 74  ASN A CA  1 
ATOM   478  C  C   . ASN A 1 68  ? 0.010   -16.245 -4.336  1.00 2.92  ? 74  ASN A C   1 
ATOM   479  O  O   . ASN A 1 68  ? -0.615  -16.886 -3.451  1.00 3.58  ? 74  ASN A O   1 
ATOM   480  C  CB  . ASN A 1 68  ? 1.965   -16.765 -5.929  1.00 4.18  ? 74  ASN A CB  1 
ATOM   481  C  CG  . ASN A 1 68  ? 1.338   -18.069 -6.455  1.00 6.16  ? 74  ASN A CG  1 
ATOM   482  O  OD1 . ASN A 1 68  ? 0.148   -18.121 -6.749  1.00 6.67  ? 74  ASN A OD1 1 
ATOM   483  N  ND2 . ASN A 1 68  ? 2.172   -19.110 -6.665  1.00 4.69  ? 74  ASN A ND2 1 
ATOM   484  N  N   . SER A 1 69  ? -0.589  -15.447 -5.208  1.00 2.39  ? 75  SER A N   1 
ATOM   485  C  CA  . SER A 1 69  ? -2.030  -15.157 -5.091  1.00 3.03  ? 75  SER A CA  1 
ATOM   486  C  C   . SER A 1 69  ? -2.956  -16.398 -5.216  1.00 3.09  ? 75  SER A C   1 
ATOM   487  O  O   . SER A 1 69  ? -4.150  -16.338 -4.864  1.00 3.22  ? 75  SER A O   1 
ATOM   488  C  CB  . SER A 1 69  ? -2.416  -14.107 -6.135  1.00 2.69  ? 75  SER A CB  1 
ATOM   489  O  OG  . SER A 1 69  ? -2.416  -14.692 -7.450  1.00 3.60  ? 75  SER A OG  1 
ATOM   490  N  N   . HIS A 1 70  ? -2.442  -17.504 -5.743  1.00 3.24  ? 76  HIS A N   1 
ATOM   491  C  CA  . HIS A 1 70  ? -3.224  -18.769 -5.764  1.00 4.63  ? 76  HIS A CA  1 
ATOM   492  C  C   . HIS A 1 70  ? -3.202  -19.565 -4.474  1.00 4.85  ? 76  HIS A C   1 
ATOM   493  O  O   . HIS A 1 70  ? -3.819  -20.629 -4.401  1.00 5.86  ? 76  HIS A O   1 
ATOM   494  C  CB  . HIS A 1 70  ? -2.783  -19.666 -6.903  1.00 5.41  ? 76  HIS A CB  1 
ATOM   495  C  CG  . HIS A 1 70  ? -3.216  -19.180 -8.245  1.00 4.94  ? 76  HIS A CG  1 
ATOM   496  N  ND1 . HIS A 1 70  ? -3.425  -20.030 -9.310  1.00 6.57  ? 76  HIS A ND1 1 
ATOM   497  C  CD2 . HIS A 1 70  ? -3.503  -17.937 -8.689  1.00 4.73  ? 76  HIS A CD2 1 
ATOM   498  C  CE1 . HIS A 1 70  ? -3.799  -19.320 -10.365 1.00 4.99  ? 76  HIS A CE1 1 
ATOM   499  N  NE2 . HIS A 1 70  ? -3.847  -18.043 -10.014 1.00 7.93  ? 76  HIS A NE2 1 
ATOM   500  N  N   . SER A 1 71  ? -2.497  -19.070 -3.463  1.00 4.25  ? 77  SER A N   1 
ATOM   501  C  CA  . SER A 1 71  ? -2.474  -19.718 -2.164  1.00 4.07  ? 77  SER A CA  1 
ATOM   502  C  C   . SER A 1 71  ? -3.417  -18.977 -1.228  1.00 3.82  ? 77  SER A C   1 
ATOM   503  O  O   . SER A 1 71  ? -3.199  -17.807 -0.923  1.00 3.12  ? 77  SER A O   1 
ATOM   504  C  CB  . SER A 1 71  ? -1.051  -19.684 -1.600  1.00 4.79  ? 77  SER A CB  1 
ATOM   505  O  OG  . SER A 1 71  ? -1.019  -20.061 -0.225  1.00 5.03  ? 77  SER A OG  1 
ATOM   506  N  N   . LYS A 1 72  ? -4.458  -19.662 -0.771  1.00 3.76  ? 78  LYS A N   1 
ATOM   507  C  CA  . LYS A 1 72  ? -5.409  -19.032 0.152   1.00 4.04  ? 78  LYS A CA  1 
ATOM   508  C  C   . LYS A 1 72  ? -4.698  -18.509 1.406   1.00 4.36  ? 78  LYS A C   1 
ATOM   509  O  O   . LYS A 1 72  ? -4.987  -17.408 1.884   1.00 3.69  ? 78  LYS A O   1 
ATOM   510  C  CB  . LYS A 1 72  ? -6.524  -20.017 0.529   1.00 4.11  ? 78  LYS A CB  1 
ATOM   511  C  CG  . LYS A 1 72  ? -7.496  -20.380 -0.611  1.00 5.31  ? 78  LYS A CG  1 
ATOM   512  C  CD  . LYS A 1 72  ? -8.340  -19.202 -1.053  1.00 6.46  ? 78  LYS A CD  1 
ATOM   513  C  CE  . LYS A 1 72  ? -9.361  -19.622 -2.103  1.00 9.83  ? 78  LYS A CE  1 
ATOM   514  N  NZ  . LYS A 1 72  ? -10.197 -18.466 -2.458  1.00 9.88  ? 78  LYS A NZ  1 
ATOM   515  N  N   . LYS A 1 73  ? -3.732  -19.277 1.898   1.00 4.99  ? 79  LYS A N   1 
ATOM   516  C  CA  . LYS A 1 73  ? -2.964  -18.904 3.106   1.00 5.87  ? 79  LYS A CA  1 
ATOM   517  C  C   . LYS A 1 73  ? -2.112  -17.642 2.844   1.00 5.46  ? 79  LYS A C   1 
ATOM   518  O  O   . LYS A 1 73  ? -2.069  -16.730 3.675   1.00 4.67  ? 79  LYS A O   1 
ATOM   519  C  CB  . LYS A 1 73  ? -2.104  -20.117 3.497   1.00 6.37  ? 79  LYS A CB  1 
ATOM   520  C  CG  . LYS A 1 73  ? -1.072  -19.916 4.553   1.00 10.07 ? 79  LYS A CG  1 
ATOM   521  C  CD  . LYS A 1 73  ? -0.273  -21.212 4.798   1.00 9.95  ? 79  LYS A CD  1 
ATOM   522  C  CE  . LYS A 1 73  ? 0.762   -21.010 5.924   1.00 14.78 ? 79  LYS A CE  1 
ATOM   523  N  NZ  . LYS A 1 73  ? 0.228   -21.088 7.331   1.00 14.97 ? 79  LYS A NZ  1 
ATOM   524  N  N   . PHE A 1 74  ? -1.443  -17.585 1.690   1.00 4.77  ? 80  PHE A N   1 
ATOM   525  C  CA  . PHE A 1 74  ? -0.660  -16.396 1.337   1.00 4.25  ? 80  PHE A CA  1 
ATOM   526  C  C   . PHE A 1 74  ? -1.574  -15.174 1.314   1.00 4.76  ? 80  PHE A C   1 
ATOM   527  O  O   . PHE A 1 74  ? -1.249  -14.125 1.870   1.00 3.93  ? 80  PHE A O   1 
ATOM   528  C  CB  . PHE A 1 74  ? 0.032   -16.586 -0.031  1.00 4.20  ? 80  PHE A CB  1 
ATOM   529  C  CG  . PHE A 1 74  ? 0.824   -15.374 -0.489  1.00 4.40  ? 80  PHE A CG  1 
ATOM   530  C  CD1 . PHE A 1 74  ? 2.149   -15.204 -0.075  1.00 6.67  ? 80  PHE A CD1 1 
ATOM   531  C  CD2 . PHE A 1 74  ? 0.260   -14.433 -1.349  1.00 5.88  ? 80  PHE A CD2 1 
ATOM   532  C  CE1 . PHE A 1 74  ? 2.895   -14.080 -0.500  1.00 7.22  ? 80  PHE A CE1 1 
ATOM   533  C  CE2 . PHE A 1 74  ? 1.004   -13.306 -1.794  1.00 6.98  ? 80  PHE A CE2 1 
ATOM   534  C  CZ  . PHE A 1 74  ? 2.316   -13.134 -1.359  1.00 7.18  ? 80  PHE A CZ  1 
ATOM   535  N  N   . VAL A 1 75  ? -2.719  -15.310 0.650   1.00 3.73  ? 81  VAL A N   1 
ATOM   536  C  CA  . VAL A 1 75  ? -3.638  -14.170 0.483   1.00 4.08  ? 81  VAL A CA  1 
ATOM   537  C  C   . VAL A 1 75  ? -4.161  -13.689 1.859   1.00 3.59  ? 81  VAL A C   1 
ATOM   538  O  O   . VAL A 1 75  ? -4.197  -12.470 2.155   1.00 4.57  ? 81  VAL A O   1 
ATOM   539  C  CB  . VAL A 1 75  ? -4.773  -14.544 -0.479  1.00 3.13  ? 81  VAL A CB  1 
ATOM   540  C  CG1 . VAL A 1 75  ? -5.870  -13.452 -0.501  1.00 4.39  ? 81  VAL A CG1 1 
ATOM   541  C  CG2 . VAL A 1 75  ? -4.194  -14.732 -1.896  1.00 2.79  ? 81  VAL A CG2 1 
ATOM   542  N  N   . ARG A 1 76  ? -4.547  -14.645 2.690   1.00 3.60  ? 82  ARG A N   1 
ATOM   543  C  CA  . ARG A 1 76  ? -5.087  -14.347 4.016   1.00 3.81  ? 82  ARG A CA  1 
ATOM   544  C  C   . ARG A 1 76  ? -4.036  -13.638 4.876   1.00 3.27  ? 82  ARG A C   1 
ATOM   545  O  O   . ARG A 1 76  ? -4.307  -12.587 5.491   1.00 3.87  ? 82  ARG A O   1 
ATOM   546  C  CB  . ARG A 1 76  ? -5.533  -15.616 4.730   1.00 3.57  ? 82  ARG A CB  1 
ATOM   547  C  CG  . ARG A 1 76  ? -6.085  -15.294 6.119   1.00 6.27  ? 82  ARG A CG  1 
ATOM   548  C  CD  . ARG A 1 76  ? -6.880  -16.457 6.688   1.00 9.61  ? 82  ARG A CD  1 
ATOM   549  N  NE  . ARG A 1 76  ? -8.150  -16.611 5.980   1.00 10.22 ? 82  ARG A NE  1 
ATOM   550  C  CZ  . ARG A 1 76  ? -9.223  -15.853 6.192   1.00 14.21 ? 82  ARG A CZ  1 
ATOM   551  N  NH1 . ARG A 1 76  ? -9.197  -14.892 7.122   1.00 13.54 ? 82  ARG A NH1 1 
ATOM   552  N  NH2 . ARG A 1 76  ? -10.328 -16.062 5.479   1.00 14.21 ? 82  ARG A NH2 1 
ATOM   553  N  N   . HIS A 1 77  ? -2.833  -14.202 4.917   1.00 2.98  ? 83  HIS A N   1 
ATOM   554  C  CA  . HIS A 1 77  ? -1.788  -13.563 5.714   1.00 3.77  ? 83  HIS A CA  1 
ATOM   555  C  C   . HIS A 1 77  ? -1.343  -12.196 5.180   1.00 4.04  ? 83  HIS A C   1 
ATOM   556  O  O   . HIS A 1 77  ? -1.042  -11.283 5.972   1.00 3.43  ? 83  HIS A O   1 
ATOM   557  C  CB  . HIS A 1 77  ? -0.630  -14.523 5.951   1.00 5.13  ? 83  HIS A CB  1 
ATOM   558  C  CG  . HIS A 1 77  ? -1.048  -15.784 6.660   1.00 6.43  ? 83  HIS A CG  1 
ATOM   559  N  ND1 . HIS A 1 77  ? -0.507  -17.020 6.367   1.00 9.96  ? 83  HIS A ND1 1 
ATOM   560  C  CD2 . HIS A 1 77  ? -1.962  -16.001 7.637   1.00 10.85 ? 83  HIS A CD2 1 
ATOM   561  C  CE1 . HIS A 1 77  ? -1.065  -17.940 7.138   1.00 9.65  ? 83  HIS A CE1 1 
ATOM   562  N  NE2 . HIS A 1 77  ? -1.957  -17.349 7.914   1.00 8.95  ? 83  HIS A NE2 1 
ATOM   563  N  N   . LEU A 1 78  ? -1.382  -12.030 3.860   1.00 3.64  ? 84  LEU A N   1 
ATOM   564  C  CA  . LEU A 1 78  ? -1.117  -10.725 3.255   1.00 3.56  ? 84  LEU A CA  1 
ATOM   565  C  C   . LEU A 1 78  ? -2.204  -9.722  3.658   1.00 3.73  ? 84  LEU A C   1 
ATOM   566  O  O   . LEU A 1 78  ? -1.909  -8.617  4.116   1.00 3.13  ? 84  LEU A O   1 
ATOM   567  C  CB  . LEU A 1 78  ? -0.980  -10.837 1.731   1.00 3.08  ? 84  LEU A CB  1 
ATOM   568  C  CG  . LEU A 1 78  ? -0.800  -9.493  1.010   1.00 2.54  ? 84  LEU A CG  1 
ATOM   569  C  CD1 . LEU A 1 78  ? 0.409   -8.744  1.545   1.00 2.80  ? 84  LEU A CD1 1 
ATOM   570  C  CD2 . LEU A 1 78  ? -0.660  -9.696  -0.479  1.00 3.12  ? 84  LEU A CD2 1 
ATOM   571  N  N   . HIS A 1 79  ? -3.468  -10.103 3.515   1.00 3.99  ? 85  HIS A N   1 
ATOM   572  C  CA  . HIS A 1 79  ? -4.535  -9.216  3.927   1.00 4.76  ? 85  HIS A CA  1 
ATOM   573  C  C   . HIS A 1 79  ? -4.393  -8.796  5.397   1.00 4.53  ? 85  HIS A C   1 
ATOM   574  O  O   . HIS A 1 79  ? -4.612  -7.620  5.748   1.00 3.00  ? 85  HIS A O   1 
ATOM   575  C  CB  . HIS A 1 79  ? -5.886  -9.863  3.658   1.00 4.75  ? 85  HIS A CB  1 
ATOM   576  C  CG  . HIS A 1 79  ? -7.040  -8.934  3.870   1.00 8.14  ? 85  HIS A CG  1 
ATOM   577  N  ND1 . HIS A 1 79  ? -7.231  -7.801  3.106   1.00 10.17 ? 85  HIS A ND1 1 
ATOM   578  C  CD2 . HIS A 1 79  ? -8.049  -8.960  4.768   1.00 10.66 ? 85  HIS A CD2 1 
ATOM   579  C  CE1 . HIS A 1 79  ? -8.326  -7.183  3.510   1.00 9.99  ? 85  HIS A CE1 1 
ATOM   580  N  NE2 . HIS A 1 79  ? -8.832  -7.855  4.528   1.00 12.31 ? 85  HIS A NE2 1 
ATOM   581  N  N   . GLN A 1 80  ? -3.996  -9.747  6.235   1.00 4.46  ? 86  GLN A N   1 
ATOM   582  C  CA  . GLN A 1 80  ? -3.775  -9.471  7.655   1.00 5.32  ? 86  GLN A CA  1 
ATOM   583  C  C   . GLN A 1 80  ? -2.684  -8.420  7.853   1.00 5.03  ? 86  GLN A C   1 
ATOM   584  O  O   . GLN A 1 80  ? -2.866  -7.522  8.652   1.00 4.01  ? 86  GLN A O   1 
ATOM   585  C  CB  . GLN A 1 80  ? -3.501  -10.771 8.433   1.00 6.03  ? 86  GLN A CB  1 
ATOM   586  C  CG  . GLN A 1 80  ? -4.802  -11.594 8.552   1.00 7.73  ? 86  GLN A CG  1 
ATOM   587  C  CD  . GLN A 1 80  ? -4.655  -13.017 9.116   1.00 9.96  ? 86  GLN A CD  1 
ATOM   588  O  OE1 . GLN A 1 80  ? -3.553  -13.550 9.269   1.00 15.40 ? 86  GLN A OE1 1 
ATOM   589  N  NE2 . GLN A 1 80  ? -5.803  -13.638 9.415   1.00 13.43 ? 86  GLN A NE2 1 
ATOM   590  N  N   . HIS A 1 81  ? -1.604  -8.508  7.074   1.00 4.76  ? 87  HIS A N   1 
ATOM   591  C  CA  . HIS A 1 81  ? -0.508  -7.539  7.176   1.00 4.50  ? 87  HIS A CA  1 
ATOM   592  C  C   . HIS A 1 81  ? -0.959  -6.164  6.686   1.00 4.13  ? 87  HIS A C   1 
ATOM   593  O  O   . HIS A 1 81  ? -0.613  -5.129  7.275   1.00 4.54  ? 87  HIS A O   1 
ATOM   594  C  CB  . HIS A 1 81  ? 0.693   -8.030  6.357   1.00 4.85  ? 87  HIS A CB  1 
ATOM   595  C  CG  . HIS A 1 81  ? 1.754   -6.992  6.176   1.00 4.32  ? 87  HIS A CG  1 
ATOM   596  N  ND1 . HIS A 1 81  ? 2.609   -6.609  7.186   1.00 6.94  ? 87  HIS A ND1 1 
ATOM   597  C  CD2 . HIS A 1 81  ? 2.061   -6.216  5.111   1.00 6.15  ? 87  HIS A CD2 1 
ATOM   598  C  CE1 . HIS A 1 81  ? 3.409   -5.651  6.745   1.00 6.04  ? 87  HIS A CE1 1 
ATOM   599  N  NE2 . HIS A 1 81  ? 3.095   -5.399  5.489   1.00 6.11  ? 87  HIS A NE2 1 
ATOM   600  N  N   . ILE A 1 82  ? -1.721  -6.151  5.597   1.00 3.35  ? 88  ILE A N   1 
ATOM   601  C  CA  . ILE A 1 82  ? -2.280  -4.901  5.067   1.00 4.73  ? 88  ILE A CA  1 
ATOM   602  C  C   . ILE A 1 82  ? -3.116  -4.175  6.137   1.00 4.43  ? 88  ILE A C   1 
ATOM   603  O  O   . ILE A 1 82  ? -2.940  -2.977  6.391   1.00 5.07  ? 88  ILE A O   1 
ATOM   604  C  CB  . ILE A 1 82  ? -3.143  -5.154  3.835   1.00 4.21  ? 88  ILE A CB  1 
ATOM   605  C  CG1 . ILE A 1 82  ? -2.300  -5.696  2.679   1.00 6.21  ? 88  ILE A CG1 1 
ATOM   606  C  CG2 . ILE A 1 82  ? -3.875  -3.852  3.386   1.00 4.87  ? 88  ILE A CG2 1 
ATOM   607  C  CD1 . ILE A 1 82  ? -3.148  -6.218  1.516   1.00 7.19  ? 88  ILE A CD1 1 
ATOM   608  N  N   . GLU A 1 83  ? -4.014  -4.932  6.764   1.00 5.38  ? 89  GLU A N   1 
ATOM   609  C  CA  . GLU A 1 83  ? -4.952  -4.423  7.779   1.00 5.83  ? 89  GLU A CA  1 
ATOM   610  C  C   . GLU A 1 83  ? -4.363  -4.104  9.155   1.00 7.19  ? 89  GLU A C   1 
ATOM   611  O  O   . GLU A 1 83  ? -4.927  -3.298  9.881   1.00 7.08  ? 89  GLU A O   1 
ATOM   612  C  CB  . GLU A 1 83  ? -6.103  -5.409  7.970   1.00 6.73  ? 89  GLU A CB  1 
ATOM   613  C  CG  . GLU A 1 83  ? -6.947  -5.623  6.743   1.00 6.94  ? 89  GLU A CG  1 
ATOM   614  C  CD  . GLU A 1 83  ? -8.138  -4.703  6.680   1.00 8.49  ? 89  GLU A CD  1 
ATOM   615  O  OE1 . GLU A 1 83  ? -8.584  -4.192  7.728   1.00 12.52 ? 89  GLU A OE1 1 
ATOM   616  O  OE2 . GLU A 1 83  ? -8.644  -4.498  5.573   1.00 8.19  ? 89  GLU A OE2 1 
ATOM   617  N  N   . LYS A 1 84  ? -3.247  -4.722  9.514   1.00 6.58  ? 90  LYS A N   1 
ATOM   618  C  CA  . LYS A 1 84  ? -2.639  -4.542  10.839  1.00 8.59  ? 90  LYS A CA  1 
ATOM   619  C  C   . LYS A 1 84  ? -1.479  -3.553  10.801  1.00 7.38  ? 90  LYS A C   1 
ATOM   620  O  O   . LYS A 1 84  ? -1.235  -2.831  11.772  1.00 8.86  ? 90  LYS A O   1 
ATOM   621  C  CB  . LYS A 1 84  ? -2.096  -5.877  11.376  1.00 7.74  ? 90  LYS A CB  1 
ATOM   622  C  CG  . LYS A 1 84  ? -3.163  -6.877  11.820  1.00 12.17 ? 90  LYS A CG  1 
ATOM   623  C  CD  . LYS A 1 84  ? -2.562  -8.275  12.000  1.00 12.98 ? 90  LYS A CD  1 
ATOM   624  C  CE  . LYS A 1 84  ? -3.642  -9.325  12.291  1.00 18.75 ? 90  LYS A CE  1 
ATOM   625  N  NZ  . LYS A 1 84  ? -2.987  -10.584 12.751  1.00 22.26 ? 90  LYS A NZ  1 
ATOM   626  N  N   . HIS A 1 85  ? -0.752  -3.544  9.684   1.00 7.42  ? 91  HIS A N   1 
ATOM   627  C  CA  . HIS A 1 85  ? 0.489   -2.759  9.567   1.00 7.52  ? 91  HIS A CA  1 
ATOM   628  C  C   . HIS A 1 85  ? 0.458   -1.696  8.499   1.00 6.42  ? 91  HIS A C   1 
ATOM   629  O  O   . HIS A 1 85  ? 0.650   -0.514  8.798   1.00 6.04  ? 91  HIS A O   1 
ATOM   630  C  CB  . HIS A 1 85  ? 1.700   -3.681  9.350   1.00 9.43  ? 91  HIS A CB  1 
ATOM   631  C  CG  . HIS A 1 85  ? 2.142   -4.379  10.587  1.00 14.01 ? 91  HIS A CG  1 
ATOM   632  N  ND1 . HIS A 1 85  ? 1.894   -5.716  10.820  1.00 19.18 ? 91  HIS A ND1 1 
ATOM   633  C  CD2 . HIS A 1 85  ? 2.815   -3.924  11.669  1.00 18.65 ? 91  HIS A CD2 1 
ATOM   634  C  CE1 . HIS A 1 85  ? 2.393   -6.052  11.996  1.00 18.36 ? 91  HIS A CE1 1 
ATOM   635  N  NE2 . HIS A 1 85  ? 2.958   -4.983  12.530  1.00 20.04 ? 91  HIS A NE2 1 
ATOM   636  N  N   . LEU A 1 86  ? 0.236   -2.094  7.251   1.00 4.77  ? 92  LEU A N   1 
ATOM   637  C  CA  . LEU A 1 86  ? 0.318   -1.150  6.148   1.00 4.11  ? 92  LEU A CA  1 
ATOM   638  C  C   . LEU A 1 86  ? -0.665  0.022   6.297   1.00 3.73  ? 92  LEU A C   1 
ATOM   639  O  O   . LEU A 1 86  ? -0.264  1.201   6.238   1.00 3.75  ? 92  LEU A O   1 
ATOM   640  C  CB  . LEU A 1 86  ? 0.094   -1.854  4.805   1.00 4.81  ? 92  LEU A CB  1 
ATOM   641  C  CG  . LEU A 1 86  ? 0.178   -0.904  3.609   1.00 7.67  ? 92  LEU A CG  1 
ATOM   642  C  CD1 . LEU A 1 86  ? 1.597   -0.280  3.421   1.00 9.00  ? 92  LEU A CD1 1 
ATOM   643  C  CD2 . LEU A 1 86  ? -0.271  -1.614  2.354   1.00 8.33  ? 92  LEU A CD2 1 
ATOM   644  N  N   . LEU A 1 87  ? -1.949  -0.288  6.487   1.00 2.76  ? 93  LEU A N   1 
ATOM   645  C  CA  . LEU A 1 87  ? -2.939  0.795   6.622   1.00 3.49  ? 93  LEU A CA  1 
ATOM   646  C  C   . LEU A 1 87  ? -2.714  1.615   7.881   1.00 3.22  ? 93  LEU A C   1 
ATOM   647  O  O   . LEU A 1 87  ? -2.900  2.852   7.896   1.00 3.47  ? 93  LEU A O   1 
ATOM   648  C  CB  . LEU A 1 87  ? -4.368  0.254   6.576   1.00 3.42  ? 93  LEU A CB  1 
ATOM   649  C  CG  . LEU A 1 87  ? -4.717  -0.424  5.253   1.00 4.61  ? 93  LEU A CG  1 
ATOM   650  C  CD1 . LEU A 1 87  ? -6.150  -0.823  5.323   1.00 5.79  ? 93  LEU A CD1 1 
ATOM   651  C  CD2 . LEU A 1 87  ? -4.499  0.490   4.050   1.00 6.85  ? 93  LEU A CD2 1 
ATOM   652  N  N   . LYS A 1 88  ? -2.289  0.936   8.947   1.00 3.68  ? 94  LYS A N   1 
ATOM   653  C  CA  . LYS A 1 88  ? -1.967  1.633   10.179  1.00 4.52  ? 94  LYS A CA  1 
ATOM   654  C  C   . LYS A 1 88  ? -0.850  2.660   9.949   1.00 5.35  ? 94  LYS A C   1 
ATOM   655  O  O   . LYS A 1 88  ? -0.952  3.805   10.383  1.00 3.83  ? 94  LYS A O   1 
ATOM   656  C  CB  . LYS A 1 88  ? -1.540  0.639   11.269  1.00 5.17  ? 94  LYS A CB  1 
ATOM   657  C  CG  . LYS A 1 88  ? -1.172  1.306   12.624  1.00 7.81  ? 94  LYS A CG  1 
ATOM   658  C  CD  . LYS A 1 88  ? -0.222  0.396   13.429  1.00 13.75 ? 94  LYS A CD  1 
ATOM   659  C  CE  . LYS A 1 88  ? 1.245   0.576   13.018  1.00 16.59 ? 94  LYS A CE  1 
ATOM   660  N  NZ  . LYS A 1 88  ? 2.171   -0.328  13.754  1.00 19.30 ? 94  LYS A NZ  1 
ATOM   661  N  N   . ASP A 1 89  ? 0.193   2.251   9.224   1.00 4.59  ? 95  ASP A N   1 
ATOM   662  C  CA  . ASP A 1 89  ? 1.264   3.189   8.864   1.00 5.37  ? 95  ASP A CA  1 
ATOM   663  C  C   . ASP A 1 89  ? 0.786   4.397   8.070   1.00 3.98  ? 95  ASP A C   1 
ATOM   664  O  O   . ASP A 1 89  ? 1.195   5.522   8.352   1.00 3.86  ? 95  ASP A O   1 
ATOM   665  C  CB  . ASP A 1 89  ? 2.361   2.488   8.082   1.00 6.30  ? 95  ASP A CB  1 
ATOM   666  C  CG  . ASP A 1 89  ? 3.322   1.735   8.957   1.00 11.44 ? 95  ASP A CG  1 
ATOM   667  O  OD1 . ASP A 1 89  ? 3.034   1.472   10.155  1.00 14.69 ? 95  ASP A OD1 1 
ATOM   668  O  OD2 . ASP A 1 89  ? 4.403   1.402   8.426   1.00 16.87 ? 95  ASP A OD2 1 
ATOM   669  N  N   . ILE A 1 90  ? -0.051  4.151   7.061   1.00 4.70  ? 96  ILE A N   1 
ATOM   670  C  CA  . ILE A 1 90  ? -0.619  5.205   6.225   1.00 5.71  ? 96  ILE A CA  1 
ATOM   671  C  C   . ILE A 1 90  ? -1.453  6.179   7.055   1.00 5.38  ? 96  ILE A C   1 
ATOM   672  O  O   . ILE A 1 90  ? -1.269  7.395   6.975   1.00 6.14  ? 96  ILE A O   1 
ATOM   673  C  CB  . ILE A 1 90  ? -1.411  4.582   5.058   1.00 5.33  ? 96  ILE A CB  1 
ATOM   674  C  CG1 . ILE A 1 90  ? -0.417  3.871   4.114   1.00 6.61  ? 96  ILE A CG1 1 
ATOM   675  C  CG2 . ILE A 1 90  ? -2.232  5.636   4.326   1.00 7.55  ? 96  ILE A CG2 1 
ATOM   676  C  CD1 . ILE A 1 90  ? -1.114  3.045   3.066   1.00 9.50  ? 96  ILE A CD1 1 
ATOM   677  N  N   . LYS A 1 91  ? -2.329  5.653   7.899   1.00 5.65  ? 97  LYS A N   1 
ATOM   678  C  CA  . LYS A 1 91  ? -3.142  6.502   8.762   1.00 6.38  ? 97  LYS A CA  1 
ATOM   679  C  C   . LYS A 1 91  ? -2.277  7.364   9.690   1.00 6.27  ? 97  LYS A C   1 
ATOM   680  O  O   . LYS A 1 91  ? -2.565  8.541   9.899   1.00 5.89  ? 97  LYS A O   1 
ATOM   681  C  CB  . LYS A 1 91  ? -4.110  5.643   9.570   1.00 6.41  ? 97  LYS A CB  1 
ATOM   682  C  CG  . LYS A 1 91  ? -5.224  5.048   8.781   1.00 8.63  ? 97  LYS A CG  1 
ATOM   683  C  CD  . LYS A 1 91  ? -6.144  4.420   9.779   1.00 13.22 ? 97  LYS A CD  1 
ATOM   684  C  CE  . LYS A 1 91  ? -6.712  3.146   9.322   1.00 17.65 ? 97  LYS A CE  1 
ATOM   685  N  NZ  . LYS A 1 91  ? -7.357  2.510   10.498  1.00 16.45 ? 97  LYS A NZ  1 
ATOM   686  N  N   . GLN A 1 92  ? -1.225  6.773   10.255  1.00 6.06  ? 98  GLN A N   1 
ATOM   687  C  CA  . GLN A 1 92  ? -0.292  7.510   11.125  1.00 6.59  ? 98  GLN A CA  1 
ATOM   688  C  C   . GLN A 1 92  ? 0.384   8.657   10.354  1.00 5.16  ? 98  GLN A C   1 
ATOM   689  O  O   . GLN A 1 92  ? 0.502   9.781   10.858  1.00 4.34  ? 98  GLN A O   1 
ATOM   690  C  CB  . GLN A 1 92  ? 0.757   6.554   11.722  1.00 7.21  ? 98  GLN A CB  1 
ATOM   691  C  CG  . GLN A 1 92  ? 1.901   7.266   12.497  1.00 9.74  ? 98  GLN A CG  1 
ATOM   692  C  CD  . GLN A 1 92  ? 3.057   6.332   12.908  1.00 10.79 ? 98  GLN A CD  1 
ATOM   693  O  OE1 . GLN A 1 92  ? 3.093   5.147   12.559  1.00 16.85 ? 98  GLN A OE1 1 
ATOM   694  N  NE2 . GLN A 1 92  ? 4.014   6.886   13.636  1.00 15.47 ? 98  GLN A NE2 1 
ATOM   695  N  N   . ALA A 1 93  ? 0.778   8.369   9.116   1.00 4.92  ? 99  ALA A N   1 
ATOM   696  C  CA  . ALA A 1 93  ? 1.547   9.316   8.305   1.00 5.33  ? 99  ALA A CA  1 
ATOM   697  C  C   . ALA A 1 93  ? 0.681   10.518  7.908   1.00 5.21  ? 99  ALA A C   1 
ATOM   698  O  O   . ALA A 1 93  ? 1.159   11.670  7.904   1.00 5.86  ? 99  ALA A O   1 
ATOM   699  C  CB  . ALA A 1 93  ? 2.100   8.619   7.073   1.00 5.29  ? 99  ALA A CB  1 
ATOM   700  N  N   . VAL A 1 94  ? -0.593  10.256  7.601   1.00 4.69  ? 100 VAL A N   1 
ATOM   701  C  CA  . VAL A 1 94  ? -1.517  11.338  7.219   1.00 5.10  ? 100 VAL A CA  1 
ATOM   702  C  C   . VAL A 1 94  ? -2.143  12.044  8.439   1.00 4.58  ? 100 VAL A C   1 
ATOM   703  O  O   . VAL A 1 94  ? -2.969  12.956  8.285   1.00 4.57  ? 100 VAL A O   1 
ATOM   704  C  CB  . VAL A 1 94  ? -2.608  10.874  6.197   1.00 5.09  ? 100 VAL A CB  1 
ATOM   705  C  CG1 . VAL A 1 94  ? -1.955  10.228  4.983   1.00 6.10  ? 100 VAL A CG1 1 
ATOM   706  C  CG2 . VAL A 1 94  ? -3.597  9.901   6.827   1.00 6.32  ? 100 VAL A CG2 1 
ATOM   707  N  N   . ARG A 1 95  ? -1.745  11.611  9.639   1.00 4.48  ? 101 ARG A N   1 
ATOM   708  C  CA  . ARG A 1 95  ? -2.194  12.216  10.921  1.00 3.98  ? 101 ARG A CA  1 
ATOM   709  C  C   . ARG A 1 95  ? -3.689  12.011  11.182  1.00 4.22  ? 101 ARG A C   1 
ATOM   710  O  O   . ARG A 1 95  ? -4.356  12.881  11.759  1.00 5.10  ? 101 ARG A O   1 
ATOM   711  C  CB  . ARG A 1 95  ? -1.820  13.710  11.015  1.00 4.82  ? 101 ARG A CB  1 
ATOM   712  C  CG  . ARG A 1 95  ? -0.342  13.963  10.772  1.00 5.29  ? 101 ARG A CG  1 
ATOM   713  C  CD  . ARG A 1 95  ? -0.091  15.448  10.691  1.00 8.94  ? 101 ARG A CD  1 
ATOM   714  N  NE  . ARG A 1 95  ? 1.307   15.677  10.344  1.00 11.71 ? 101 ARG A NE  1 
ATOM   715  C  CZ  . ARG A 1 95  ? 1.887   16.866  10.287  1.00 13.86 ? 101 ARG A CZ  1 
ATOM   716  N  NH1 . ARG A 1 95  ? 1.208   17.975  10.585  1.00 16.23 ? 101 ARG A NH1 1 
ATOM   717  N  NH2 . ARG A 1 95  ? 3.167   16.940  9.962   1.00 13.55 ? 101 ARG A NH2 1 
ATOM   718  N  N   . LYS A 1 96  ? -4.202  10.861  10.744  1.00 3.82  ? 102 LYS A N   1 
ATOM   719  C  CA  . LYS A 1 96  ? -5.607  10.530  10.924  1.00 5.42  ? 102 LYS A CA  1 
ATOM   720  C  C   . LYS A 1 96  ? -5.732  9.090   11.446  1.00 5.91  ? 102 LYS A C   1 
ATOM   721  O  O   . LYS A 1 96  ? -6.224  8.209   10.738  1.00 6.54  ? 102 LYS A O   1 
ATOM   722  C  CB  . LYS A 1 96  ? -6.351  10.699  9.600   1.00 5.11  ? 102 LYS A CB  1 
ATOM   723  C  CG  . LYS A 1 96  ? -6.349  12.145  9.118   1.00 6.49  ? 102 LYS A CG  1 
ATOM   724  C  CD  . LYS A 1 96  ? -6.958  12.259  7.725   1.00 8.71  ? 102 LYS A CD  1 
ATOM   725  C  CE  . LYS A 1 96  ? -7.111  13.744  7.330   1.00 9.98  ? 102 LYS A CE  1 
ATOM   726  N  NZ  . LYS A 1 96  ? -7.908  14.538  8.324   1.00 10.55 ? 102 LYS A NZ  1 
ATOM   727  N  N   . PRO A 1 97  ? -5.255  8.839   12.682  1.00 7.54  ? 103 PRO A N   1 
ATOM   728  C  CA  . PRO A 1 97  ? -5.223  7.447   13.128  1.00 7.67  ? 103 PRO A CA  1 
ATOM   729  C  C   . PRO A 1 97  ? -6.615  6.807   13.214  1.00 8.65  ? 103 PRO A C   1 
ATOM   730  O  O   . PRO A 1 97  ? -6.718  5.580   13.139  1.00 8.17  ? 103 PRO A O   1 
ATOM   731  C  CB  . PRO A 1 97  ? -4.588  7.536   14.527  1.00 8.01  ? 103 PRO A CB  1 
ATOM   732  C  CG  . PRO A 1 97  ? -4.800  8.966   14.962  1.00 8.98  ? 103 PRO A CG  1 
ATOM   733  C  CD  . PRO A 1 97  ? -4.723  9.760   13.706  1.00 7.50  ? 103 PRO A CD  1 
ATOM   734  N  N   . GLU A 1 98  ? -7.658  7.629   13.351  1.00 8.54  ? 104 GLU A N   1 
ATOM   735  C  CA  . GLU A 1 98  ? -9.027  7.094   13.441  1.00 9.35  ? 104 GLU A CA  1 
ATOM   736  C  C   . GLU A 1 98  ? -9.724  7.013   12.076  1.00 8.62  ? 104 GLU A C   1 
ATOM   737  O  O   . GLU A 1 98  ? -10.909 6.660   12.000  1.00 7.86  ? 104 GLU A O   1 
ATOM   738  C  CB  . GLU A 1 98  ? -9.892  7.911   14.415  1.00 10.26 ? 104 GLU A CB  1 
ATOM   739  C  CG  . GLU A 1 98  ? -9.374  7.985   15.863  1.00 14.51 ? 104 GLU A CG  1 
ATOM   740  C  CD  . GLU A 1 98  ? -9.074  6.627   16.491  1.00 19.32 ? 104 GLU A CD  1 
ATOM   741  O  OE1 . GLU A 1 98  ? -9.689  5.608   16.092  1.00 21.63 ? 104 GLU A OE1 1 
ATOM   742  O  OE2 . GLU A 1 98  ? -8.204  6.578   17.395  1.00 24.01 ? 104 GLU A OE2 1 
ATOM   743  N  N   . LEU A 1 99  ? -9.004  7.335   11.003  1.00 7.05  ? 105 LEU A N   1 
ATOM   744  C  CA  . LEU A 1 99  ? -9.618  7.269   9.680   1.00 7.29  ? 105 LEU A CA  1 
ATOM   745  C  C   . LEU A 1 99  ? -10.095 5.861   9.370   1.00 7.11  ? 105 LEU A C   1 
ATOM   746  O  O   . LEU A 1 99  ? -9.443  4.866   9.719   1.00 6.50  ? 105 LEU A O   1 
ATOM   747  C  CB  . LEU A 1 99  ? -8.664  7.778   8.594   1.00 6.90  ? 105 LEU A CB  1 
ATOM   748  C  CG  . LEU A 1 99  ? -9.074  7.710   7.110   1.00 7.24  ? 105 LEU A CG  1 
ATOM   749  C  CD1 . LEU A 1 99  ? -8.406  8.858   6.375   1.00 7.53  ? 105 LEU A CD1 1 
ATOM   750  C  CD2 . LEU A 1 99  ? -8.672  6.379   6.471   1.00 8.97  ? 105 LEU A CD2 1 
ATOM   751  N  N   . LYS A 1 100 ? -11.244 5.787   8.690   1.00 6.49  ? 106 LYS A N   1 
ATOM   752  C  CA  . LYS A 1 100 ? -11.727 4.531   8.138   1.00 6.16  ? 106 LYS A CA  1 
ATOM   753  C  C   . LYS A 1 100 ? -11.899 4.729   6.637   1.00 5.47  ? 106 LYS A C   1 
ATOM   754  O  O   . LYS A 1 100 ? -12.228 5.828   6.187   1.00 6.38  ? 106 LYS A O   1 
ATOM   755  C  CB  . LYS A 1 100 ? -13.032 4.099   8.809   1.00 6.24  ? 106 LYS A CB  1 
ATOM   756  C  CG  . LYS A 1 100 ? -12.995 4.015   10.368  1.00 7.50  ? 106 LYS A CG  1 
ATOM   757  C  CD  . LYS A 1 100 ? -12.066 2.918   10.846  1.00 10.20 ? 106 LYS A CD  1 
ATOM   758  C  CE  . LYS A 1 100 ? -12.171 2.717   12.360  1.00 9.30  ? 106 LYS A CE  1 
ATOM   759  N  NZ  . LYS A 1 100 ? -11.394 3.738   13.108  1.00 11.74 ? 106 LYS A NZ  1 
ATOM   760  N  N   . PHE A 1 101 ? -11.625 3.686   5.861   1.00 4.44  ? 107 PHE A N   1 
ATOM   761  C  CA  . PHE A 1 101 ? -11.762 3.760   4.416   1.00 3.36  ? 107 PHE A CA  1 
ATOM   762  C  C   . PHE A 1 101 ? -13.185 3.350   4.068   1.00 3.99  ? 107 PHE A C   1 
ATOM   763  O  O   . PHE A 1 101 ? -13.571 2.182   4.259   1.00 5.01  ? 107 PHE A O   1 
ATOM   764  C  CB  . PHE A 1 101 ? -10.729 2.840   3.748   1.00 3.56  ? 107 PHE A CB  1 
ATOM   765  C  CG  . PHE A 1 101 ? -9.304  3.324   3.920   1.00 6.00  ? 107 PHE A CG  1 
ATOM   766  C  CD1 . PHE A 1 101 ? -8.781  4.289   3.059   1.00 6.76  ? 107 PHE A CD1 1 
ATOM   767  C  CD2 . PHE A 1 101 ? -8.495  2.828   4.940   1.00 7.56  ? 107 PHE A CD2 1 
ATOM   768  C  CE1 . PHE A 1 101 ? -7.455  4.745   3.211   1.00 5.51  ? 107 PHE A CE1 1 
ATOM   769  C  CE2 . PHE A 1 101 ? -7.174  3.276   5.092   1.00 7.67  ? 107 PHE A CE2 1 
ATOM   770  C  CZ  . PHE A 1 101 ? -6.657  4.229   4.216   1.00 6.56  ? 107 PHE A CZ  1 
ATOM   771  N  N   . HIS A 1 102 ? -13.962 4.305   3.572   1.00 2.89  ? 108 HIS A N   1 
ATOM   772  C  CA  . HIS A 1 102 ? -15.383 4.035   3.315   1.00 4.35  ? 108 HIS A CA  1 
ATOM   773  C  C   . HIS A 1 102 ? -15.651 3.388   1.960   1.00 4.26  ? 108 HIS A C   1 
ATOM   774  O  O   . HIS A 1 102 ? -16.779 2.982   1.691   1.00 4.34  ? 108 HIS A O   1 
ATOM   775  C  CB  . HIS A 1 102 ? -16.212 5.278   3.550   1.00 4.33  ? 108 HIS A CB  1 
ATOM   776  C  CG  . HIS A 1 102 ? -16.262 5.677   4.988   1.00 7.72  ? 108 HIS A CG  1 
ATOM   777  N  ND1 . HIS A 1 102 ? -17.255 5.255   5.846   1.00 11.95 ? 108 HIS A ND1 1 
ATOM   778  C  CD2 . HIS A 1 102 ? -15.391 6.387   5.741   1.00 8.10  ? 108 HIS A CD2 1 
ATOM   779  C  CE1 . HIS A 1 102 ? -17.023 5.744   7.054   1.00 12.22 ? 108 HIS A CE1 1 
ATOM   780  N  NE2 . HIS A 1 102 ? -15.904 6.439   7.015   1.00 11.56 ? 108 HIS A NE2 1 
ATOM   781  N  N   . GLU A 1 103 ? -14.587 3.274   1.153   1.00 4.33  ? 109 GLU A N   1 
ATOM   782  C  CA  . GLU A 1 103 ? -14.571 2.520   -0.112  1.00 4.89  ? 109 GLU A CA  1 
ATOM   783  C  C   . GLU A 1 103 ? -13.615 1.350   0.084   1.00 3.93  ? 109 GLU A C   1 
ATOM   784  O  O   . GLU A 1 103 ? -12.453 1.556   0.448   1.00 3.59  ? 109 GLU A O   1 
ATOM   785  C  CB  . GLU A 1 103 ? -14.046 3.381   -1.249  1.00 5.05  ? 109 GLU A CB  1 
ATOM   786  C  CG  . GLU A 1 103 ? -14.901 4.572   -1.598  1.00 7.17  ? 109 GLU A CG  1 
ATOM   787  C  CD  . GLU A 1 103 ? -14.304 5.390   -2.752  1.00 9.33  ? 109 GLU A CD  1 
ATOM   788  O  OE1 . GLU A 1 103 ? -13.251 4.992   -3.331  1.00 9.45  ? 109 GLU A OE1 1 
ATOM   789  O  OE2 . GLU A 1 103 ? -14.892 6.444   -3.062  1.00 13.95 ? 109 GLU A OE2 1 
ATOM   790  N  N   . LYS A 1 104 ? -14.106 0.125   -0.082  1.00 2.64  ? 110 LYS A N   1 
ATOM   791  C  CA  . LYS A 1 104 ? -13.205 -1.032  -0.084  1.00 2.43  ? 110 LYS A CA  1 
ATOM   792  C  C   . LYS A 1 104 ? -13.624 -1.996  -1.184  1.00 2.03  ? 110 LYS A C   1 
ATOM   793  O  O   . LYS A 1 104 ? -14.830 -2.182  -1.420  1.00 2.45  ? 110 LYS A O   1 
ATOM   794  C  CB  . LYS A 1 104 ? -13.242 -1.761  1.260   1.00 2.70  ? 110 LYS A CB  1 
ATOM   795  C  CG  . LYS A 1 104 ? -12.718 -0.942  2.443   1.00 4.41  ? 110 LYS A CG  1 
ATOM   796  C  CD  . LYS A 1 104 ? -12.641 -1.840  3.679   1.00 8.32  ? 110 LYS A CD  1 
ATOM   797  C  CE  . LYS A 1 104 ? -12.207 -1.077  4.913   1.00 9.95  ? 110 LYS A CE  1 
ATOM   798  N  NZ  . LYS A 1 104 ? -13.336 -0.292  5.459   1.00 12.26 ? 110 LYS A NZ  1 
ATOM   799  N  N   . SER A 1 105 ? -12.639 -2.582  -1.854  1.00 2.63  ? 111 SER A N   1 
ATOM   800  C  CA  . SER A 1 105 ? -12.922 -3.604  -2.874  1.00 3.68  ? 111 SER A CA  1 
ATOM   801  C  C   . SER A 1 105 ? -11.827 -4.647  -2.925  1.00 3.84  ? 111 SER A C   1 
ATOM   802  O  O   . SER A 1 105 ? -10.699 -4.405  -2.464  1.00 3.85  ? 111 SER A O   1 
ATOM   803  C  CB  . SER A 1 105 ? -13.095 -2.999  -4.264  1.00 3.99  ? 111 SER A CB  1 
ATOM   804  O  OG  . SER A 1 105 ? -11.899 -2.409  -4.758  1.00 6.45  ? 111 SER A OG  1 
ATOM   805  N  N   . LYS A 1 106 ? -12.190 -5.804  -3.474  1.00 2.84  ? 112 LYS A N   1 
ATOM   806  C  CA  . LYS A 1 106 ? -11.250 -6.880  -3.795  1.00 3.63  ? 112 LYS A CA  1 
ATOM   807  C  C   . LYS A 1 106 ? -11.625 -7.436  -5.171  1.00 4.68  ? 112 LYS A C   1 
ATOM   808  O  O   . LYS A 1 106 ? -12.794 -7.720  -5.427  1.00 4.92  ? 112 LYS A O   1 
ATOM   809  C  CB  . LYS A 1 106 ? -11.340 -7.979  -2.752  1.00 2.96  ? 112 LYS A CB  1 
ATOM   810  C  CG  . LYS A 1 106 ? -10.231 -9.008  -2.851  1.00 3.57  ? 112 LYS A CG  1 
ATOM   811  C  CD  . LYS A 1 106 ? -10.515 -10.123 -1.822  1.00 4.30  ? 112 LYS A CD  1 
ATOM   812  C  CE  . LYS A 1 106 ? -9.655  -11.368 -2.097  1.00 5.23  ? 112 LYS A CE  1 
ATOM   813  N  NZ  . LYS A 1 106 ? -9.889  -12.367 -1.022  1.00 6.48  ? 112 LYS A NZ  1 
ATOM   814  N  N   . GLU A 1 107 ? -10.632 -7.531  -6.053  1.00 5.01  ? 113 GLU A N   1 
ATOM   815  C  CA  . GLU A 1 107 ? -10.831 -8.059  -7.399  1.00 7.32  ? 113 GLU A CA  1 
ATOM   816  C  C   . GLU A 1 107 ? -9.828  -9.169  -7.619  1.00 5.67  ? 113 GLU A C   1 
ATOM   817  O  O   . GLU A 1 107 ? -8.625  -8.947  -7.484  1.00 6.20  ? 113 GLU A O   1 
ATOM   818  C  CB  . GLU A 1 107 ? -10.575 -6.933  -8.402  1.00 7.67  ? 113 GLU A CB  1 
ATOM   819  C  CG  . GLU A 1 107 ? -10.906 -7.285  -9.841  1.00 12.45 ? 113 GLU A CG  1 
ATOM   820  C  CD  . GLU A 1 107 ? -10.843 -6.070  -10.788 1.00 14.51 ? 113 GLU A CD  1 
ATOM   821  O  OE1 . GLU A 1 107 ? -11.029 -4.897  -10.337 1.00 20.79 ? 113 GLU A OE1 1 
ATOM   822  O  OE2 . GLU A 1 107 ? -10.593 -6.303  -11.992 1.00 22.44 ? 113 GLU A OE2 1 
ATOM   823  N  N   . GLU A 1 108 ? -10.310 -10.361 -7.956  1.00 5.25  ? 114 GLU A N   1 
ATOM   824  C  CA  . GLU A 1 108 ? -9.452  -11.520 -8.143  1.00 5.72  ? 114 GLU A CA  1 
ATOM   825  C  C   . GLU A 1 108 ? -9.545  -12.014 -9.597  1.00 4.94  ? 114 GLU A C   1 
ATOM   826  O  O   . GLU A 1 108 ? -10.640 -12.308 -10.077 1.00 5.21  ? 114 GLU A O   1 
ATOM   827  C  CB  . GLU A 1 108 ? -9.855  -12.642 -7.169  1.00 5.92  ? 114 GLU A CB  1 
ATOM   828  C  CG  . GLU A 1 108 ? -8.976  -13.865 -7.203  1.00 6.72  ? 114 GLU A CG  1 
ATOM   829  C  CD  . GLU A 1 108 ? -9.365  -14.905 -6.154  1.00 7.50  ? 114 GLU A CD  1 
ATOM   830  O  OE1 . GLU A 1 108 ? -10.430 -14.736 -5.516  1.00 11.42 ? 114 GLU A OE1 1 
ATOM   831  O  OE2 . GLU A 1 108 ? -8.617  -15.897 -5.972  1.00 9.92  ? 114 GLU A OE2 1 
ATOM   832  N  N   . THR A 1 109 ? -8.400  -12.077 -10.282 1.00 4.31  ? 115 THR A N   1 
ATOM   833  C  CA  . THR A 1 109 ? -8.291  -12.653 -11.632 1.00 4.37  ? 115 THR A CA  1 
ATOM   834  C  C   . THR A 1 109 ? -7.346  -13.846 -11.545 1.00 4.62  ? 115 THR A C   1 
ATOM   835  O  O   . THR A 1 109 ? -6.768  -14.103 -10.474 1.00 3.12  ? 115 THR A O   1 
ATOM   836  C  CB  . THR A 1 109 ? -7.721  -11.645 -12.687 1.00 5.09  ? 115 THR A CB  1 
ATOM   837  O  OG1 . THR A 1 109 ? -6.342  -11.354 -12.401 1.00 5.87  ? 115 THR A OG1 1 
ATOM   838  C  CG2 . THR A 1 109 ? -8.513  -10.355 -12.680 1.00 5.01  ? 115 THR A CG2 1 
ATOM   839  N  N   . PHE A 1 110 ? -7.155  -14.562 -12.659 1.00 4.66  ? 116 PHE A N   1 
ATOM   840  C  CA  . PHE A 1 110 ? -6.187  -15.658 -12.641 1.00 5.84  ? 116 PHE A CA  1 
ATOM   841  C  C   . PHE A 1 110 ? -4.803  -15.182 -12.240 1.00 5.89  ? 116 PHE A C   1 
ATOM   842  O  O   . PHE A 1 110 ? -4.048  -15.908 -11.589 1.00 5.85  ? 116 PHE A O   1 
ATOM   843  C  CB  . PHE A 1 110 ? -6.114  -16.330 -14.028 1.00 6.31  ? 116 PHE A CB  1 
ATOM   844  C  CG  . PHE A 1 110 ? -5.056  -17.383 -14.123 1.00 9.47  ? 116 PHE A CG  1 
ATOM   845  C  CD1 . PHE A 1 110 ? -5.316  -18.676 -13.673 1.00 12.59 ? 116 PHE A CD1 1 
ATOM   846  C  CD2 . PHE A 1 110 ? -3.799  -17.084 -14.654 1.00 11.00 ? 116 PHE A CD2 1 
ATOM   847  C  CE1 . PHE A 1 110 ? -4.333  -19.670 -13.751 1.00 11.41 ? 116 PHE A CE1 1 
ATOM   848  C  CE2 . PHE A 1 110 ? -2.797  -18.064 -14.739 1.00 12.13 ? 116 PHE A CE2 1 
ATOM   849  C  CZ  . PHE A 1 110 ? -3.066  -19.366 -14.293 1.00 11.09 ? 116 PHE A CZ  1 
ATOM   850  N  N   . ASP A 1 111 ? -4.464  -13.948 -12.616 1.00 4.38  ? 117 ASP A N   1 
ATOM   851  C  CA  . ASP A 1 111 ? -3.106  -13.506 -12.505 1.00 4.66  ? 117 ASP A CA  1 
ATOM   852  C  C   . ASP A 1 111 ? -2.837  -12.663 -11.294 1.00 3.80  ? 117 ASP A C   1 
ATOM   853  O  O   . ASP A 1 111 ? -1.686  -12.546 -10.870 1.00 4.49  ? 117 ASP A O   1 
ATOM   854  C  CB  . ASP A 1 111 ? -2.689  -12.750 -13.768 1.00 5.14  ? 117 ASP A CB  1 
ATOM   855  C  CG  . ASP A 1 111 ? -2.603  -13.652 -14.966 1.00 8.51  ? 117 ASP A CG  1 
ATOM   856  O  OD1 . ASP A 1 111 ? -1.645  -14.453 -15.051 1.00 10.77 ? 117 ASP A OD1 1 
ATOM   857  O  OD2 . ASP A 1 111 ? -3.512  -13.585 -15.819 1.00 10.48 ? 117 ASP A OD2 1 
ATOM   858  N  N   . LYS A 1 112 ? -3.877  -12.046 -10.736 1.00 4.01  ? 118 LYS A N   1 
ATOM   859  C  CA  . LYS A 1 112 ? -3.638  -11.169 -9.579  1.00 2.97  ? 118 LYS A CA  1 
ATOM   860  C  C   . LYS A 1 112 ? -4.845  -10.950 -8.680  1.00 3.23  ? 118 LYS A C   1 
ATOM   861  O  O   . LYS A 1 112 ? -5.985  -11.126 -9.100  1.00 2.77  ? 118 LYS A O   1 
ATOM   862  C  CB  . LYS A 1 112 ? -3.120  -9.786  -10.038 1.00 4.01  ? 118 LYS A CB  1 
ATOM   863  C  CG  . LYS A 1 112 ? -4.120  -9.077  -10.969 1.00 4.99  ? 118 LYS A CG  1 
ATOM   864  C  CD  . LYS A 1 112 ? -3.948  -7.570  -10.977 1.00 7.34  ? 118 LYS A CD  1 
ATOM   865  C  CE  . LYS A 1 112 ? -4.698  -7.015  -12.190 1.00 10.35 ? 118 LYS A CE  1 
ATOM   866  N  NZ  . LYS A 1 112 ? -4.291  -5.607  -12.495 1.00 13.53 ? 118 LYS A NZ  1 
ATOM   867  N  N   . ILE A 1 113 ? -4.564  -10.520 -7.448  1.00 2.05  ? 119 ILE A N   1 
ATOM   868  C  CA  . ILE A 1 113 ? -5.606  -10.013 -6.549  1.00 3.74  ? 119 ILE A CA  1 
ATOM   869  C  C   . ILE A 1 113 ? -5.280  -8.554  -6.232  1.00 3.80  ? 119 ILE A C   1 
ATOM   870  O  O   . ILE A 1 113 ? -4.127  -8.203  -5.891  1.00 4.89  ? 119 ILE A O   1 
ATOM   871  C  CB  . ILE A 1 113 ? -5.731  -10.869 -5.273  1.00 3.82  ? 119 ILE A CB  1 
ATOM   872  C  CG1 . ILE A 1 113 ? -6.272  -12.278 -5.621  1.00 2.98  ? 119 ILE A CG1 1 
ATOM   873  C  CG2 . ILE A 1 113 ? -6.579  -10.109 -4.179  1.00 6.19  ? 119 ILE A CG2 1 
ATOM   874  C  CD1 . ILE A 1 113 ? -6.319  -13.251 -4.404  1.00 4.27  ? 119 ILE A CD1 1 
ATOM   875  N  N   . THR A 1 114 ? -6.295  -7.708  -6.347  1.00 4.03  ? 120 THR A N   1 
ATOM   876  C  CA  . THR A 1 114 ? -6.139  -6.280  -6.066  1.00 4.27  ? 120 THR A CA  1 
ATOM   877  C  C   . THR A 1 114 ? -7.105  -5.887  -4.969  1.00 4.38  ? 120 THR A C   1 
ATOM   878  O  O   . THR A 1 114 ? -8.311  -6.110  -5.107  1.00 3.99  ? 120 THR A O   1 
ATOM   879  C  CB  . THR A 1 114 ? -6.471  -5.397  -7.309  1.00 4.23  ? 120 THR A CB  1 
ATOM   880  O  OG1 . THR A 1 114 ? -5.639  -5.780  -8.420  1.00 5.65  ? 120 THR A OG1 1 
ATOM   881  C  CG2 . THR A 1 114 ? -6.255  -3.893  -6.973  1.00 5.62  ? 120 THR A CG2 1 
ATOM   882  N  N   . TRP A 1 115 ? -6.593  -5.295  -3.891  1.00 4.12  ? 121 TRP A N   1 
ATOM   883  C  CA  . TRP A 1 115 ? -7.432  -4.653  -2.897  1.00 4.60  ? 121 TRP A CA  1 
ATOM   884  C  C   . TRP A 1 115 ? -7.348  -3.127  -3.077  1.00 4.95  ? 121 TRP A C   1 
ATOM   885  O  O   . TRP A 1 115 ? -6.264  -2.583  -3.275  1.00 5.79  ? 121 TRP A O   1 
ATOM   886  C  CB  . TRP A 1 115 ? -6.940  -4.946  -1.487  1.00 4.46  ? 121 TRP A CB  1 
ATOM   887  C  CG  . TRP A 1 115 ? -7.043  -6.387  -1.053  1.00 3.45  ? 121 TRP A CG  1 
ATOM   888  C  CD1 . TRP A 1 115 ? -8.115  -6.985  -0.441  1.00 5.16  ? 121 TRP A CD1 1 
ATOM   889  C  CD2 . TRP A 1 115 ? -6.008  -7.382  -1.118  1.00 4.69  ? 121 TRP A CD2 1 
ATOM   890  N  NE1 . TRP A 1 115 ? -7.826  -8.288  -0.151  1.00 6.64  ? 121 TRP A NE1 1 
ATOM   891  C  CE2 . TRP A 1 115 ? -6.548  -8.570  -0.552  1.00 6.28  ? 121 TRP A CE2 1 
ATOM   892  C  CE3 . TRP A 1 115 ? -4.698  -7.395  -1.613  1.00 2.87  ? 121 TRP A CE3 1 
ATOM   893  C  CZ2 . TRP A 1 115 ? -5.811  -9.754  -0.430  1.00 5.24  ? 121 TRP A CZ2 1 
ATOM   894  C  CZ3 . TRP A 1 115 ? -3.955  -8.577  -1.499  1.00 6.03  ? 121 TRP A CZ3 1 
ATOM   895  C  CH2 . TRP A 1 115 ? -4.524  -9.751  -0.922  1.00 5.39  ? 121 TRP A CH2 1 
ATOM   896  N  N   . HIS A 1 116 ? -8.490  -2.451  -2.982  1.00 4.70  ? 122 HIS A N   1 
ATOM   897  C  CA  . HIS A 1 116 ? -8.522  -1.000  -2.994  1.00 5.30  ? 122 HIS A CA  1 
ATOM   898  C  C   . HIS A 1 116 ? -9.135  -0.511  -1.678  1.00 4.87  ? 122 HIS A C   1 
ATOM   899  O  O   . HIS A 1 116 ? -10.104 -1.089  -1.187  1.00 4.40  ? 122 HIS A O   1 
ATOM   900  C  CB  . HIS A 1 116 ? -9.338  -0.482  -4.179  1.00 6.74  ? 122 HIS A CB  1 
ATOM   901  C  CG  . HIS A 1 116 ? -9.730  0.961   -4.053  1.00 8.60  ? 122 HIS A CG  1 
ATOM   902  N  ND1 . HIS A 1 116 ? -8.852  1.991   -4.296  1.00 11.06 ? 122 HIS A ND1 1 
ATOM   903  C  CD2 . HIS A 1 116 ? -10.907 1.540   -3.714  1.00 7.29  ? 122 HIS A CD2 1 
ATOM   904  C  CE1 . HIS A 1 116 ? -9.463  3.149   -4.096  1.00 8.17  ? 122 HIS A CE1 1 
ATOM   905  N  NE2 . HIS A 1 116 ? -10.715 2.904   -3.756  1.00 12.30 ? 122 HIS A NE2 1 
ATOM   906  N  N   . TYR A 1 117 ? -8.555  0.544   -1.125  1.00 4.82  ? 123 TYR A N   1 
ATOM   907  C  CA  . TYR A 1 117 ? -9.095  1.233   0.048   1.00 4.15  ? 123 TYR A CA  1 
ATOM   908  C  C   . TYR A 1 117 ? -9.136  2.700   -0.299  1.00 3.65  ? 123 TYR A C   1 
ATOM   909  O  O   . TYR A 1 117 ? -8.115  3.277   -0.681  1.00 4.87  ? 123 TYR A O   1 
ATOM   910  C  CB  . TYR A 1 117 ? -8.170  1.072   1.259   1.00 4.73  ? 123 TYR A CB  1 
ATOM   911  C  CG  . TYR A 1 117 ? -8.028  -0.348  1.728   1.00 4.60  ? 123 TYR A CG  1 
ATOM   912  C  CD1 . TYR A 1 117 ? -8.860  -0.834  2.727   1.00 7.88  ? 123 TYR A CD1 1 
ATOM   913  C  CD2 . TYR A 1 117 ? -7.046  -1.190  1.189   1.00 4.53  ? 123 TYR A CD2 1 
ATOM   914  C  CE1 . TYR A 1 117 ? -8.737  -2.138  3.182   1.00 7.68  ? 123 TYR A CE1 1 
ATOM   915  C  CE2 . TYR A 1 117 ? -6.906  -2.514  1.653   1.00 5.33  ? 123 TYR A CE2 1 
ATOM   916  C  CZ  . TYR A 1 117 ? -7.755  -2.968  2.641   1.00 7.82  ? 123 TYR A CZ  1 
ATOM   917  O  OH  . TYR A 1 117 ? -7.631  -4.278  3.095   1.00 8.71  ? 123 TYR A OH  1 
ATOM   918  N  N   . GLY A 1 118 ? -10.309 3.306   -0.194  1.00 3.49  ? 124 GLY A N   1 
ATOM   919  C  CA  . GLY A 1 118 ? -10.462 4.703   -0.600  1.00 3.47  ? 124 GLY A CA  1 
ATOM   920  C  C   . GLY A 1 118 ? -11.172 5.509   0.483   1.00 3.30  ? 124 GLY A C   1 
ATOM   921  O  O   . GLY A 1 118 ? -12.038 4.981   1.182   1.00 3.70  ? 124 GLY A O   1 
ATOM   922  N  N   . GLU A 1 119 ? -10.820 6.785   0.624   1.00 3.74  ? 125 GLU A N   1 
ATOM   923  C  CA  . GLU A 1 119 ? -11.513 7.658   1.571   1.00 4.08  ? 125 GLU A CA  1 
ATOM   924  C  C   . GLU A 1 119 ? -11.437 9.110   1.099   1.00 4.23  ? 125 GLU A C   1 
ATOM   925  O  O   . GLU A 1 119 ? -10.334 9.578   0.779   1.00 3.29  ? 125 GLU A O   1 
ATOM   926  C  CB  . GLU A 1 119 ? -10.851 7.534   2.962   1.00 4.54  ? 125 GLU A CB  1 
ATOM   927  C  CG  . GLU A 1 119 ? -11.467 8.457   4.059   1.00 6.92  ? 125 GLU A CG  1 
ATOM   928  C  CD  . GLU A 1 119 ? -12.927 8.142   4.435   1.00 7.38  ? 125 GLU A CD  1 
ATOM   929  O  OE1 . GLU A 1 119 ? -13.609 7.341   3.760   1.00 8.21  ? 125 GLU A OE1 1 
ATOM   930  O  OE2 . GLU A 1 119 ? -13.408 8.725   5.433   1.00 6.67  ? 125 GLU A OE2 1 
ATOM   931  N  N   . GLU A 1 120 ? -12.582 9.793   1.021   1.00 4.26  ? 126 GLU A N   1 
ATOM   932  C  CA  . GLU A 1 120 ? -12.579 11.252  0.870   1.00 5.70  ? 126 GLU A CA  1 
ATOM   933  C  C   . GLU A 1 120 ? -12.460 11.870  2.253   1.00 5.11  ? 126 GLU A C   1 
ATOM   934  O  O   . GLU A 1 120 ? -13.207 11.532  3.200   1.00 5.13  ? 126 GLU A O   1 
ATOM   935  C  CB  . GLU A 1 120 ? -13.821 11.771  0.158   1.00 5.47  ? 126 GLU A CB  1 
ATOM   936  C  CG  . GLU A 1 120 ? -14.014 11.213  -1.231  1.00 8.25  ? 126 GLU A CG  1 
ATOM   937  C  CD  . GLU A 1 120 ? -15.052 11.975  -2.075  1.00 9.97  ? 126 GLU A CD  1 
ATOM   938  O  OE1 . GLU A 1 120 ? -15.750 12.882  -1.550  1.00 13.52 ? 126 GLU A OE1 1 
ATOM   939  O  OE2 . GLU A 1 120 ? -15.147 11.644  -3.285  1.00 16.50 ? 126 GLU A OE2 1 
ATOM   940  N  N   . THR A 1 121 ? -11.496 12.765  2.389   1.00 5.19  ? 127 THR A N   1 
ATOM   941  C  CA  . THR A 1 121 ? -11.247 13.368  3.681   1.00 5.43  ? 127 THR A CA  1 
ATOM   942  C  C   . THR A 1 121 ? -10.852 14.830  3.460   1.00 6.46  ? 127 THR A C   1 
ATOM   943  O  O   . THR A 1 121 ? -11.069 15.384  2.374   1.00 5.55  ? 127 THR A O   1 
ATOM   944  C  CB  . THR A 1 121 ? -10.198 12.522  4.486   1.00 5.85  ? 127 THR A CB  1 
ATOM   945  O  OG1 . THR A 1 121 ? -9.994  13.065  5.799   1.00 8.00  ? 127 THR A OG1 1 
ATOM   946  C  CG2 . THR A 1 121 ? -8.866  12.459  3.720   1.00 7.44  ? 127 THR A CG2 1 
ATOM   947  N  N   . GLU A 1 122 ? -10.333 15.460  4.500   1.00 7.24  ? 128 GLU A N   1 
ATOM   948  C  CA  . GLU A 1 122 ? -9.859  16.834  4.387   1.00 9.50  ? 128 GLU A CA  1 
ATOM   949  C  C   . GLU A 1 122 ? -8.782  17.077  5.412   1.00 7.64  ? 128 GLU A C   1 
ATOM   950  O  O   . GLU A 1 122 ? -8.762  16.442  6.462   1.00 7.95  ? 128 GLU A O   1 
ATOM   951  C  CB  . GLU A 1 122 ? -10.995 17.859  4.536   1.00 9.76  ? 128 GLU A CB  1 
ATOM   952  C  CG  . GLU A 1 122 ? -11.677 17.914  5.902   1.00 12.83 ? 128 GLU A CG  1 
ATOM   953  C  CD  . GLU A 1 122 ? -12.517 19.195  6.095   1.00 14.89 ? 128 GLU A CD  1 
ATOM   954  O  OE1 . GLU A 1 122 ? -11.970 20.346  6.118   1.00 20.84 ? 128 GLU A OE1 1 
ATOM   955  O  OE2 . GLU A 1 122 ? -13.757 19.040  6.229   1.00 22.41 ? 128 GLU A OE2 1 
ATOM   956  N  N   . TYR A 1 123 ? -7.883  17.994  5.087   1.00 7.40  ? 129 TYR A N   1 
ATOM   957  C  CA  . TYR A 1 123 ? -6.800  18.365  5.997   1.00 6.59  ? 129 TYR A CA  1 
ATOM   958  C  C   . TYR A 1 123 ? -6.428  19.803  5.665   1.00 6.31  ? 129 TYR A C   1 
ATOM   959  O  O   . TYR A 1 123 ? -6.418  20.189  4.494   1.00 5.37  ? 129 TYR A O   1 
ATOM   960  C  CB  . TYR A 1 123 ? -5.600  17.415  5.839   1.00 7.62  ? 129 TYR A CB  1 
ATOM   961  C  CG  . TYR A 1 123 ? -4.519  17.610  6.862   1.00 8.15  ? 129 TYR A CG  1 
ATOM   962  C  CD1 . TYR A 1 123 ? -3.264  18.121  6.499   1.00 8.49  ? 129 TYR A CD1 1 
ATOM   963  C  CD2 . TYR A 1 123 ? -4.753  17.305  8.210   1.00 9.18  ? 129 TYR A CD2 1 
ATOM   964  C  CE1 . TYR A 1 123 ? -2.270  18.291  7.453   1.00 8.73  ? 129 TYR A CE1 1 
ATOM   965  C  CE2 . TYR A 1 123 ? -3.782  17.477  9.151   1.00 10.96 ? 129 TYR A CE2 1 
ATOM   966  C  CZ  . TYR A 1 123 ? -2.540  17.977  8.768   1.00 11.18 ? 129 TYR A CZ  1 
ATOM   967  O  OH  . TYR A 1 123 ? -1.580  18.148  9.726   1.00 12.44 ? 129 TYR A OH  1 
ATOM   968  N  N   . HIS A 1 124 ? -6.193  20.621  6.689   1.00 6.69  ? 130 HIS A N   1 
ATOM   969  C  CA  . HIS A 1 124 ? -5.891  22.040  6.447   1.00 6.63  ? 130 HIS A CA  1 
ATOM   970  C  C   . HIS A 1 124 ? -6.886  22.710  5.478   1.00 6.48  ? 130 HIS A C   1 
ATOM   971  O  O   . HIS A 1 124 ? -6.504  23.511  4.608   1.00 6.57  ? 130 HIS A O   1 
ATOM   972  C  CB  . HIS A 1 124 ? -4.432  22.220  5.997   1.00 7.11  ? 130 HIS A CB  1 
ATOM   973  C  CG  . HIS A 1 124 ? -3.436  21.944  7.089   1.00 8.80  ? 130 HIS A CG  1 
ATOM   974  N  ND1 . HIS A 1 124 ? -3.806  21.708  8.398   1.00 12.86 ? 130 HIS A ND1 1 
ATOM   975  C  CD2 . HIS A 1 124 ? -2.085  21.885  7.064   1.00 11.06 ? 130 HIS A CD2 1 
ATOM   976  C  CE1 . HIS A 1 124 ? -2.724  21.498  9.129   1.00 12.86 ? 130 HIS A CE1 1 
ATOM   977  N  NE2 . HIS A 1 124 ? -1.667  21.595  8.342   1.00 13.16 ? 130 HIS A NE2 1 
ATOM   978  N  N   . GLY A 1 125 ? -8.161  22.354  5.638   1.00 5.92  ? 131 GLY A N   1 
ATOM   979  C  CA  . GLY A 1 125 ? -9.265  22.955  4.871   1.00 6.51  ? 131 GLY A CA  1 
ATOM   980  C  C   . GLY A 1 125 ? -9.355  22.560  3.408   1.00 6.38  ? 131 GLY A C   1 
ATOM   981  O  O   . GLY A 1 125 ? -10.109 23.170  2.643   1.00 6.72  ? 131 GLY A O   1 
ATOM   982  N  N   . ARG A 1 126 ? -8.579  21.558  2.999   1.00 6.08  ? 132 ARG A N   1 
ATOM   983  C  CA  . ARG A 1 126 ? -8.580  21.129  1.607   1.00 5.57  ? 132 ARG A CA  1 
ATOM   984  C  C   . ARG A 1 126 ? -9.100  19.697  1.523   1.00 5.82  ? 132 ARG A C   1 
ATOM   985  O  O   . ARG A 1 126 ? -8.562  18.801  2.195   1.00 5.94  ? 132 ARG A O   1 
ATOM   986  C  CB  . ARG A 1 126 ? -7.192  21.240  0.980   1.00 5.53  ? 132 ARG A CB  1 
ATOM   987  C  CG  . ARG A 1 126 ? -6.521  22.590  1.230   1.00 5.83  ? 132 ARG A CG  1 
ATOM   988  C  CD  . ARG A 1 126 ? -5.614  22.969  0.103   1.00 9.01  ? 132 ARG A CD  1 
ATOM   989  N  NE  . ARG A 1 126 ? -4.502  22.033  -0.103  1.00 8.31  ? 132 ARG A NE  1 
ATOM   990  C  CZ  . ARG A 1 126 ? -3.317  22.135  0.501   1.00 8.69  ? 132 ARG A CZ  1 
ATOM   991  N  NH1 . ARG A 1 126 ? -3.087  23.105  1.400   1.00 7.77  ? 132 ARG A NH1 1 
ATOM   992  N  NH2 . ARG A 1 126 ? -2.361  21.265  0.207   1.00 6.62  ? 132 ARG A NH2 1 
ATOM   993  N  N   . PRO A 1 127 ? -10.191 19.500  0.754   1.00 6.29  ? 133 PRO A N   1 
ATOM   994  C  CA  . PRO A 1 127 ? -10.739 18.166  0.575   1.00 5.56  ? 133 PRO A CA  1 
ATOM   995  C  C   . PRO A 1 127 ? -9.892  17.352  -0.406  1.00 5.08  ? 133 PRO A C   1 
ATOM   996  O  O   . PRO A 1 127 ? -9.479  17.874  -1.470  1.00 3.83  ? 133 PRO A O   1 
ATOM   997  C  CB  . PRO A 1 127 ? -12.121 18.425  -0.045  1.00 6.81  ? 133 PRO A CB  1 
ATOM   998  C  CG  . PRO A 1 127 ? -11.933 19.693  -0.820  1.00 7.67  ? 133 PRO A CG  1 
ATOM   999  C  CD  . PRO A 1 127 ? -10.986 20.528  0.046   1.00 6.61  ? 133 PRO A CD  1 
ATOM   1000 N  N   . PHE A 1 128 ? -9.665  16.088  -0.070  1.00 4.60  ? 134 PHE A N   1 
ATOM   1001 C  CA  . PHE A 1 128 ? -8.886  15.241  -0.979  1.00 4.21  ? 134 PHE A CA  1 
ATOM   1002 C  C   . PHE A 1 128 ? -9.263  13.788  -0.846  1.00 4.36  ? 134 PHE A C   1 
ATOM   1003 O  O   . PHE A 1 128 ? -9.838  13.368  0.163   1.00 4.94  ? 134 PHE A O   1 
ATOM   1004 C  CB  . PHE A 1 128 ? -7.358  15.452  -0.824  1.00 3.75  ? 134 PHE A CB  1 
ATOM   1005 C  CG  . PHE A 1 128 ? -6.790  15.007  0.508   1.00 3.00  ? 134 PHE A CG  1 
ATOM   1006 C  CD1 . PHE A 1 128 ? -6.019  13.851  0.592   1.00 4.79  ? 134 PHE A CD1 1 
ATOM   1007 C  CD2 . PHE A 1 128 ? -6.996  15.771  1.681   1.00 4.29  ? 134 PHE A CD2 1 
ATOM   1008 C  CE1 . PHE A 1 128 ? -5.472  13.424  1.832   1.00 2.48  ? 134 PHE A CE1 1 
ATOM   1009 C  CE2 . PHE A 1 128 ? -6.442  15.344  2.927   1.00 2.00  ? 134 PHE A CE2 1 
ATOM   1010 C  CZ  . PHE A 1 128 ? -5.676  14.215  2.993   1.00 4.61  ? 134 PHE A CZ  1 
ATOM   1011 N  N   . LYS A 1 129 ? -8.958  13.040  -1.891  1.00 3.29  ? 135 LYS A N   1 
ATOM   1012 C  CA  . LYS A 1 129 ? -9.261  11.614  -1.934  1.00 2.81  ? 135 LYS A CA  1 
ATOM   1013 C  C   . LYS A 1 129 ? -7.979  10.849  -1.668  1.00 2.66  ? 135 LYS A C   1 
ATOM   1014 O  O   . LYS A 1 129 ? -6.977  11.116  -2.305  1.00 3.22  ? 135 LYS A O   1 
ATOM   1015 C  CB  . LYS A 1 129 ? -9.792  11.260  -3.330  1.00 3.26  ? 135 LYS A CB  1 
ATOM   1016 C  CG  . LYS A 1 129 ? -10.032 9.749   -3.557  1.00 5.13  ? 135 LYS A CG  1 
ATOM   1017 C  CD  . LYS A 1 129 ? -11.220 9.284   -2.702  1.00 7.40  ? 135 LYS A CD  1 
ATOM   1018 C  CE  . LYS A 1 129 ? -11.394 7.770   -2.730  1.00 7.68  ? 135 LYS A CE  1 
ATOM   1019 N  NZ  . LYS A 1 129 ? -11.651 7.272   -4.122  1.00 7.19  ? 135 LYS A NZ  1 
ATOM   1020 N  N   . ILE A 1 130 ? -8.015  9.870   -0.753  1.00 2.00  ? 136 ILE A N   1 
ATOM   1021 C  CA  . ILE A 1 130 ? -6.892  8.930   -0.595  1.00 2.00  ? 136 ILE A CA  1 
ATOM   1022 C  C   . ILE A 1 130 ? -7.274  7.622   -1.287  1.00 2.18  ? 136 ILE A C   1 
ATOM   1023 O  O   . ILE A 1 130 ? -8.369  7.090   -1.029  1.00 3.90  ? 136 ILE A O   1 
ATOM   1024 C  CB  . ILE A 1 130 ? -6.659  8.578   0.887   1.00 2.00  ? 136 ILE A CB  1 
ATOM   1025 C  CG1 . ILE A 1 130 ? -6.200  9.838   1.633   1.00 2.00  ? 136 ILE A CG1 1 
ATOM   1026 C  CG2 . ILE A 1 130 ? -5.598  7.475   1.013   1.00 2.89  ? 136 ILE A CG2 1 
ATOM   1027 C  CD1 . ILE A 1 130 ? -6.123  9.698   3.171   1.00 2.65  ? 136 ILE A CD1 1 
ATOM   1028 N  N   . ASP A 1 131 ? -6.422  7.141   -2.187  1.00 3.28  ? 137 ASP A N   1 
ATOM   1029 C  CA  . ASP A 1 131 ? -6.620  5.805   -2.782  1.00 3.55  ? 137 ASP A CA  1 
ATOM   1030 C  C   . ASP A 1 131 ? -5.404  4.927   -2.513  1.00 4.23  ? 137 ASP A C   1 
ATOM   1031 O  O   . ASP A 1 131 ? -4.285  5.290   -2.898  1.00 3.45  ? 137 ASP A O   1 
ATOM   1032 C  CB  . ASP A 1 131 ? -6.840  5.889   -4.303  1.00 4.15  ? 137 ASP A CB  1 
ATOM   1033 C  CG  . ASP A 1 131 ? -8.198  6.459   -4.668  1.00 6.13  ? 137 ASP A CG  1 
ATOM   1034 O  OD1 . ASP A 1 131 ? -9.243  5.932   -4.223  1.00 8.63  ? 137 ASP A OD1 1 
ATOM   1035 O  OD2 . ASP A 1 131 ? -8.210  7.430   -5.447  1.00 8.41  ? 137 ASP A OD2 1 
ATOM   1036 N  N   . VAL A 1 132 ? -5.625  3.774   -1.870  1.00 4.49  ? 138 VAL A N   1 
ATOM   1037 C  CA  . VAL A 1 132 ? -4.551  2.826   -1.636  1.00 4.59  ? 138 VAL A CA  1 
ATOM   1038 C  C   . VAL A 1 132 ? -4.881  1.587   -2.434  1.00 4.92  ? 138 VAL A C   1 
ATOM   1039 O  O   . VAL A 1 132 ? -5.957  1.027   -2.283  1.00 5.86  ? 138 VAL A O   1 
ATOM   1040 C  CB  . VAL A 1 132 ? -4.407  2.465   -0.132  1.00 4.58  ? 138 VAL A CB  1 
ATOM   1041 C  CG1 . VAL A 1 132 ? -3.173  1.568   0.106   1.00 4.79  ? 138 VAL A CG1 1 
ATOM   1042 C  CG2 . VAL A 1 132 ? -4.281  3.743   0.713   1.00 2.90  ? 138 VAL A CG2 1 
ATOM   1043 N  N   . GLN A 1 133 ? -3.965  1.192   -3.306  1.00 4.56  ? 139 GLN A N   1 
ATOM   1044 C  CA  . GLN A 1 133 ? -4.114  -0.061  -4.050  1.00 4.94  ? 139 GLN A CA  1 
ATOM   1045 C  C   . GLN A 1 133 ? -3.038  -1.039  -3.581  1.00 4.31  ? 139 GLN A C   1 
ATOM   1046 O  O   . GLN A 1 133 ? -1.870  -0.673  -3.470  1.00 4.56  ? 139 GLN A O   1 
ATOM   1047 C  CB  . GLN A 1 133 ? -3.935  0.192   -5.528  1.00 5.23  ? 139 GLN A CB  1 
ATOM   1048 C  CG  . GLN A 1 133 ? -4.097  -1.038  -6.347  1.00 9.43  ? 139 GLN A CG  1 
ATOM   1049 C  CD  . GLN A 1 133 ? -3.909  -0.728  -7.786  1.00 13.70 ? 139 GLN A CD  1 
ATOM   1050 O  OE1 . GLN A 1 133 ? -4.882  -0.406  -8.487  1.00 17.83 ? 139 GLN A OE1 1 
ATOM   1051 N  NE2 . GLN A 1 133 ? -2.642  -0.758  -8.250  1.00 13.87 ? 139 GLN A NE2 1 
ATOM   1052 N  N   . VAL A 1 134 ? -3.421  -2.287  -3.344  1.00 3.61  ? 140 VAL A N   1 
ATOM   1053 C  CA  . VAL A 1 134 ? -2.446  -3.298  -2.977  1.00 2.94  ? 140 VAL A CA  1 
ATOM   1054 C  C   . VAL A 1 134 ? -2.638  -4.466  -3.925  1.00 2.69  ? 140 VAL A C   1 
ATOM   1055 O  O   . VAL A 1 134 ? -3.745  -4.981  -4.046  1.00 3.85  ? 140 VAL A O   1 
ATOM   1056 C  CB  . VAL A 1 134 ? -2.573  -3.757  -1.510  1.00 3.55  ? 140 VAL A CB  1 
ATOM   1057 C  CG1 . VAL A 1 134 ? -1.418  -4.711  -1.205  1.00 2.27  ? 140 VAL A CG1 1 
ATOM   1058 C  CG2 . VAL A 1 134 ? -2.507  -2.545  -0.558  1.00 4.14  ? 140 VAL A CG2 1 
ATOM   1059 N  N   . VAL A 1 135 ? -1.556  -4.867  -4.584  1.00 2.77  ? 141 VAL A N   1 
ATOM   1060 C  CA  . VAL A 1 135 ? -1.654  -5.946  -5.606  1.00 2.56  ? 141 VAL A CA  1 
ATOM   1061 C  C   . VAL A 1 135 ? -0.755  -7.101  -5.248  1.00 3.37  ? 141 VAL A C   1 
ATOM   1062 O  O   . VAL A 1 135 ? 0.411   -6.899  -4.941  1.00 3.60  ? 141 VAL A O   1 
ATOM   1063 C  CB  . VAL A 1 135 ? -1.342  -5.398  -7.048  1.00 2.34  ? 141 VAL A CB  1 
ATOM   1064 C  CG1 . VAL A 1 135 ? -1.259  -6.559  -8.078  1.00 3.59  ? 141 VAL A CG1 1 
ATOM   1065 C  CG2 . VAL A 1 135 ? -2.442  -4.402  -7.482  1.00 4.40  ? 141 VAL A CG2 1 
ATOM   1066 N  N   . CYS A 1 136 ? -1.285  -8.332  -5.285  1.00 2.87  ? 142 CYS A N   1 
ATOM   1067 C  CA  . CYS A 1 136 ? -0.387  -9.488  -5.212  1.00 4.25  ? 142 CYS A CA  1 
ATOM   1068 C  C   . CYS A 1 136 ? -0.659  -10.299 -6.465  1.00 3.41  ? 142 CYS A C   1 
ATOM   1069 O  O   . CYS A 1 136 ? -1.672  -10.077 -7.125  1.00 3.89  ? 142 CYS A O   1 
ATOM   1070 C  CB  . CYS A 1 136 ? -0.562  -10.282 -3.917  1.00 4.85  ? 142 CYS A CB  1 
ATOM   1071 S  SG  . CYS A 1 136 ? -2.127  -11.186 -3.736  1.00 5.18  ? 142 CYS A SG  1 
ATOM   1072 N  N   . THR A 1 137 ? 0.252   -11.191 -6.833  1.00 2.95  ? 143 THR A N   1 
ATOM   1073 C  CA  . THR A 1 137 ? 0.150   -11.830 -8.152  1.00 2.80  ? 143 THR A CA  1 
ATOM   1074 C  C   . THR A 1 137 ? 0.369   -13.360 -8.101  1.00 2.42  ? 143 THR A C   1 
ATOM   1075 O  O   . THR A 1 137 ? 0.867   -13.906 -7.093  1.00 2.95  ? 143 THR A O   1 
ATOM   1076 C  CB  . THR A 1 137 ? 1.143   -11.191 -9.155  1.00 2.07  ? 143 THR A CB  1 
ATOM   1077 O  OG1 . THR A 1 137 ? 2.432   -11.801 -9.013  1.00 2.94  ? 143 THR A OG1 1 
ATOM   1078 C  CG2 . THR A 1 137 ? 1.207   -9.636  -9.003  1.00 3.99  ? 143 THR A CG2 1 
ATOM   1079 N  N   . HIS A 1 138 ? 0.058   -14.031 -9.208  1.00 3.02  ? 144 HIS A N   1 
ATOM   1080 C  CA  . HIS A 1 138 ? 0.292   -15.479 -9.302  1.00 3.40  ? 144 HIS A CA  1 
ATOM   1081 C  C   . HIS A 1 138 ? 1.778   -15.839 -9.597  1.00 3.92  ? 144 HIS A C   1 
ATOM   1082 O  O   . HIS A 1 138 ? 2.210   -16.997 -9.366  1.00 5.24  ? 144 HIS A O   1 
ATOM   1083 C  CB  . HIS A 1 138 ? -0.661  -16.078 -10.348 1.00 3.45  ? 144 HIS A CB  1 
ATOM   1084 C  CG  . HIS A 1 138 ? -0.522  -17.569 -10.556 1.00 3.72  ? 144 HIS A CG  1 
ATOM   1085 N  ND1 . HIS A 1 138 ? -0.580  -18.144 -11.806 1.00 9.10  ? 144 HIS A ND1 1 
ATOM   1086 C  CD2 . HIS A 1 138 ? -0.318  -18.591 -9.683  1.00 3.97  ? 144 HIS A CD2 1 
ATOM   1087 C  CE1 . HIS A 1 138 ? -0.446  -19.455 -11.697 1.00 3.65  ? 144 HIS A CE1 1 
ATOM   1088 N  NE2 . HIS A 1 138 ? -0.292  -19.755 -10.418 1.00 9.14  ? 144 HIS A NE2 1 
ATOM   1089 N  N   . GLU A 1 139 ? 2.558   -14.865 -10.088 1.00 4.40  ? 145 GLU A N   1 
ATOM   1090 C  CA  . GLU A 1 139 ? 3.950   -15.121 -10.580 1.00 5.02  ? 145 GLU A CA  1 
ATOM   1091 C  C   . GLU A 1 139 ? 5.009   -15.271 -9.502  1.00 4.46  ? 145 GLU A C   1 
ATOM   1092 O  O   . GLU A 1 139 ? 6.021   -15.962 -9.707  1.00 4.56  ? 145 GLU A O   1 
ATOM   1093 C  CB  . GLU A 1 139 ? 4.467   -13.979 -11.454 1.00 6.61  ? 145 GLU A CB  1 
ATOM   1094 C  CG  . GLU A 1 139 ? 3.623   -13.586 -12.582 1.00 8.97  ? 145 GLU A CG  1 
ATOM   1095 C  CD  . GLU A 1 139 ? 2.729   -12.422 -12.241 1.00 9.74  ? 145 GLU A CD  1 
ATOM   1096 O  OE1 . GLU A 1 139 ? 3.178   -11.241 -12.217 1.00 10.62 ? 145 GLU A OE1 1 
ATOM   1097 O  OE2 . GLU A 1 139 ? 1.544   -12.704 -12.106 1.00 11.00 ? 145 GLU A OE2 1 
ATOM   1098 N  N   . ASP A 1 140 ? 4.818   -14.561 -8.398  1.00 4.46  ? 146 ASP A N   1 
ATOM   1099 C  CA  . ASP A 1 140 ? 5.775   -14.554 -7.281  1.00 4.88  ? 146 ASP A CA  1 
ATOM   1100 C  C   . ASP A 1 140 ? 5.116   -13.911 -6.082  1.00 4.31  ? 146 ASP A C   1 
ATOM   1101 O  O   . ASP A 1 140 ? 3.934   -13.573 -6.132  1.00 3.61  ? 146 ASP A O   1 
ATOM   1102 C  CB  . ASP A 1 140 ? 7.079   -13.822 -7.672  1.00 5.73  ? 146 ASP A CB  1 
ATOM   1103 C  CG  . ASP A 1 140 ? 6.849   -12.418 -8.158  1.00 7.19  ? 146 ASP A CG  1 
ATOM   1104 O  OD1 . ASP A 1 140 ? 6.340   -11.587 -7.387  1.00 9.92  ? 146 ASP A OD1 1 
ATOM   1105 O  OD2 . ASP A 1 140 ? 7.208   -12.106 -9.313  1.00 6.95  ? 146 ASP A OD2 1 
ATOM   1106 N  N   . ALA A 1 141 ? 5.872   -13.786 -4.992  1.00 4.72  ? 147 ALA A N   1 
ATOM   1107 C  CA  . ALA A 1 141 ? 5.337   -13.336 -3.702  1.00 3.46  ? 147 ALA A CA  1 
ATOM   1108 C  C   . ALA A 1 141 ? 5.444   -11.817 -3.455  1.00 4.33  ? 147 ALA A C   1 
ATOM   1109 O  O   . ALA A 1 141 ? 5.116   -11.318 -2.370  1.00 5.21  ? 147 ALA A O   1 
ATOM   1110 C  CB  . ALA A 1 141 ? 6.047   -14.123 -2.560  1.00 4.38  ? 147 ALA A CB  1 
HETATM 1111 N  N   . MSE A 1 142 ? 5.901   -11.069 -4.452  1.00 4.81  ? 148 MSE A N   1 
HETATM 1112 C  CA  . MSE A 1 142 ? 6.060   -9.632  -4.248  1.00 6.24  ? 148 MSE A CA  1 
HETATM 1113 C  C   . MSE A 1 142 ? 4.702   -8.939  -4.187  1.00 5.22  ? 148 MSE A C   1 
HETATM 1114 O  O   . MSE A 1 142 ? 3.756   -9.330  -4.895  1.00 6.31  ? 148 MSE A O   1 
HETATM 1115 C  CB  . MSE A 1 142 ? 6.982   -9.008  -5.294  1.00 5.90  ? 148 MSE A CB  1 
HETATM 1116 C  CG  . MSE A 1 142 ? 6.963   -7.480  -5.342  1.00 9.28  ? 148 MSE A CG  1 
HETATM 1117 SE SE  . MSE A 1 142 ? 8.595   -6.787  -6.118  0.60 12.68 ? 148 MSE A SE  1 
HETATM 1118 C  CE  . MSE A 1 142 ? 9.804   -7.711  -4.855  1.00 14.90 ? 148 MSE A CE  1 
ATOM   1119 N  N   . VAL A 1 143 ? 4.628   -7.918  -3.336  1.00 4.63  ? 149 VAL A N   1 
ATOM   1120 C  CA  . VAL A 1 143 ? 3.405   -7.124  -3.183  1.00 4.51  ? 149 VAL A CA  1 
ATOM   1121 C  C   . VAL A 1 143 ? 3.692   -5.723  -3.693  1.00 4.65  ? 149 VAL A C   1 
ATOM   1122 O  O   . VAL A 1 143 ? 4.790   -5.192  -3.471  1.00 4.47  ? 149 VAL A O   1 
ATOM   1123 C  CB  . VAL A 1 143 ? 3.015   -7.093  -1.706  1.00 5.35  ? 149 VAL A CB  1 
ATOM   1124 C  CG1 . VAL A 1 143 ? 1.801   -6.196  -1.443  1.00 7.12  ? 149 VAL A CG1 1 
ATOM   1125 C  CG2 . VAL A 1 143 ? 2.784   -8.508  -1.188  1.00 6.79  ? 149 VAL A CG2 1 
ATOM   1126 N  N   . PHE A 1 144 ? 2.712   -5.151  -4.391  1.00 4.24  ? 150 PHE A N   1 
ATOM   1127 C  CA  . PHE A 1 144 ? 2.864   -3.832  -5.022  1.00 4.09  ? 150 PHE A CA  1 
ATOM   1128 C  C   . PHE A 1 144 ? 1.816   -2.894  -4.473  1.00 4.20  ? 150 PHE A C   1 
ATOM   1129 O  O   . PHE A 1 144 ? 0.629   -3.068  -4.720  1.00 4.14  ? 150 PHE A O   1 
ATOM   1130 C  CB  . PHE A 1 144 ? 2.682   -3.972  -6.536  1.00 4.59  ? 150 PHE A CB  1 
ATOM   1131 C  CG  . PHE A 1 144 ? 3.688   -4.873  -7.165  1.00 5.10  ? 150 PHE A CG  1 
ATOM   1132 C  CD1 . PHE A 1 144 ? 4.884   -4.362  -7.668  1.00 6.32  ? 150 PHE A CD1 1 
ATOM   1133 C  CD2 . PHE A 1 144 ? 3.441   -6.245  -7.253  1.00 5.40  ? 150 PHE A CD2 1 
ATOM   1134 C  CE1 . PHE A 1 144 ? 5.821   -5.221  -8.246  1.00 5.10  ? 150 PHE A CE1 1 
ATOM   1135 C  CE2 . PHE A 1 144 ? 4.373   -7.098  -7.837  1.00 7.69  ? 150 PHE A CE2 1 
ATOM   1136 C  CZ  . PHE A 1 144 ? 5.557   -6.584  -8.319  1.00 5.01  ? 150 PHE A CZ  1 
ATOM   1137 N  N   . VAL A 1 145 ? 2.272   -1.894  -3.732  1.00 3.59  ? 151 VAL A N   1 
ATOM   1138 C  CA  . VAL A 1 145 ? 1.379   -0.898  -3.124  1.00 3.99  ? 151 VAL A CA  1 
ATOM   1139 C  C   . VAL A 1 145 ? 1.464   0.401   -3.913  1.00 4.35  ? 151 VAL A C   1 
ATOM   1140 O  O   . VAL A 1 145 ? 2.568   0.830   -4.320  1.00 4.19  ? 151 VAL A O   1 
ATOM   1141 C  CB  . VAL A 1 145 ? 1.804   -0.599  -1.656  1.00 3.69  ? 151 VAL A CB  1 
ATOM   1142 C  CG1 . VAL A 1 145 ? 0.882   0.452   -0.985  1.00 5.27  ? 151 VAL A CG1 1 
ATOM   1143 C  CG2 . VAL A 1 145 ? 1.850   -1.877  -0.828  1.00 3.85  ? 151 VAL A CG2 1 
ATOM   1144 N  N   . ASP A 1 146 ? 0.300   1.012   -4.130  1.00 4.70  ? 152 ASP A N   1 
ATOM   1145 C  CA  . ASP A 1 146 ? 0.246   2.303   -4.782  1.00 5.36  ? 152 ASP A CA  1 
ATOM   1146 C  C   . ASP A 1 146 ? -0.556  3.238   -3.881  1.00 4.74  ? 152 ASP A C   1 
ATOM   1147 O  O   . ASP A 1 146 ? -1.668  2.907   -3.473  1.00 5.47  ? 152 ASP A O   1 
ATOM   1148 C  CB  . ASP A 1 146 ? -0.398  2.181   -6.162  1.00 5.71  ? 152 ASP A CB  1 
ATOM   1149 C  CG  . ASP A 1 146 ? -0.376  3.502   -6.916  1.00 8.61  ? 152 ASP A CG  1 
ATOM   1150 O  OD1 . ASP A 1 146 ? 0.620   3.755   -7.629  1.00 11.00 ? 152 ASP A OD1 1 
ATOM   1151 O  OD2 . ASP A 1 146 ? -1.327  4.304   -6.768  1.00 10.19 ? 152 ASP A OD2 1 
ATOM   1152 N  N   . TYR A 1 147 ? 0.033   4.384   -3.557  1.00 3.84  ? 153 TYR A N   1 
ATOM   1153 C  CA  . TYR A 1 147 ? -0.612  5.376   -2.705  1.00 3.61  ? 153 TYR A CA  1 
ATOM   1154 C  C   . TYR A 1 147 ? -0.770  6.625   -3.540  1.00 3.85  ? 153 TYR A C   1 
ATOM   1155 O  O   . TYR A 1 147 ? 0.216   7.123   -4.055  1.00 3.86  ? 153 TYR A O   1 
ATOM   1156 C  CB  . TYR A 1 147 ? 0.258   5.719   -1.492  1.00 4.60  ? 153 TYR A CB  1 
ATOM   1157 C  CG  . TYR A 1 147 ? -0.373  6.777   -0.615  1.00 3.24  ? 153 TYR A CG  1 
ATOM   1158 C  CD1 . TYR A 1 147 ? -1.336  6.420   0.340   1.00 5.85  ? 153 TYR A CD1 1 
ATOM   1159 C  CD2 . TYR A 1 147 ? -0.071  8.155   -0.774  1.00 2.10  ? 153 TYR A CD2 1 
ATOM   1160 C  CE1 . TYR A 1 147 ? -1.954  7.358   1.139   1.00 3.85  ? 153 TYR A CE1 1 
ATOM   1161 C  CE2 . TYR A 1 147 ? -0.719  9.111   0.032   1.00 4.01  ? 153 TYR A CE2 1 
ATOM   1162 C  CZ  . TYR A 1 147 ? -1.644  8.691   0.992   1.00 2.91  ? 153 TYR A CZ  1 
ATOM   1163 O  OH  . TYR A 1 147 ? -2.305  9.611   1.787   1.00 5.49  ? 153 TYR A OH  1 
ATOM   1164 N  N   . LYS A 1 148 ? -2.006  7.114   -3.680  1.00 3.52  ? 154 LYS A N   1 
ATOM   1165 C  CA  . LYS A 1 148 ? -2.249  8.280   -4.527  1.00 4.31  ? 154 LYS A CA  1 
ATOM   1166 C  C   . LYS A 1 148 ? -3.342  9.156   -3.930  1.00 4.65  ? 154 LYS A C   1 
ATOM   1167 O  O   . LYS A 1 148 ? -4.367  8.634   -3.446  1.00 5.46  ? 154 LYS A O   1 
ATOM   1168 C  CB  . LYS A 1 148 ? -2.588  7.874   -5.974  1.00 5.46  ? 154 LYS A CB  1 
ATOM   1169 C  CG  . LYS A 1 148 ? -2.672  9.093   -6.900  1.00 5.55  ? 154 LYS A CG  1 
ATOM   1170 C  CD  . LYS A 1 148 ? -2.681  8.698   -8.378  1.00 9.44  ? 154 LYS A CD  1 
ATOM   1171 C  CE  . LYS A 1 148 ? -2.803  9.971   -9.274  1.00 11.02 ? 154 LYS A CE  1 
ATOM   1172 N  NZ  . LYS A 1 148 ? -2.756  9.651   -10.738 1.00 18.19 ? 154 LYS A NZ  1 
ATOM   1173 N  N   . THR A 1 149 ? -3.091  10.470  -3.922  1.00 2.93  ? 155 THR A N   1 
ATOM   1174 C  CA  . THR A 1 149 ? -4.130  11.441  -3.546  1.00 2.67  ? 155 THR A CA  1 
ATOM   1175 C  C   . THR A 1 149 ? -4.353  12.500  -4.611  1.00 2.46  ? 155 THR A C   1 
ATOM   1176 O  O   . THR A 1 149 ? -3.479  12.740  -5.458  1.00 3.66  ? 155 THR A O   1 
ATOM   1177 C  CB  . THR A 1 149 ? -3.790  12.154  -2.225  1.00 2.75  ? 155 THR A CB  1 
ATOM   1178 O  OG1 . THR A 1 149 ? -2.589  12.947  -2.367  1.00 2.03  ? 155 THR A OG1 1 
ATOM   1179 C  CG2 . THR A 1 149 ? -3.599  11.124  -1.125  1.00 3.30  ? 155 THR A CG2 1 
ATOM   1180 N  N   . HIS A 1 150 ? -5.538  13.103  -4.570  1.00 2.47  ? 156 HIS A N   1 
ATOM   1181 C  CA  . HIS A 1 150 ? -5.893  14.217  -5.457  1.00 3.24  ? 156 HIS A CA  1 
ATOM   1182 C  C   . HIS A 1 150 ? -7.007  15.006  -4.801  1.00 3.85  ? 156 HIS A C   1 
ATOM   1183 O  O   . HIS A 1 150 ? -7.742  14.450  -3.985  1.00 3.34  ? 156 HIS A O   1 
ATOM   1184 C  CB  . HIS A 1 150 ? -6.335  13.709  -6.834  1.00 3.27  ? 156 HIS A CB  1 
ATOM   1185 C  CG  . HIS A 1 150 ? -7.573  12.865  -6.815  1.00 5.03  ? 156 HIS A CG  1 
ATOM   1186 N  ND1 . HIS A 1 150 ? -8.837  13.416  -6.795  1.00 7.14  ? 156 HIS A ND1 1 
ATOM   1187 C  CD2 . HIS A 1 150 ? -7.745  11.524  -6.871  1.00 5.38  ? 156 HIS A CD2 1 
ATOM   1188 C  CE1 . HIS A 1 150 ? -9.738  12.447  -6.815  1.00 7.31  ? 156 HIS A CE1 1 
ATOM   1189 N  NE2 . HIS A 1 150 ? -9.101  11.291  -6.849  1.00 6.48  ? 156 HIS A NE2 1 
ATOM   1190 N  N   . PRO A 1 151 ? -7.118  16.304  -5.131  1.00 3.96  ? 157 PRO A N   1 
ATOM   1191 C  CA  . PRO A 1 151 ? -8.196  17.152  -4.619  1.00 4.71  ? 157 PRO A CA  1 
ATOM   1192 C  C   . PRO A 1 151 ? -9.557  16.605  -4.999  1.00 5.34  ? 157 PRO A C   1 
ATOM   1193 O  O   . PRO A 1 151 ? -9.689  15.974  -6.047  1.00 5.42  ? 157 PRO A O   1 
ATOM   1194 C  CB  . PRO A 1 151 ? -7.984  18.473  -5.358  1.00 4.64  ? 157 PRO A CB  1 
ATOM   1195 C  CG  . PRO A 1 151 ? -6.525  18.478  -5.709  1.00 4.66  ? 157 PRO A CG  1 
ATOM   1196 C  CD  . PRO A 1 151 ? -6.189  17.061  -6.005  1.00 3.55  ? 157 PRO A CD  1 
ATOM   1197 N  N   . VAL A 1 152 ? -10.554 16.860  -4.160  1.00 5.42  ? 158 VAL A N   1 
ATOM   1198 C  CA  . VAL A 1 152 ? -11.953 16.594  -4.515  1.00 6.81  ? 158 VAL A CA  1 
ATOM   1199 C  C   . VAL A 1 152 ? -12.683 17.916  -4.787  1.00 7.23  ? 158 VAL A C   1 
ATOM   1200 O  O   . VAL A 1 152 ? -12.550 18.861  -4.022  1.00 8.81  ? 158 VAL A O   1 
ATOM   1201 C  CB  . VAL A 1 152 ? -12.668 15.796  -3.391  1.00 6.61  ? 158 VAL A CB  1 
ATOM   1202 C  CG1 . VAL A 1 152 ? -14.169 15.607  -3.710  1.00 5.85  ? 158 VAL A CG1 1 
ATOM   1203 C  CG2 . VAL A 1 152 ? -11.993 14.445  -3.188  1.00 9.67  ? 158 VAL A CG2 1 
ATOM   1204 N  N   . GLY A 1 153 ? -13.431 17.961  -5.895  1.00 8.43  ? 159 GLY A N   1 
ATOM   1205 C  CA  . GLY A 1 153 ? -14.306 19.080  -6.213  1.00 9.32  ? 159 GLY A CA  1 
ATOM   1206 C  C   . GLY A 1 153 ? -13.596 20.374  -6.589  1.00 9.36  ? 159 GLY A C   1 
ATOM   1207 O  O   . GLY A 1 153 ? -14.173 21.464  -6.496  1.00 8.97  ? 159 GLY A O   1 
ATOM   1208 N  N   . ALA A 1 154 ? -12.343 20.257  -7.028  1.00 8.98  ? 160 ALA A N   1 
ATOM   1209 C  CA  . ALA A 1 154 ? -11.578 21.421  -7.460  1.00 8.86  ? 160 ALA A CA  1 
ATOM   1210 C  C   . ALA A 1 154 ? -12.103 21.878  -8.820  1.00 9.06  ? 160 ALA A C   1 
ATOM   1211 O  O   . ALA A 1 154 ? -12.656 21.072  -9.587  1.00 9.17  ? 160 ALA A O   1 
ATOM   1212 C  CB  . ALA A 1 154 ? -10.081 21.103  -7.526  1.00 9.18  ? 160 ALA A CB  1 
ATOM   1213 N  N   . ASN A 1 155 ? -11.941 23.165  -9.098  1.00 8.15  ? 161 ASN A N   1 
ATOM   1214 C  CA  . ASN A 1 155 ? -12.369 23.745  -10.367 1.00 9.10  ? 161 ASN A CA  1 
ATOM   1215 C  C   . ASN A 1 155 ? -11.189 24.370  -11.097 1.00 9.36  ? 161 ASN A C   1 
ATOM   1216 O  O   . ASN A 1 155 ? -10.034 24.349  -10.615 1.00 8.72  ? 161 ASN A O   1 
ATOM   1217 C  CB  . ASN A 1 155 ? -13.437 24.816  -10.134 1.00 9.23  ? 161 ASN A CB  1 
ATOM   1218 C  CG  . ASN A 1 155 ? -14.757 24.240  -9.644  1.00 11.63 ? 161 ASN A CG  1 
ATOM   1219 O  OD1 . ASN A 1 155 ? -15.190 24.519  -8.523  1.00 11.63 ? 161 ASN A OD1 1 
ATOM   1220 N  ND2 . ASN A 1 155 ? -15.407 23.451  -10.484 1.00 13.05 ? 161 ASN A ND2 1 
ATOM   1221 O  OXT . ASN A 1 155 ? -11.416 24.923  -12.167 1.00 8.56  ? 161 ASN A OXT 1 
HETATM 1222 O  O   . HOH B 2 .   ? -8.935  -10.902 1.498   1.00 7.24  ? 162 HOH A O   1 
HETATM 1223 O  O   . HOH B 2 .   ? 2.217   -11.653 -4.973  1.00 4.44  ? 163 HOH A O   1 
HETATM 1224 O  O   . HOH B 2 .   ? -3.748  4.318   -5.574  1.00 8.89  ? 164 HOH A O   1 
HETATM 1225 O  O   . HOH B 2 .   ? 8.358   -20.426 1.387   1.00 11.19 ? 165 HOH A O   1 
HETATM 1226 O  O   . HOH B 2 .   ? -7.102  -7.791  -9.652  1.00 11.30 ? 166 HOH A O   1 
HETATM 1227 O  O   . HOH B 2 .   ? -10.010 -3.987  -5.930  1.00 8.72  ? 167 HOH A O   1 
HETATM 1228 O  O   . HOH B 2 .   ? 3.231   -10.361 7.858   1.00 8.59  ? 168 HOH A O   1 
HETATM 1229 O  O   . HOH B 2 .   ? 3.981   -10.427 -7.543  1.00 9.76  ? 169 HOH A O   1 
HETATM 1230 O  O   . HOH B 2 .   ? 8.839   -7.188  4.719   1.00 9.12  ? 170 HOH A O   1 
HETATM 1231 O  O   . HOH B 2 .   ? 11.147  -7.199  0.924   1.00 11.66 ? 171 HOH A O   1 
HETATM 1232 O  O   . HOH B 2 .   ? -6.061  -17.781 -3.213  1.00 13.39 ? 172 HOH A O   1 
HETATM 1233 O  O   . HOH B 2 .   ? -8.100  10.746  13.066  1.00 15.50 ? 173 HOH A O   1 
HETATM 1234 O  O   . HOH B 2 .   ? 11.082  -0.440  7.059   1.00 15.28 ? 174 HOH A O   1 
HETATM 1235 O  O   . HOH B 2 .   ? -6.193  -16.316 -6.810  1.00 11.18 ? 175 HOH A O   1 
HETATM 1236 O  O   . HOH B 2 .   ? 3.846   -0.488  -6.524  1.00 12.74 ? 176 HOH A O   1 
HETATM 1237 O  O   . HOH B 2 .   ? -1.876  12.248  1.771   1.00 11.30 ? 177 HOH A O   1 
HETATM 1238 O  O   . HOH B 2 .   ? -10.006 -3.761  0.236   1.00 7.90  ? 178 HOH A O   1 
HETATM 1239 O  O   . HOH B 2 .   ? 0.418   -14.819 -13.267 1.00 11.46 ? 179 HOH A O   1 
HETATM 1240 O  O   . HOH B 2 .   ? 18.958  -13.545 3.340   1.00 12.29 ? 180 HOH A O   1 
HETATM 1241 O  O   . HOH B 2 .   ? 8.335   -15.173 -4.932  1.00 10.84 ? 181 HOH A O   1 
HETATM 1242 O  O   . HOH B 2 .   ? -4.928  -14.427 -8.386  1.00 12.53 ? 182 HOH A O   1 
HETATM 1243 O  O   . HOH B 2 .   ? -7.654  19.723  -2.335  1.00 9.00  ? 183 HOH A O   1 
HETATM 1244 O  O   . HOH B 2 .   ? 6.404   -17.453 -4.883  1.00 11.17 ? 184 HOH A O   1 
HETATM 1245 O  O   . HOH B 2 .   ? 1.043   -21.929 -7.818  1.00 13.34 ? 185 HOH A O   1 
HETATM 1246 O  O   . HOH B 2 .   ? -4.759  -22.557 -1.411  1.00 13.18 ? 186 HOH A O   1 
HETATM 1247 O  O   . HOH B 2 .   ? 0.670   -11.323 8.142   1.00 9.78  ? 187 HOH A O   1 
HETATM 1248 O  O   . HOH B 2 .   ? -1.825  13.374  4.265   1.00 9.44  ? 188 HOH A O   1 
HETATM 1249 O  O   . HOH B 2 .   ? 9.028   -23.949 -4.654  1.00 18.97 ? 189 HOH A O   1 
HETATM 1250 O  O   . HOH B 2 .   ? -1.820  -4.418  -11.696 1.00 13.88 ? 190 HOH A O   1 
HETATM 1251 O  O   . HOH B 2 .   ? 2.390   -18.212 2.261   1.00 13.94 ? 191 HOH A O   1 
HETATM 1252 O  O   . HOH B 2 .   ? -3.408  -22.139 1.221   1.00 10.32 ? 192 HOH A O   1 
HETATM 1253 O  O   . HOH B 2 .   ? 6.748   9.896   -5.322  1.00 16.50 ? 193 HOH A O   1 
HETATM 1254 O  O   . HOH B 2 .   ? -8.751  -15.024 -1.042  1.00 15.17 ? 194 HOH A O   1 
HETATM 1255 O  O   . HOH B 2 .   ? -7.582  -16.258 1.289   1.00 14.77 ? 195 HOH A O   1 
HETATM 1256 O  O   . HOH B 2 .   ? -16.884 0.317   2.824   1.00 21.12 ? 196 HOH A O   1 
HETATM 1257 O  O   . HOH B 2 .   ? 1.791   -19.933 0.547   1.00 14.82 ? 197 HOH A O   1 
HETATM 1258 O  O   . HOH B 2 .   ? 1.659   19.604  -3.702  1.00 13.74 ? 198 HOH A O   1 
HETATM 1259 O  O   . HOH B 2 .   ? -10.012 8.597   -7.062  1.00 14.12 ? 199 HOH A O   1 
HETATM 1260 O  O   . HOH B 2 .   ? 1.380   -18.054 4.976   1.00 16.07 ? 200 HOH A O   1 
HETATM 1261 O  O   . HOH B 2 .   ? -9.500  20.726  7.461   1.00 21.94 ? 201 HOH A O   1 
HETATM 1262 O  O   . HOH B 2 .   ? 4.190   12.764  -4.786  1.00 14.79 ? 202 HOH A O   1 
HETATM 1263 O  O   . HOH B 2 .   ? 11.160  -17.514 10.962  1.00 21.19 ? 203 HOH A O   1 
HETATM 1264 O  O   . HOH B 2 .   ? -0.527  -1.520  -6.790  1.00 16.35 ? 204 HOH A O   1 
HETATM 1265 O  O   . HOH B 2 .   ? 2.905   17.189  -4.534  1.00 14.13 ? 205 HOH A O   1 
HETATM 1266 O  O   . HOH B 2 .   ? -3.666  14.439  6.304   1.00 12.05 ? 206 HOH A O   1 
HETATM 1267 O  O   . HOH B 2 .   ? 11.883  -19.899 7.597   1.00 15.71 ? 207 HOH A O   1 
HETATM 1268 O  O   . HOH B 2 .   ? -12.833 8.177   8.220   1.00 12.94 ? 208 HOH A O   1 
HETATM 1269 O  O   . HOH B 2 .   ? -7.368  0.068   -7.077  1.00 20.30 ? 209 HOH A O   1 
HETATM 1270 O  O   . HOH B 2 .   ? 12.915  2.205   0.393   1.00 22.02 ? 210 HOH A O   1 
HETATM 1271 O  O   . HOH B 2 .   ? -0.799  -15.860 -17.209 1.00 13.54 ? 211 HOH A O   1 
HETATM 1272 O  O   . HOH B 2 .   ? 12.654  0.808   -5.818  1.00 25.88 ? 212 HOH A O   1 
HETATM 1273 O  O   . HOH B 2 .   ? -10.482 -5.516  2.309   1.00 14.63 ? 213 HOH A O   1 
HETATM 1274 O  O   . HOH B 2 .   ? -15.133 8.424   1.638   1.00 14.19 ? 214 HOH A O   1 
HETATM 1275 O  O   . HOH B 2 .   ? 2.724   13.224  9.418   1.00 20.17 ? 215 HOH A O   1 
HETATM 1276 O  O   . HOH B 2 .   ? -8.734  4.072   12.191  1.00 18.08 ? 216 HOH A O   1 
HETATM 1277 O  O   . HOH B 2 .   ? -8.398  -16.451 -3.158  1.00 22.01 ? 217 HOH A O   1 
HETATM 1278 O  O   . HOH B 2 .   ? 5.592   -20.215 1.937   1.00 18.62 ? 218 HOH A O   1 
HETATM 1279 O  O   . HOH B 2 .   ? -13.565 0.362   -3.711  1.00 20.12 ? 219 HOH A O   1 
HETATM 1280 O  O   . HOH B 2 .   ? 6.434   -17.433 -12.628 1.00 26.13 ? 220 HOH A O   1 
HETATM 1281 O  O   . HOH B 2 .   ? 11.306  -6.788  3.612   1.00 9.85  ? 221 HOH A O   1 
HETATM 1282 O  O   . HOH B 2 .   ? 11.351  -4.124  3.340   1.00 20.54 ? 222 HOH A O   1 
HETATM 1283 O  O   . HOH B 2 .   ? -0.255  -21.360 -4.972  1.00 17.21 ? 223 HOH A O   1 
HETATM 1284 O  O   . HOH B 2 .   ? -8.270  -13.569 2.720   1.00 21.80 ? 224 HOH A O   1 
HETATM 1285 O  O   . HOH B 2 .   ? 0.325   -9.082  10.128  1.00 16.14 ? 225 HOH A O   1 
HETATM 1286 O  O   . HOH B 2 .   ? 4.905   15.294  -3.631  1.00 15.86 ? 226 HOH A O   1 
HETATM 1287 O  O   . HOH B 2 .   ? -4.825  24.851  3.008   1.00 19.96 ? 227 HOH A O   1 
HETATM 1288 O  O   . HOH B 2 .   ? 2.406   -0.352  -8.658  1.00 19.76 ? 228 HOH A O   1 
HETATM 1289 O  O   . HOH B 2 .   ? -2.333  -16.968 -18.752 1.00 22.75 ? 229 HOH A O   1 
HETATM 1290 O  O   . HOH B 2 .   ? 0.895   -13.777 9.480   1.00 19.60 ? 230 HOH A O   1 
HETATM 1291 O  O   . HOH B 2 .   ? -5.701  -12.347 -15.714 1.00 15.44 ? 231 HOH A O   1 
HETATM 1292 O  O   . HOH B 2 .   ? -4.956  -4.200  -10.362 1.00 21.47 ? 232 HOH A O   1 
HETATM 1293 O  O   . HOH B 2 .   ? -12.500 -13.299 -1.166  1.00 24.50 ? 233 HOH A O   1 
HETATM 1294 O  O   . HOH B 2 .   ? -8.773  -14.166 -15.112 1.00 18.73 ? 234 HOH A O   1 
HETATM 1295 O  O   . HOH B 2 .   ? 0.967   -2.754  14.139  1.00 34.33 ? 235 HOH A O   1 
HETATM 1296 O  O   . HOH B 2 .   ? 9.483   -2.893  5.135   1.00 16.48 ? 236 HOH A O   1 
HETATM 1297 O  O   . HOH B 2 .   ? -8.780  21.834  -3.331  1.00 18.99 ? 237 HOH A O   1 
HETATM 1298 O  O   . HOH B 2 .   ? -6.093  9.099   -5.779  1.00 19.14 ? 238 HOH A O   1 
HETATM 1299 O  O   . HOH B 2 .   ? 7.706   -3.691  -13.897 1.00 21.34 ? 239 HOH A O   1 
HETATM 1300 O  O   . HOH B 2 .   ? 18.567  -18.117 4.218   1.00 20.06 ? 240 HOH A O   1 
HETATM 1301 O  O   . HOH B 2 .   ? 11.436  8.594   2.691   1.00 20.65 ? 241 HOH A O   1 
HETATM 1302 O  O   . HOH B 2 .   ? -12.463 -13.354 -4.883  1.00 23.89 ? 242 HOH A O   1 
HETATM 1303 O  O   . HOH B 2 .   ? -6.983  -19.940 -4.605  1.00 25.29 ? 243 HOH A O   1 
HETATM 1304 O  O   . HOH B 2 .   ? 0.809   4.442   14.099  1.00 35.40 ? 244 HOH A O   1 
HETATM 1305 O  O   . HOH B 2 .   ? -9.312  -2.911  -8.255  1.00 31.71 ? 245 HOH A O   1 
HETATM 1306 O  O   . HOH B 2 .   ? -2.708  17.454  12.762  1.00 28.10 ? 246 HOH A O   1 
HETATM 1307 O  O   . HOH B 2 .   ? -10.891 17.792  -8.030  1.00 18.31 ? 247 HOH A O   1 
HETATM 1308 O  O   . HOH B 2 .   ? 3.619   -17.724 8.292   1.00 29.58 ? 248 HOH A O   1 
HETATM 1309 O  O   . HOH B 2 .   ? 20.018  -17.717 -1.700  1.00 26.24 ? 249 HOH A O   1 
HETATM 1310 O  O   . HOH B 2 .   ? 4.151   -18.818 -9.825  1.00 18.97 ? 250 HOH A O   1 
HETATM 1311 O  O   . HOH B 2 .   ? 7.119   -3.691  -11.324 1.00 25.41 ? 251 HOH A O   1 
HETATM 1312 O  O   . HOH B 2 .   ? 12.377  -22.019 2.170   1.00 20.42 ? 252 HOH A O   1 
HETATM 1313 O  O   . HOH B 2 .   ? -11.181 -8.349  1.219   1.00 24.48 ? 253 HOH A O   1 
HETATM 1314 O  O   . HOH B 2 .   ? -4.686  3.919   13.405  1.00 25.69 ? 254 HOH A O   1 
HETATM 1315 O  O   . HOH B 2 .   ? -6.977  20.378  9.516   1.00 21.40 ? 255 HOH A O   1 
HETATM 1316 O  O   . HOH B 2 .   ? -0.875  -21.644 -13.180 1.00 27.69 ? 256 HOH A O   1 
HETATM 1317 O  O   . HOH B 2 .   ? -12.925 11.622  -5.400  1.00 28.66 ? 257 HOH A O   1 
HETATM 1318 O  O   . HOH B 2 .   ? 9.713   -13.458 -10.076 1.00 22.28 ? 258 HOH A O   1 
HETATM 1319 O  O   . HOH B 2 .   ? 10.491  -2.979  -7.313  1.00 23.66 ? 259 HOH A O   1 
HETATM 1320 O  O   . HOH B 2 .   ? -8.034  18.200  -9.197  1.00 19.43 ? 260 HOH A O   1 
HETATM 1321 O  O   . HOH B 2 .   ? -11.311 21.382  -3.971  1.00 19.04 ? 261 HOH A O   1 
HETATM 1322 O  O   . HOH B 2 .   ? 20.319  -15.879 3.168   1.00 21.09 ? 262 HOH A O   1 
HETATM 1323 O  O   . HOH B 2 .   ? 5.373   -14.761 10.431  1.00 25.74 ? 263 HOH A O   1 
HETATM 1324 O  O   . HOH B 2 .   ? 4.825   14.797  9.727   1.00 22.66 ? 264 HOH A O   1 
HETATM 1325 O  O   . HOH B 2 .   ? 5.062   -18.097 -7.390  1.00 28.15 ? 265 HOH A O   1 
HETATM 1326 O  O   . HOH B 2 .   ? -12.382 -0.290  -6.617  1.00 27.44 ? 266 HOH A O   1 
HETATM 1327 O  O   . HOH B 2 .   ? -0.930  -22.953 0.170   1.00 29.02 ? 267 HOH A O   1 
HETATM 1328 O  O   . HOH B 2 .   ? -2.741  14.180  -7.643  1.00 26.15 ? 268 HOH A O   1 
HETATM 1329 O  O   . HOH B 2 .   ? -11.173 -4.894  4.810   1.00 30.98 ? 269 HOH A O   1 
HETATM 1330 O  O   . HOH B 2 .   ? -12.954 9.037   -5.797  1.00 25.14 ? 270 HOH A O   1 
HETATM 1331 O  O   . HOH B 2 .   ? -12.408 -11.154 -11.684 1.00 25.37 ? 271 HOH A O   1 
HETATM 1332 O  O   . HOH B 2 .   ? 17.327  -20.499 8.224   1.00 27.32 ? 272 HOH A O   1 
HETATM 1333 O  O   . HOH B 2 .   ? -15.960 -1.537  4.468   1.00 22.97 ? 273 HOH A O   1 
HETATM 1334 O  O   . HOH B 2 .   ? -2.863  -15.481 11.310  1.00 31.32 ? 274 HOH A O   1 
HETATM 1335 O  O   . HOH B 2 .   ? -8.129  -6.879  -12.284 1.00 31.00 ? 275 HOH A O   1 
HETATM 1336 O  O   . HOH B 2 .   ? -2.042  5.420   -9.150  1.00 23.00 ? 276 HOH A O   1 
HETATM 1337 O  O   . HOH B 2 .   ? -6.944  -19.071 -8.105  1.00 32.04 ? 277 HOH A O   1 
HETATM 1338 O  O   . HOH B 2 .   ? 3.275   -8.428  9.524   1.00 23.29 ? 278 HOH A O   1 
HETATM 1339 O  O   . HOH B 2 .   ? -2.380  4.726   12.718  1.00 25.55 ? 279 HOH A O   1 
HETATM 1340 O  O   . HOH B 2 .   ? 11.903  -4.840  -0.483  1.00 22.67 ? 280 HOH A O   1 
HETATM 1341 O  O   . HOH B 2 .   ? 18.963  -13.809 -1.630  1.00 32.44 ? 281 HOH A O   1 
HETATM 1342 O  O   . HOH B 2 .   ? 12.088  -0.749  -7.798  1.00 23.66 ? 282 HOH A O   1 
HETATM 1343 O  O   . HOH B 2 .   ? 0.800   19.741  7.788   1.00 26.70 ? 283 HOH A O   1 
HETATM 1344 O  O   . HOH B 2 .   ? -11.415 -3.496  8.697   1.00 27.21 ? 284 HOH A O   1 
HETATM 1345 O  O   . HOH B 2 .   ? 10.743  12.805  2.635   1.00 36.34 ? 285 HOH A O   1 
HETATM 1346 O  O   . HOH B 2 .   ? 13.964  4.431   1.795   1.00 30.13 ? 286 HOH A O   1 
HETATM 1347 O  O   . HOH B 2 .   ? -17.487 7.104   -1.944  1.00 27.91 ? 287 HOH A O   1 
HETATM 1348 O  O   . HOH B 2 .   ? -13.739 15.593  1.734   1.00 24.17 ? 288 HOH A O   1 
HETATM 1349 O  O   . HOH B 2 .   ? -9.780  -18.258 -5.543  1.00 27.41 ? 289 HOH A O   1 
HETATM 1350 O  O   . HOH B 2 .   ? -3.009  -1.639  9.226   1.00 24.59 ? 290 HOH A O   1 
HETATM 1351 O  O   . HOH B 2 .   ? 0.829   4.345   -11.357 1.00 34.04 ? 291 HOH A O   1 
HETATM 1352 O  O   . HOH B 2 .   ? 4.845   -11.827 10.063  1.00 22.02 ? 292 HOH A O   1 
HETATM 1353 O  O   . HOH B 2 .   ? -8.515  -17.437 -9.665  1.00 37.44 ? 293 HOH A O   1 
HETATM 1354 O  O   . HOH B 2 .   ? -3.248  -26.736 -6.662  1.00 32.72 ? 294 HOH A O   1 
HETATM 1355 O  O   . HOH B 2 .   ? 8.236   12.330  -5.386  1.00 31.31 ? 295 HOH A O   1 
HETATM 1356 O  O   . HOH B 2 .   ? -14.980 19.302  -2.517  1.00 22.39 ? 296 HOH A O   1 
HETATM 1357 O  O   . HOH B 2 .   ? -8.047  15.512  -9.113  1.00 31.00 ? 297 HOH A O   1 
HETATM 1358 O  O   . HOH B 2 .   ? -10.959 -12.604 -14.486 1.00 27.44 ? 298 HOH A O   1 
HETATM 1359 O  O   . HOH B 2 .   ? 6.778   -15.597 12.521  1.00 26.24 ? 299 HOH A O   1 
HETATM 1360 O  O   . HOH B 2 .   ? 6.444   -0.931  -9.637  1.00 29.19 ? 300 HOH A O   1 
HETATM 1361 O  O   . HOH B 2 .   ? -4.230  21.080  -8.294  1.00 25.06 ? 301 HOH A O   1 
HETATM 1362 O  O   . HOH B 2 .   ? 3.442   -21.690 0.206   1.00 36.48 ? 302 HOH A O   1 
HETATM 1363 O  O   . HOH B 2 .   ? 9.114   -22.887 1.963   1.00 27.74 ? 303 HOH A O   1 
HETATM 1364 O  O   . HOH B 2 .   ? -12.243 11.322  6.727   1.00 28.33 ? 304 HOH A O   1 
HETATM 1365 O  O   . HOH B 2 .   ? 4.551   1.576   14.455  1.00 28.23 ? 305 HOH A O   1 
HETATM 1366 O  O   . HOH B 2 .   ? -6.190  3.108   -6.467  1.00 25.55 ? 306 HOH A O   1 
HETATM 1367 O  O   . HOH B 2 .   ? -4.580  -15.277 -17.573 1.00 23.11 ? 307 HOH A O   1 
HETATM 1368 O  O   . HOH B 2 .   ? 4.454   -1.682  10.107  1.00 26.51 ? 308 HOH A O   1 
HETATM 1369 O  O   . HOH B 2 .   ? -10.099 10.956  10.945  1.00 29.68 ? 309 HOH A O   1 
HETATM 1370 O  O   . HOH B 2 .   ? -0.170  10.363  13.385  1.00 24.77 ? 310 HOH A O   1 
HETATM 1371 O  O   . HOH B 2 .   ? 7.270   14.712  -4.577  1.00 26.73 ? 311 HOH A O   1 
HETATM 1372 O  O   . HOH B 2 .   ? -16.165 -5.479  0.217   1.00 31.36 ? 312 HOH A O   1 
HETATM 1373 O  O   . HOH B 2 .   ? 11.109  -23.114 -1.194  1.00 32.82 ? 313 HOH A O   1 
HETATM 1374 O  O   . HOH B 2 .   ? 13.492  -9.888  -5.478  1.00 28.69 ? 314 HOH A O   1 
HETATM 1375 O  O   . HOH B 2 .   ? -14.650 18.146  3.285   1.00 26.48 ? 315 HOH A O   1 
HETATM 1376 O  O   . HOH B 2 .   ? 9.653   14.723  1.329   1.00 39.30 ? 316 HOH A O   1 
# 
